data_5T3Y
#
_entry.id   5T3Y
#
_entity_poly.entity_id   1
_entity_poly.type   'polypeptide(L)'
_entity_poly.pdbx_seq_one_letter_code
;MIRTILAIDDSATMRALLHATLAQAGYEVTVAADGEAGFDLAATTAYDLVLTDQNMPRKSGLELIAALRQLSAYADTPIL
VLTTEGSDAFKAAARDAGATGWIEKPIDPGVLVELVATLSEPAAN
;
_entity_poly.pdbx_strand_id   A
#
# COMPACT_ATOMS: atom_id res chain seq x y z
N MET A 1 -8.10 -14.32 3.04
CA MET A 1 -8.33 -13.64 1.77
C MET A 1 -8.44 -12.13 1.97
N ILE A 2 -8.63 -11.40 0.87
CA ILE A 2 -8.76 -9.95 0.94
C ILE A 2 -10.09 -9.54 1.55
N ARG A 3 -10.04 -8.64 2.53
CA ARG A 3 -11.23 -8.16 3.20
C ARG A 3 -11.38 -6.65 3.04
N THR A 4 -10.31 -5.92 3.30
CA THR A 4 -10.33 -4.46 3.20
C THR A 4 -9.03 -3.96 2.55
N ILE A 5 -9.14 -2.83 1.85
CA ILE A 5 -7.98 -2.23 1.19
C ILE A 5 -7.90 -0.74 1.47
N LEU A 6 -6.67 -0.24 1.59
CA LEU A 6 -6.45 1.19 1.85
C LEU A 6 -5.47 1.78 0.86
N ALA A 7 -5.77 2.99 0.39
CA ALA A 7 -4.91 3.67 -0.57
C ALA A 7 -4.68 5.12 -0.17
N ILE A 8 -3.49 5.64 -0.45
CA ILE A 8 -3.15 7.02 -0.12
C ILE A 8 -2.32 7.66 -1.23
N ASP A 9 -2.94 8.58 -1.96
CA ASP A 9 -2.25 9.27 -3.05
C ASP A 9 -2.37 10.78 -2.89
N ASP A 10 -1.61 11.52 -3.69
CA ASP A 10 -1.63 12.98 -3.65
C ASP A 10 -2.60 13.55 -4.68
N SER A 11 -2.67 12.90 -5.84
CA SER A 11 -3.55 13.34 -6.90
C SER A 11 -4.95 12.75 -6.74
N ALA A 12 -5.95 13.63 -6.67
CA ALA A 12 -7.33 13.19 -6.51
C ALA A 12 -7.71 12.15 -7.55
N THR A 13 -7.18 12.32 -8.77
CA THR A 13 -7.46 11.40 -9.86
C THR A 13 -7.04 9.98 -9.50
N MET A 14 -5.84 9.83 -8.96
CA MET A 14 -5.33 8.52 -8.57
C MET A 14 -6.15 7.94 -7.43
N ARG A 15 -6.38 8.74 -6.39
CA ARG A 15 -7.14 8.29 -5.23
C ARG A 15 -8.49 7.73 -5.67
N ALA A 16 -9.08 8.33 -6.70
CA ALA A 16 -10.37 7.87 -7.21
C ALA A 16 -10.20 6.68 -8.15
N LEU A 17 -9.20 6.76 -9.02
CA LEU A 17 -8.93 5.69 -9.97
C LEU A 17 -8.73 4.36 -9.25
N LEU A 18 -7.71 4.29 -8.41
CA LEU A 18 -7.43 3.07 -7.65
C LEU A 18 -8.63 2.65 -6.81
N HIS A 19 -9.34 3.64 -6.27
CA HIS A 19 -10.51 3.38 -5.45
C HIS A 19 -11.61 2.71 -6.28
N ALA A 20 -11.77 3.16 -7.53
CA ALA A 20 -12.78 2.61 -8.41
C ALA A 20 -12.38 1.23 -8.92
N THR A 21 -11.13 1.12 -9.36
CA THR A 21 -10.62 -0.14 -9.88
C THR A 21 -10.88 -1.29 -8.91
N LEU A 22 -10.57 -1.06 -7.64
CA LEU A 22 -10.76 -2.08 -6.61
C LEU A 22 -12.24 -2.19 -6.24
N ALA A 23 -12.93 -1.06 -6.22
CA ALA A 23 -14.35 -1.02 -5.90
C ALA A 23 -15.16 -1.90 -6.85
N GLN A 24 -14.99 -1.66 -8.15
CA GLN A 24 -15.70 -2.42 -9.17
C GLN A 24 -15.43 -3.91 -9.01
N ALA A 25 -14.22 -4.26 -8.58
CA ALA A 25 -13.84 -5.65 -8.39
C ALA A 25 -14.62 -6.27 -7.24
N GLY A 26 -15.14 -5.43 -6.35
CA GLY A 26 -15.90 -5.92 -5.21
C GLY A 26 -15.20 -5.64 -3.90
N TYR A 27 -13.87 -5.67 -3.91
CA TYR A 27 -13.08 -5.42 -2.71
C TYR A 27 -13.51 -4.12 -2.04
N GLU A 28 -13.28 -4.04 -0.73
CA GLU A 28 -13.64 -2.84 0.03
C GLU A 28 -12.43 -1.92 0.18
N VAL A 29 -12.15 -1.14 -0.86
CA VAL A 29 -11.03 -0.21 -0.84
C VAL A 29 -11.46 1.16 -0.32
N THR A 30 -10.57 1.80 0.43
CA THR A 30 -10.86 3.12 0.98
C THR A 30 -9.63 4.03 0.90
N VAL A 31 -9.87 5.31 0.69
CA VAL A 31 -8.80 6.29 0.58
C VAL A 31 -8.73 7.17 1.82
N ALA A 32 -7.53 7.63 2.16
CA ALA A 32 -7.34 8.49 3.32
C ALA A 32 -6.96 9.90 2.91
N ALA A 33 -6.78 10.78 3.90
CA ALA A 33 -6.42 12.16 3.62
C ALA A 33 -4.92 12.31 3.44
N ASP A 34 -4.15 11.53 4.21
CA ASP A 34 -2.69 11.57 4.13
C ASP A 34 -2.09 10.23 4.49
N GLY A 35 -0.88 9.97 4.00
CA GLY A 35 -0.21 8.72 4.28
C GLY A 35 -0.15 8.42 5.77
N GLU A 36 -0.06 9.47 6.58
CA GLU A 36 0.01 9.31 8.03
C GLU A 36 -1.32 8.81 8.59
N ALA A 37 -2.41 9.45 8.16
CA ALA A 37 -3.74 9.07 8.62
C ALA A 37 -4.08 7.65 8.19
N GLY A 38 -3.61 7.26 7.00
CA GLY A 38 -3.88 5.94 6.49
C GLY A 38 -3.10 4.86 7.23
N PHE A 39 -1.81 5.09 7.42
CA PHE A 39 -0.95 4.14 8.12
C PHE A 39 -1.35 4.02 9.58
N ASP A 40 -1.52 5.17 10.23
CA ASP A 40 -1.89 5.19 11.64
C ASP A 40 -3.13 4.34 11.89
N LEU A 41 -4.05 4.36 10.94
CA LEU A 41 -5.29 3.59 11.05
C LEU A 41 -5.08 2.16 10.57
N ALA A 42 -4.21 1.99 9.59
CA ALA A 42 -3.92 0.67 9.04
C ALA A 42 -3.49 -0.29 10.14
N ALA A 43 -2.95 0.25 11.22
CA ALA A 43 -2.50 -0.55 12.35
C ALA A 43 -3.65 -0.86 13.30
N THR A 44 -4.62 0.03 13.34
CA THR A 44 -5.79 -0.14 14.21
C THR A 44 -6.86 -0.99 13.53
N THR A 45 -6.90 -0.95 12.21
CA THR A 45 -7.87 -1.71 11.44
C THR A 45 -7.25 -2.96 10.84
N ALA A 46 -5.99 -2.85 10.42
CA ALA A 46 -5.27 -3.98 9.83
C ALA A 46 -5.92 -4.42 8.52
N TYR A 47 -5.70 -3.63 7.47
CA TYR A 47 -6.25 -3.93 6.16
C TYR A 47 -5.48 -5.06 5.49
N ASP A 48 -5.98 -5.49 4.33
CA ASP A 48 -5.34 -6.57 3.59
C ASP A 48 -4.29 -6.02 2.62
N LEU A 49 -4.57 -4.83 2.08
CA LEU A 49 -3.65 -4.19 1.14
C LEU A 49 -3.53 -2.71 1.42
N VAL A 50 -2.30 -2.24 1.64
CA VAL A 50 -2.05 -0.84 1.93
C VAL A 50 -1.18 -0.20 0.84
N LEU A 51 -1.50 1.04 0.48
CA LEU A 51 -0.76 1.75 -0.54
C LEU A 51 -0.44 3.18 -0.10
N THR A 52 0.84 3.43 0.17
CA THR A 52 1.29 4.75 0.60
C THR A 52 1.99 5.50 -0.51
N ASP A 53 2.10 6.81 -0.37
CA ASP A 53 2.75 7.64 -1.38
C ASP A 53 3.47 8.81 -0.73
N GLN A 54 4.68 9.10 -1.20
CA GLN A 54 5.47 10.20 -0.66
C GLN A 54 6.75 10.39 -1.46
N ASN A 55 7.58 11.34 -1.02
CA ASN A 55 8.83 11.63 -1.70
C ASN A 55 9.94 11.92 -0.70
N MET A 56 10.27 10.93 0.12
CA MET A 56 11.31 11.09 1.13
C MET A 56 10.92 12.14 2.15
N PRO A 57 9.89 11.84 2.96
CA PRO A 57 9.40 12.76 4.00
C PRO A 57 10.39 12.92 5.15
N ARG A 58 9.94 13.58 6.22
CA ARG A 58 10.78 13.79 7.38
C ARG A 58 10.01 13.51 8.67
N LYS A 59 8.76 13.95 8.71
CA LYS A 59 7.91 13.75 9.88
C LYS A 59 7.72 12.27 10.16
N SER A 60 6.81 11.95 11.07
CA SER A 60 6.53 10.56 11.44
C SER A 60 5.44 9.98 10.53
N GLY A 61 4.97 8.78 10.89
CA GLY A 61 3.94 8.13 10.11
C GLY A 61 4.44 6.84 9.48
N LEU A 62 5.16 6.97 8.37
CA LEU A 62 5.69 5.80 7.67
C LEU A 62 6.45 4.89 8.62
N GLU A 63 7.12 5.49 9.60
CA GLU A 63 7.88 4.74 10.58
C GLU A 63 7.04 3.61 11.19
N LEU A 64 5.74 3.85 11.29
CA LEU A 64 4.83 2.86 11.85
C LEU A 64 5.02 1.50 11.18
N ILE A 65 5.38 1.52 9.90
CA ILE A 65 5.60 0.30 9.14
C ILE A 65 6.53 -0.65 9.89
N ALA A 66 7.50 -0.08 10.60
CA ALA A 66 8.46 -0.88 11.37
C ALA A 66 7.75 -1.71 12.43
N ALA A 67 6.89 -1.06 13.21
CA ALA A 67 6.15 -1.74 14.26
C ALA A 67 5.25 -2.83 13.68
N LEU A 68 4.74 -2.59 12.48
CA LEU A 68 3.85 -3.54 11.82
C LEU A 68 4.65 -4.71 11.25
N ARG A 69 5.86 -4.41 10.77
CA ARG A 69 6.73 -5.43 10.19
C ARG A 69 7.20 -6.41 11.27
N GLN A 70 7.71 -5.88 12.36
CA GLN A 70 8.20 -6.71 13.46
C GLN A 70 7.11 -7.66 13.95
N LEU A 71 5.86 -7.17 13.95
CA LEU A 71 4.73 -7.98 14.39
C LEU A 71 4.41 -9.08 13.38
N SER A 72 3.80 -10.16 13.86
CA SER A 72 3.44 -11.27 13.00
C SER A 72 1.99 -11.16 12.53
N ALA A 73 1.55 -9.92 12.31
CA ALA A 73 0.19 -9.67 11.85
C ALA A 73 0.18 -8.92 10.53
N TYR A 74 1.18 -8.08 10.32
CA TYR A 74 1.29 -7.30 9.09
C TYR A 74 2.48 -7.76 8.26
N ALA A 75 3.47 -8.35 8.93
CA ALA A 75 4.66 -8.84 8.25
C ALA A 75 4.29 -9.65 7.00
N ASP A 76 3.20 -10.41 7.10
CA ASP A 76 2.74 -11.24 5.99
C ASP A 76 1.92 -10.41 5.01
N THR A 77 1.17 -9.46 5.53
CA THR A 77 0.33 -8.60 4.70
C THR A 77 1.16 -7.86 3.65
N PRO A 78 0.68 -7.87 2.40
CA PRO A 78 1.37 -7.21 1.29
C PRO A 78 1.34 -5.69 1.40
N ILE A 79 2.47 -5.06 1.17
CA ILE A 79 2.57 -3.60 1.25
C ILE A 79 3.26 -3.04 0.00
N LEU A 80 2.61 -2.06 -0.62
CA LEU A 80 3.14 -1.43 -1.82
C LEU A 80 3.31 0.08 -1.62
N VAL A 81 4.55 0.55 -1.71
CA VAL A 81 4.85 1.97 -1.53
C VAL A 81 5.12 2.64 -2.87
N LEU A 82 4.50 3.79 -3.09
CA LEU A 82 4.69 4.53 -4.34
C LEU A 82 5.95 5.40 -4.26
N THR A 83 6.56 5.64 -5.43
CA THR A 83 7.76 6.45 -5.49
C THR A 83 7.68 7.46 -6.64
N THR A 84 8.63 8.39 -6.66
CA THR A 84 8.66 9.42 -7.70
C THR A 84 10.04 9.54 -8.32
N GLU A 85 11.07 9.44 -7.48
CA GLU A 85 12.45 9.53 -7.94
C GLU A 85 12.85 8.27 -8.70
N GLY A 86 12.35 7.12 -8.26
CA GLY A 86 12.68 5.87 -8.90
C GLY A 86 14.15 5.54 -8.83
N SER A 87 14.74 5.75 -7.66
CA SER A 87 16.16 5.48 -7.46
C SER A 87 16.37 4.10 -6.83
N ASP A 88 17.60 3.61 -6.89
CA ASP A 88 17.94 2.31 -6.33
C ASP A 88 18.10 2.39 -4.82
N ALA A 89 18.67 3.50 -4.35
CA ALA A 89 18.89 3.71 -2.92
C ALA A 89 17.56 3.68 -2.16
N PHE A 90 16.52 4.22 -2.77
CA PHE A 90 15.20 4.27 -2.15
C PHE A 90 14.68 2.86 -1.88
N LYS A 91 14.97 1.94 -2.80
CA LYS A 91 14.53 0.56 -2.67
C LYS A 91 14.93 -0.01 -1.30
N ALA A 92 16.09 0.41 -0.81
CA ALA A 92 16.58 -0.06 0.48
C ALA A 92 15.71 0.48 1.62
N ALA A 93 15.24 1.72 1.47
CA ALA A 93 14.40 2.34 2.48
C ALA A 93 13.09 1.58 2.65
N ALA A 94 12.34 1.45 1.57
CA ALA A 94 11.07 0.73 1.60
C ALA A 94 11.22 -0.64 2.24
N ARG A 95 12.29 -1.34 1.86
CA ARG A 95 12.55 -2.68 2.39
C ARG A 95 12.96 -2.61 3.86
N ASP A 96 13.69 -1.56 4.22
CA ASP A 96 14.14 -1.38 5.59
C ASP A 96 12.96 -1.23 6.54
N ALA A 97 11.97 -0.44 6.13
CA ALA A 97 10.79 -0.21 6.94
C ALA A 97 10.02 -1.51 7.18
N GLY A 98 10.03 -2.39 6.18
CA GLY A 98 9.34 -3.67 6.30
C GLY A 98 8.20 -3.80 5.31
N ALA A 99 8.37 -3.21 4.13
CA ALA A 99 7.36 -3.28 3.09
C ALA A 99 7.70 -4.34 2.05
N THR A 100 6.68 -5.03 1.54
CA THR A 100 6.87 -6.07 0.55
C THR A 100 7.61 -5.53 -0.67
N GLY A 101 6.92 -4.71 -1.45
CA GLY A 101 7.53 -4.13 -2.65
C GLY A 101 7.13 -2.69 -2.87
N TRP A 102 7.63 -2.09 -3.94
CA TRP A 102 7.32 -0.70 -4.27
C TRP A 102 7.04 -0.54 -5.75
N ILE A 103 6.43 0.59 -6.12
CA ILE A 103 6.11 0.87 -7.51
C ILE A 103 6.13 2.36 -7.79
N GLU A 104 6.06 2.72 -9.06
CA GLU A 104 6.06 4.13 -9.46
C GLU A 104 4.67 4.58 -9.90
N LYS A 105 4.25 5.73 -9.39
CA LYS A 105 2.93 6.27 -9.72
C LYS A 105 3.01 7.15 -10.97
N PRO A 106 1.86 7.35 -11.63
CA PRO A 106 0.60 6.74 -11.21
C PRO A 106 0.58 5.22 -11.42
N ILE A 107 -0.50 4.58 -10.97
CA ILE A 107 -0.63 3.14 -11.11
C ILE A 107 -1.80 2.78 -12.03
N ASP A 108 -1.59 1.78 -12.87
CA ASP A 108 -2.62 1.35 -13.80
C ASP A 108 -3.56 0.34 -13.14
N PRO A 109 -4.79 0.23 -13.66
CA PRO A 109 -5.81 -0.68 -13.14
C PRO A 109 -5.47 -2.14 -13.39
N GLY A 110 -4.82 -2.40 -14.53
CA GLY A 110 -4.44 -3.76 -14.88
C GLY A 110 -3.32 -4.29 -14.01
N VAL A 111 -2.42 -3.40 -13.60
CA VAL A 111 -1.29 -3.79 -12.76
C VAL A 111 -1.72 -3.91 -11.29
N LEU A 112 -2.43 -2.89 -10.81
CA LEU A 112 -2.90 -2.88 -9.43
C LEU A 112 -3.77 -4.10 -9.13
N VAL A 113 -4.82 -4.28 -9.92
CA VAL A 113 -5.72 -5.41 -9.75
C VAL A 113 -4.96 -6.74 -9.85
N GLU A 114 -3.96 -6.78 -10.72
CA GLU A 114 -3.16 -7.98 -10.91
C GLU A 114 -2.28 -8.25 -9.70
N LEU A 115 -1.74 -7.17 -9.12
CA LEU A 115 -0.87 -7.29 -7.96
C LEU A 115 -1.64 -7.83 -6.76
N VAL A 116 -2.90 -7.43 -6.64
CA VAL A 116 -3.75 -7.87 -5.54
C VAL A 116 -4.38 -9.22 -5.84
N ALA A 117 -4.71 -9.44 -7.11
CA ALA A 117 -5.32 -10.69 -7.54
C ALA A 117 -4.51 -11.90 -7.05
N THR A 118 -3.23 -11.91 -7.37
CA THR A 118 -2.35 -13.00 -6.98
C THR A 118 -2.45 -13.26 -5.48
N LEU A 119 -2.66 -12.20 -4.71
CA LEU A 119 -2.78 -12.33 -3.26
C LEU A 119 -4.17 -12.81 -2.86
N SER A 120 -5.18 -12.37 -3.60
CA SER A 120 -6.55 -12.75 -3.33
C SER A 120 -6.76 -14.25 -3.59
N GLU A 121 -6.13 -14.74 -4.65
CA GLU A 121 -6.25 -16.16 -5.00
C GLU A 121 -5.38 -17.02 -4.10
N PRO A 122 -5.79 -18.29 -3.93
CA PRO A 122 -5.06 -19.24 -3.08
C PRO A 122 -3.72 -19.65 -3.68
N ALA A 123 -3.06 -20.60 -3.03
CA ALA A 123 -1.76 -21.07 -3.50
C ALA A 123 -1.78 -22.58 -3.76
N ALA A 124 -1.00 -23.02 -4.74
CA ALA A 124 -0.93 -24.43 -5.10
C ALA A 124 0.19 -24.69 -6.09
N ASN A 125 1.43 -24.57 -5.62
CA ASN A 125 2.60 -24.79 -6.46
C ASN A 125 2.60 -26.22 -7.00
N MET A 1 -7.93 -14.00 1.21
CA MET A 1 -9.26 -13.40 1.08
C MET A 1 -9.20 -11.91 1.37
N ILE A 2 -9.18 -11.11 0.30
CA ILE A 2 -9.13 -9.65 0.43
C ILE A 2 -10.41 -9.12 1.06
N ARG A 3 -10.31 -8.67 2.31
CA ARG A 3 -11.46 -8.14 3.03
C ARG A 3 -11.51 -6.62 2.91
N THR A 4 -10.35 -5.97 3.03
CA THR A 4 -10.27 -4.53 2.95
C THR A 4 -8.97 -4.09 2.27
N ILE A 5 -8.96 -2.87 1.75
CA ILE A 5 -7.79 -2.33 1.07
C ILE A 5 -7.59 -0.86 1.39
N LEU A 6 -6.34 -0.43 1.43
CA LEU A 6 -6.02 0.96 1.72
C LEU A 6 -5.02 1.52 0.71
N ALA A 7 -5.25 2.75 0.28
CA ALA A 7 -4.36 3.40 -0.69
C ALA A 7 -4.22 4.90 -0.38
N ILE A 8 -2.99 5.32 -0.11
CA ILE A 8 -2.71 6.71 0.19
C ILE A 8 -1.93 7.37 -0.93
N ASP A 9 -2.50 8.43 -1.50
CA ASP A 9 -1.85 9.16 -2.59
C ASP A 9 -1.93 10.67 -2.35
N ASP A 10 -1.19 11.42 -3.16
CA ASP A 10 -1.19 12.88 -3.04
C ASP A 10 -1.81 13.53 -4.29
N SER A 11 -2.92 12.97 -4.75
CA SER A 11 -3.60 13.48 -5.93
C SER A 11 -5.01 12.90 -6.03
N ALA A 12 -6.00 13.79 -6.08
CA ALA A 12 -7.40 13.36 -6.19
C ALA A 12 -7.59 12.38 -7.34
N THR A 13 -6.87 12.62 -8.44
CA THR A 13 -6.96 11.74 -9.61
C THR A 13 -6.57 10.31 -9.26
N MET A 14 -5.42 10.16 -8.61
CA MET A 14 -4.93 8.84 -8.23
C MET A 14 -5.80 8.24 -7.14
N ARG A 15 -6.07 9.02 -6.09
CA ARG A 15 -6.89 8.56 -4.98
C ARG A 15 -8.23 8.04 -5.48
N ALA A 16 -8.78 8.69 -6.50
CA ALA A 16 -10.06 8.29 -7.07
C ALA A 16 -9.89 7.13 -8.03
N LEU A 17 -8.88 7.22 -8.89
CA LEU A 17 -8.61 6.17 -9.88
C LEU A 17 -8.48 4.81 -9.19
N LEU A 18 -7.51 4.69 -8.30
CA LEU A 18 -7.27 3.44 -7.58
C LEU A 18 -8.52 3.03 -6.80
N HIS A 19 -9.07 3.97 -6.05
CA HIS A 19 -10.26 3.71 -5.25
C HIS A 19 -11.37 3.10 -6.11
N ALA A 20 -11.47 3.56 -7.35
CA ALA A 20 -12.48 3.06 -8.28
C ALA A 20 -12.10 1.68 -8.80
N THR A 21 -10.84 1.52 -9.22
CA THR A 21 -10.36 0.25 -9.74
C THR A 21 -10.69 -0.89 -8.79
N LEU A 22 -10.54 -0.65 -7.49
CA LEU A 22 -10.82 -1.66 -6.49
C LEU A 22 -12.30 -1.69 -6.14
N ALA A 23 -12.93 -0.52 -6.17
CA ALA A 23 -14.35 -0.41 -5.87
C ALA A 23 -15.19 -1.25 -6.82
N GLN A 24 -14.99 -1.04 -8.11
CA GLN A 24 -15.73 -1.78 -9.13
C GLN A 24 -15.57 -3.29 -8.93
N ALA A 25 -14.38 -3.70 -8.53
CA ALA A 25 -14.09 -5.11 -8.29
C ALA A 25 -14.89 -5.65 -7.11
N GLY A 26 -15.34 -4.74 -6.25
CA GLY A 26 -16.12 -5.14 -5.08
C GLY A 26 -15.34 -4.98 -3.79
N TYR A 27 -14.03 -5.14 -3.86
CA TYR A 27 -13.18 -5.02 -2.69
C TYR A 27 -13.45 -3.72 -1.95
N GLU A 28 -13.20 -3.71 -0.65
CA GLU A 28 -13.42 -2.53 0.17
C GLU A 28 -12.17 -1.66 0.24
N VAL A 29 -11.97 -0.86 -0.79
CA VAL A 29 -10.81 0.03 -0.86
C VAL A 29 -11.11 1.38 -0.22
N THR A 30 -10.15 1.90 0.54
CA THR A 30 -10.31 3.18 1.20
C THR A 30 -9.06 4.04 1.07
N VAL A 31 -9.25 5.34 0.91
CA VAL A 31 -8.14 6.27 0.78
C VAL A 31 -8.00 7.15 2.02
N ALA A 32 -6.75 7.38 2.44
CA ALA A 32 -6.49 8.20 3.61
C ALA A 32 -5.91 9.56 3.20
N ALA A 33 -5.56 10.36 4.20
CA ALA A 33 -5.00 11.68 3.94
C ALA A 33 -3.49 11.61 3.75
N ASP A 34 -2.84 10.72 4.48
CA ASP A 34 -1.40 10.55 4.39
C ASP A 34 -0.99 9.14 4.81
N GLY A 35 0.21 8.73 4.40
CA GLY A 35 0.70 7.41 4.75
C GLY A 35 0.63 7.13 6.24
N GLU A 36 0.80 8.19 7.03
CA GLU A 36 0.76 8.06 8.49
C GLU A 36 -0.66 7.73 8.96
N ALA A 37 -1.62 8.55 8.52
CA ALA A 37 -3.01 8.35 8.90
C ALA A 37 -3.51 6.97 8.48
N GLY A 38 -3.01 6.49 7.35
CA GLY A 38 -3.42 5.19 6.85
C GLY A 38 -2.77 4.05 7.61
N PHE A 39 -1.44 4.08 7.70
CA PHE A 39 -0.70 3.04 8.39
C PHE A 39 -1.08 2.99 9.87
N ASP A 40 -1.20 4.17 10.48
CA ASP A 40 -1.56 4.27 11.89
C ASP A 40 -2.83 3.48 12.17
N LEU A 41 -3.79 3.55 11.26
CA LEU A 41 -5.06 2.84 11.42
C LEU A 41 -4.93 1.40 10.91
N ALA A 42 -4.07 1.21 9.92
CA ALA A 42 -3.86 -0.12 9.36
C ALA A 42 -3.52 -1.14 10.44
N ALA A 43 -2.98 -0.66 11.55
CA ALA A 43 -2.61 -1.53 12.66
C ALA A 43 -3.80 -1.82 13.55
N THR A 44 -4.75 -0.88 13.59
CA THR A 44 -5.95 -1.04 14.41
C THR A 44 -7.05 -1.77 13.65
N THR A 45 -7.03 -1.62 12.32
CA THR A 45 -8.04 -2.26 11.47
C THR A 45 -7.48 -3.53 10.84
N ALA A 46 -6.19 -3.51 10.48
CA ALA A 46 -5.54 -4.66 9.87
C ALA A 46 -6.15 -4.97 8.50
N TYR A 47 -5.69 -4.26 7.48
CA TYR A 47 -6.18 -4.46 6.12
C TYR A 47 -5.44 -5.59 5.43
N ASP A 48 -5.84 -5.88 4.20
CA ASP A 48 -5.22 -6.96 3.43
C ASP A 48 -4.12 -6.40 2.53
N LEU A 49 -4.33 -5.19 2.04
CA LEU A 49 -3.35 -4.55 1.16
C LEU A 49 -3.30 -3.04 1.40
N VAL A 50 -2.12 -2.54 1.71
CA VAL A 50 -1.94 -1.12 1.97
C VAL A 50 -0.96 -0.49 0.97
N LEU A 51 -1.25 0.73 0.56
CA LEU A 51 -0.39 1.44 -0.40
C LEU A 51 -0.06 2.84 0.11
N THR A 52 1.22 3.19 0.07
CA THR A 52 1.67 4.50 0.52
C THR A 52 2.59 5.15 -0.51
N ASP A 53 2.76 6.46 -0.39
CA ASP A 53 3.61 7.21 -1.31
C ASP A 53 4.76 7.90 -0.56
N GLN A 54 4.41 8.91 0.22
CA GLN A 54 5.40 9.65 0.99
C GLN A 54 6.51 10.17 0.08
N ASN A 55 6.22 11.26 -0.63
CA ASN A 55 7.18 11.87 -1.54
C ASN A 55 8.26 12.62 -0.75
N MET A 56 7.89 13.74 -0.17
CA MET A 56 8.83 14.55 0.61
C MET A 56 9.14 13.88 1.94
N PRO A 57 10.26 14.29 2.55
CA PRO A 57 10.71 13.75 3.84
C PRO A 57 9.81 14.17 4.99
N ARG A 58 9.24 15.37 4.88
CA ARG A 58 8.36 15.90 5.91
C ARG A 58 7.27 14.89 6.26
N LYS A 59 6.80 14.16 5.26
CA LYS A 59 5.76 13.16 5.46
C LYS A 59 6.26 12.00 6.30
N SER A 60 6.13 12.13 7.62
CA SER A 60 6.58 11.10 8.54
C SER A 60 5.44 10.12 8.86
N GLY A 61 5.67 9.27 9.85
CA GLY A 61 4.66 8.30 10.24
C GLY A 61 4.91 6.93 9.63
N LEU A 62 5.45 6.91 8.42
CA LEU A 62 5.74 5.66 7.72
C LEU A 62 6.56 4.73 8.61
N GLU A 63 7.37 5.31 9.48
CA GLU A 63 8.20 4.53 10.40
C GLU A 63 7.37 3.47 11.12
N LEU A 64 6.09 3.77 11.33
CA LEU A 64 5.20 2.86 12.02
C LEU A 64 5.30 1.45 11.42
N ILE A 65 5.56 1.37 10.13
CA ILE A 65 5.69 0.09 9.44
C ILE A 65 6.66 -0.83 10.18
N ALA A 66 7.74 -0.26 10.67
CA ALA A 66 8.75 -1.03 11.41
C ALA A 66 8.12 -1.77 12.58
N ALA A 67 7.12 -1.14 13.21
CA ALA A 67 6.44 -1.74 14.35
C ALA A 67 5.62 -2.96 13.92
N LEU A 68 5.10 -2.92 12.69
CA LEU A 68 4.30 -4.02 12.17
C LEU A 68 5.20 -5.12 11.61
N ARG A 69 6.34 -4.73 11.04
CA ARG A 69 7.29 -5.68 10.47
C ARG A 69 7.65 -6.75 11.49
N GLN A 70 7.99 -6.33 12.70
CA GLN A 70 8.36 -7.26 13.76
C GLN A 70 7.20 -8.20 14.09
N LEU A 71 5.99 -7.67 14.01
CA LEU A 71 4.79 -8.46 14.30
C LEU A 71 4.54 -9.49 13.20
N SER A 72 3.96 -10.62 13.58
CA SER A 72 3.66 -11.68 12.62
C SER A 72 2.22 -11.58 12.13
N ALA A 73 1.74 -10.34 11.98
CA ALA A 73 0.38 -10.11 11.52
C ALA A 73 0.37 -9.27 10.24
N TYR A 74 1.34 -8.38 10.12
CA TYR A 74 1.45 -7.51 8.95
C TYR A 74 2.70 -7.85 8.13
N ALA A 75 3.71 -8.38 8.81
CA ALA A 75 4.96 -8.75 8.15
C ALA A 75 4.70 -9.56 6.88
N ASP A 76 3.67 -10.40 6.93
CA ASP A 76 3.30 -11.23 5.79
C ASP A 76 2.43 -10.45 4.81
N THR A 77 1.59 -9.57 5.34
CA THR A 77 0.70 -8.76 4.51
C THR A 77 1.46 -8.06 3.40
N PRO A 78 0.93 -8.13 2.18
CA PRO A 78 1.55 -7.50 1.00
C PRO A 78 1.48 -5.98 1.05
N ILE A 79 2.64 -5.34 1.06
CA ILE A 79 2.72 -3.89 1.11
C ILE A 79 3.46 -3.33 -0.11
N LEU A 80 2.87 -2.33 -0.76
CA LEU A 80 3.48 -1.72 -1.92
C LEU A 80 3.68 -0.22 -1.71
N VAL A 81 4.94 0.22 -1.77
CA VAL A 81 5.26 1.62 -1.58
C VAL A 81 5.59 2.29 -2.92
N LEU A 82 5.02 3.47 -3.13
CA LEU A 82 5.26 4.22 -4.36
C LEU A 82 6.54 5.02 -4.28
N THR A 83 7.19 5.22 -5.43
CA THR A 83 8.44 5.98 -5.48
C THR A 83 8.38 7.05 -6.57
N THR A 84 9.30 8.02 -6.48
CA THR A 84 9.35 9.11 -7.46
C THR A 84 10.68 9.09 -8.21
N GLU A 85 11.75 8.72 -7.51
CA GLU A 85 13.07 8.66 -8.13
C GLU A 85 13.32 7.31 -8.76
N GLY A 86 12.81 6.26 -8.12
CA GLY A 86 12.99 4.91 -8.64
C GLY A 86 14.44 4.46 -8.59
N SER A 87 15.17 4.93 -7.58
CA SER A 87 16.58 4.57 -7.41
C SER A 87 16.72 3.26 -6.64
N ASP A 88 17.89 2.64 -6.76
CA ASP A 88 18.15 1.39 -6.06
C ASP A 88 18.29 1.62 -4.56
N ALA A 89 18.87 2.75 -4.18
CA ALA A 89 19.05 3.08 -2.78
C ALA A 89 17.71 3.14 -2.05
N PHE A 90 16.70 3.68 -2.72
CA PHE A 90 15.37 3.80 -2.13
C PHE A 90 14.85 2.43 -1.69
N LYS A 91 15.13 1.41 -2.48
CA LYS A 91 14.70 0.06 -2.17
C LYS A 91 15.10 -0.33 -0.75
N ALA A 92 16.27 0.14 -0.32
CA ALA A 92 16.77 -0.15 1.02
C ALA A 92 15.84 0.42 2.09
N ALA A 93 15.30 1.61 1.81
CA ALA A 93 14.40 2.27 2.75
C ALA A 93 13.15 1.43 2.99
N ALA A 94 12.41 1.17 1.93
CA ALA A 94 11.18 0.36 2.03
C ALA A 94 11.45 -0.95 2.74
N ARG A 95 12.54 -1.62 2.38
CA ARG A 95 12.90 -2.89 2.99
C ARG A 95 13.20 -2.71 4.48
N ASP A 96 13.80 -1.58 4.83
CA ASP A 96 14.15 -1.29 6.21
C ASP A 96 12.89 -1.15 7.06
N ALA A 97 11.87 -0.48 6.51
CA ALA A 97 10.62 -0.28 7.22
C ALA A 97 9.88 -1.60 7.41
N GLY A 98 9.99 -2.49 6.43
CA GLY A 98 9.32 -3.77 6.51
C GLY A 98 8.24 -3.93 5.46
N ALA A 99 8.45 -3.32 4.30
CA ALA A 99 7.48 -3.39 3.20
C ALA A 99 7.85 -4.50 2.23
N THR A 100 6.84 -5.18 1.69
CA THR A 100 7.05 -6.26 0.74
C THR A 100 7.81 -5.76 -0.49
N GLY A 101 7.12 -5.02 -1.35
CA GLY A 101 7.74 -4.50 -2.55
C GLY A 101 7.41 -3.05 -2.79
N TRP A 102 7.93 -2.49 -3.88
CA TRP A 102 7.68 -1.09 -4.23
C TRP A 102 7.39 -0.95 -5.71
N ILE A 103 6.82 0.20 -6.09
CA ILE A 103 6.50 0.46 -7.48
C ILE A 103 6.57 1.96 -7.78
N GLU A 104 6.48 2.31 -9.06
CA GLU A 104 6.53 3.70 -9.48
C GLU A 104 5.14 4.20 -9.87
N LYS A 105 4.79 5.39 -9.39
CA LYS A 105 3.49 5.98 -9.69
C LYS A 105 3.59 6.95 -10.86
N PRO A 106 2.45 7.22 -11.50
CA PRO A 106 1.16 6.63 -11.13
C PRO A 106 1.09 5.14 -11.43
N ILE A 107 0.00 4.49 -11.03
CA ILE A 107 -0.18 3.07 -11.27
C ILE A 107 -1.37 2.82 -12.18
N ASP A 108 -1.31 1.74 -12.96
CA ASP A 108 -2.38 1.38 -13.87
C ASP A 108 -3.41 0.50 -13.18
N PRO A 109 -4.65 0.50 -13.69
CA PRO A 109 -5.75 -0.29 -13.14
C PRO A 109 -5.56 -1.78 -13.38
N GLY A 110 -4.96 -2.13 -14.51
CA GLY A 110 -4.74 -3.52 -14.84
C GLY A 110 -3.67 -4.16 -13.96
N VAL A 111 -2.66 -3.36 -13.60
CA VAL A 111 -1.57 -3.86 -12.77
C VAL A 111 -1.99 -3.96 -11.31
N LEU A 112 -2.60 -2.89 -10.79
CA LEU A 112 -3.06 -2.87 -9.41
C LEU A 112 -3.95 -4.07 -9.12
N VAL A 113 -5.04 -4.20 -9.87
CA VAL A 113 -5.97 -5.31 -9.69
C VAL A 113 -5.24 -6.64 -9.74
N GLU A 114 -4.24 -6.73 -10.59
CA GLU A 114 -3.46 -7.96 -10.74
C GLU A 114 -2.68 -8.26 -9.47
N LEU A 115 -2.19 -7.21 -8.81
CA LEU A 115 -1.43 -7.37 -7.58
C LEU A 115 -2.32 -7.87 -6.44
N VAL A 116 -3.57 -7.44 -6.45
CA VAL A 116 -4.52 -7.85 -5.42
C VAL A 116 -5.14 -9.20 -5.76
N ALA A 117 -5.33 -9.46 -7.04
CA ALA A 117 -5.92 -10.72 -7.49
C ALA A 117 -5.20 -11.91 -6.86
N THR A 118 -3.88 -11.96 -7.04
CA THR A 118 -3.07 -13.04 -6.49
C THR A 118 -3.35 -13.24 -5.00
N LEU A 119 -3.62 -12.14 -4.31
CA LEU A 119 -3.91 -12.19 -2.88
C LEU A 119 -5.30 -12.75 -2.62
N SER A 120 -6.27 -12.26 -3.38
CA SER A 120 -7.66 -12.70 -3.24
C SER A 120 -7.79 -14.19 -3.58
N GLU A 121 -7.02 -14.63 -4.57
CA GLU A 121 -7.05 -16.03 -4.98
C GLU A 121 -6.16 -16.89 -4.09
N PRO A 122 -6.42 -18.20 -4.09
CA PRO A 122 -5.65 -19.16 -3.30
C PRO A 122 -4.22 -19.33 -3.79
N ALA A 123 -3.52 -20.30 -3.23
CA ALA A 123 -2.14 -20.57 -3.62
C ALA A 123 -2.02 -20.75 -5.13
N ALA A 124 -0.88 -20.36 -5.68
CA ALA A 124 -0.64 -20.47 -7.11
C ALA A 124 0.78 -20.04 -7.47
N ASN A 125 1.75 -20.56 -6.74
CA ASN A 125 3.15 -20.22 -6.98
C ASN A 125 3.58 -20.64 -8.38
N MET A 1 -7.60 -14.06 2.44
CA MET A 1 -8.84 -13.49 1.91
C MET A 1 -8.84 -11.97 2.07
N ILE A 2 -8.83 -11.27 0.94
CA ILE A 2 -8.84 -9.81 0.94
C ILE A 2 -10.13 -9.27 1.54
N ARG A 3 -10.01 -8.64 2.71
CA ARG A 3 -11.17 -8.08 3.39
C ARG A 3 -11.36 -6.61 3.02
N THR A 4 -10.34 -5.79 3.29
CA THR A 4 -10.40 -4.37 2.98
C THR A 4 -9.08 -3.88 2.38
N ILE A 5 -9.11 -2.71 1.77
CA ILE A 5 -7.92 -2.13 1.15
C ILE A 5 -7.83 -0.63 1.43
N LEU A 6 -6.61 -0.13 1.53
CA LEU A 6 -6.38 1.28 1.79
C LEU A 6 -5.36 1.86 0.81
N ALA A 7 -5.73 2.99 0.20
CA ALA A 7 -4.85 3.66 -0.76
C ALA A 7 -4.71 5.14 -0.44
N ILE A 8 -3.52 5.68 -0.71
CA ILE A 8 -3.24 7.09 -0.44
C ILE A 8 -2.40 7.70 -1.55
N ASP A 9 -3.00 8.62 -2.30
CA ASP A 9 -2.30 9.28 -3.40
C ASP A 9 -2.51 10.79 -3.35
N ASP A 10 -1.79 11.52 -4.20
CA ASP A 10 -1.89 12.97 -4.24
C ASP A 10 -2.92 13.40 -5.29
N SER A 11 -2.75 12.91 -6.51
CA SER A 11 -3.65 13.25 -7.60
C SER A 11 -5.04 12.67 -7.37
N ALA A 12 -6.03 13.55 -7.31
CA ALA A 12 -7.41 13.13 -7.09
C ALA A 12 -7.82 12.03 -8.06
N THR A 13 -7.37 12.15 -9.31
CA THR A 13 -7.68 11.18 -10.34
C THR A 13 -7.20 9.78 -9.93
N MET A 14 -6.03 9.73 -9.28
CA MET A 14 -5.46 8.46 -8.85
C MET A 14 -6.30 7.85 -7.73
N ARG A 15 -6.67 8.66 -6.76
CA ARG A 15 -7.47 8.19 -5.64
C ARG A 15 -8.79 7.59 -6.12
N ALA A 16 -9.36 8.19 -7.15
CA ALA A 16 -10.62 7.70 -7.72
C ALA A 16 -10.39 6.50 -8.63
N LEU A 17 -9.40 6.62 -9.51
CA LEU A 17 -9.08 5.54 -10.44
C LEU A 17 -8.86 4.23 -9.69
N LEU A 18 -7.85 4.20 -8.83
CA LEU A 18 -7.55 3.01 -8.05
C LEU A 18 -8.76 2.55 -7.26
N HIS A 19 -9.40 3.48 -6.56
CA HIS A 19 -10.57 3.17 -5.76
C HIS A 19 -11.62 2.43 -6.59
N ALA A 20 -11.81 2.88 -7.82
CA ALA A 20 -12.78 2.26 -8.72
C ALA A 20 -12.29 0.89 -9.20
N THR A 21 -11.02 0.83 -9.60
CA THR A 21 -10.43 -0.41 -10.08
C THR A 21 -10.67 -1.56 -9.10
N LEU A 22 -10.51 -1.27 -7.81
CA LEU A 22 -10.72 -2.27 -6.77
C LEU A 22 -12.20 -2.38 -6.41
N ALA A 23 -12.89 -1.26 -6.41
CA ALA A 23 -14.31 -1.23 -6.08
C ALA A 23 -15.10 -2.13 -7.02
N GLN A 24 -14.93 -1.92 -8.33
CA GLN A 24 -15.62 -2.71 -9.33
C GLN A 24 -15.36 -4.19 -9.14
N ALA A 25 -14.16 -4.52 -8.68
CA ALA A 25 -13.78 -5.92 -8.45
C ALA A 25 -14.57 -6.50 -7.29
N GLY A 26 -15.11 -5.63 -6.44
CA GLY A 26 -15.87 -6.09 -5.29
C GLY A 26 -15.18 -5.79 -3.97
N TYR A 27 -13.86 -5.81 -3.98
CA TYR A 27 -13.08 -5.54 -2.77
C TYR A 27 -13.51 -4.21 -2.14
N GLU A 28 -13.29 -4.10 -0.84
CA GLU A 28 -13.66 -2.88 -0.10
C GLU A 28 -12.44 -1.97 0.07
N VAL A 29 -12.13 -1.21 -0.97
CA VAL A 29 -11.00 -0.29 -0.93
C VAL A 29 -11.43 1.10 -0.49
N THR A 30 -10.58 1.77 0.27
CA THR A 30 -10.87 3.11 0.76
C THR A 30 -9.66 4.03 0.61
N VAL A 31 -9.92 5.27 0.22
CA VAL A 31 -8.85 6.25 0.04
C VAL A 31 -8.69 7.13 1.28
N ALA A 32 -7.44 7.39 1.64
CA ALA A 32 -7.14 8.22 2.82
C ALA A 32 -6.80 9.65 2.40
N ALA A 33 -6.49 10.48 3.38
CA ALA A 33 -6.13 11.87 3.12
C ALA A 33 -4.63 12.03 2.92
N ASP A 34 -3.85 11.24 3.65
CA ASP A 34 -2.39 11.29 3.54
C ASP A 34 -1.77 9.97 4.01
N GLY A 35 -0.50 9.77 3.67
CA GLY A 35 0.19 8.56 4.06
C GLY A 35 0.07 8.28 5.54
N GLU A 36 0.00 9.33 6.34
CA GLU A 36 -0.11 9.19 7.79
C GLU A 36 -1.48 8.64 8.18
N ALA A 37 -2.53 9.29 7.68
CA ALA A 37 -3.90 8.88 7.97
C ALA A 37 -4.13 7.42 7.58
N GLY A 38 -3.51 7.01 6.48
CA GLY A 38 -3.66 5.65 6.01
C GLY A 38 -2.93 4.66 6.88
N PHE A 39 -1.67 4.95 7.19
CA PHE A 39 -0.86 4.08 8.03
C PHE A 39 -1.44 3.97 9.43
N ASP A 40 -2.01 5.07 9.92
CA ASP A 40 -2.60 5.10 11.25
C ASP A 40 -3.87 4.26 11.30
N LEU A 41 -4.66 4.34 10.23
CA LEU A 41 -5.91 3.59 10.14
C LEU A 41 -5.64 2.09 10.11
N ALA A 42 -4.51 1.70 9.52
CA ALA A 42 -4.14 0.30 9.43
C ALA A 42 -3.66 -0.23 10.78
N ALA A 43 -3.20 0.68 11.63
CA ALA A 43 -2.71 0.30 12.95
C ALA A 43 -3.87 0.04 13.92
N THR A 44 -5.07 0.47 13.53
CA THR A 44 -6.26 0.28 14.34
C THR A 44 -7.25 -0.65 13.67
N THR A 45 -7.23 -0.66 12.34
CA THR A 45 -8.15 -1.50 11.57
C THR A 45 -7.39 -2.64 10.88
N ALA A 46 -6.21 -2.33 10.36
CA ALA A 46 -5.39 -3.32 9.68
C ALA A 46 -6.07 -3.82 8.41
N TYR A 47 -5.67 -3.25 7.27
CA TYR A 47 -6.24 -3.63 5.99
C TYR A 47 -5.39 -4.69 5.31
N ASP A 48 -5.97 -5.37 4.32
CA ASP A 48 -5.26 -6.42 3.59
C ASP A 48 -4.18 -5.82 2.69
N LEU A 49 -4.47 -4.64 2.15
CA LEU A 49 -3.53 -3.96 1.27
C LEU A 49 -3.44 -2.47 1.60
N VAL A 50 -2.22 -1.95 1.64
CA VAL A 50 -2.00 -0.55 1.94
C VAL A 50 -1.10 0.12 0.91
N LEU A 51 -1.46 1.32 0.48
CA LEU A 51 -0.68 2.06 -0.50
C LEU A 51 -0.34 3.46 -0.01
N THR A 52 0.94 3.68 0.31
CA THR A 52 1.39 4.97 0.79
C THR A 52 2.35 5.63 -0.19
N ASP A 53 2.30 6.95 -0.28
CA ASP A 53 3.17 7.70 -1.18
C ASP A 53 4.35 8.31 -0.42
N GLN A 54 5.40 7.51 -0.26
CA GLN A 54 6.59 7.97 0.46
C GLN A 54 7.31 9.06 -0.33
N ASN A 55 7.66 10.15 0.35
CA ASN A 55 8.36 11.26 -0.29
C ASN A 55 9.76 11.43 0.30
N MET A 56 9.82 11.76 1.58
CA MET A 56 11.09 11.96 2.25
C MET A 56 11.15 11.16 3.55
N PRO A 57 12.38 10.87 4.02
CA PRO A 57 12.60 10.11 5.26
C PRO A 57 12.19 10.89 6.49
N ARG A 58 11.10 10.49 7.12
CA ARG A 58 10.60 11.15 8.32
C ARG A 58 10.19 10.13 9.37
N LYS A 59 10.42 10.47 10.64
CA LYS A 59 10.06 9.58 11.74
C LYS A 59 8.62 9.83 12.20
N SER A 60 7.66 9.53 11.31
CA SER A 60 6.25 9.72 11.63
C SER A 60 5.37 9.05 10.57
N GLY A 61 4.36 8.33 11.03
CA GLY A 61 3.45 7.64 10.12
C GLY A 61 4.09 6.43 9.48
N LEU A 62 4.89 6.66 8.44
CA LEU A 62 5.56 5.58 7.73
C LEU A 62 6.36 4.71 8.70
N GLU A 63 6.93 5.34 9.72
CA GLU A 63 7.71 4.62 10.71
C GLU A 63 6.94 3.42 11.26
N LEU A 64 5.62 3.56 11.31
CA LEU A 64 4.76 2.49 11.81
C LEU A 64 5.09 1.16 11.15
N ILE A 65 5.52 1.22 9.88
CA ILE A 65 5.88 0.02 9.14
C ILE A 65 6.82 -0.86 9.95
N ALA A 66 7.72 -0.24 10.69
CA ALA A 66 8.68 -0.98 11.51
C ALA A 66 7.98 -1.69 12.66
N ALA A 67 7.02 -1.00 13.28
CA ALA A 67 6.28 -1.56 14.40
C ALA A 67 5.36 -2.68 13.93
N LEU A 68 4.86 -2.56 12.71
CA LEU A 68 3.96 -3.56 12.14
C LEU A 68 4.74 -4.76 11.63
N ARG A 69 5.94 -4.51 11.11
CA ARG A 69 6.79 -5.57 10.59
C ARG A 69 7.09 -6.62 11.66
N GLN A 70 7.54 -6.15 12.82
CA GLN A 70 7.87 -7.05 13.92
C GLN A 70 6.66 -7.91 14.30
N LEU A 71 5.47 -7.33 14.19
CA LEU A 71 4.25 -8.04 14.51
C LEU A 71 3.93 -9.11 13.46
N SER A 72 3.27 -10.17 13.89
CA SER A 72 2.91 -11.27 12.98
C SER A 72 1.50 -11.09 12.46
N ALA A 73 1.11 -9.83 12.24
CA ALA A 73 -0.22 -9.53 11.72
C ALA A 73 -0.15 -8.73 10.43
N TYR A 74 0.90 -7.92 10.30
CA TYR A 74 1.08 -7.11 9.10
C TYR A 74 2.31 -7.57 8.32
N ALA A 75 3.25 -8.20 9.01
CA ALA A 75 4.46 -8.71 8.38
C ALA A 75 4.13 -9.47 7.09
N ASP A 76 3.02 -10.18 7.11
CA ASP A 76 2.60 -10.96 5.95
C ASP A 76 1.85 -10.09 4.95
N THR A 77 1.10 -9.12 5.45
CA THR A 77 0.34 -8.21 4.60
C THR A 77 1.24 -7.54 3.58
N PRO A 78 0.87 -7.66 2.29
CA PRO A 78 1.64 -7.07 1.19
C PRO A 78 1.55 -5.55 1.17
N ILE A 79 2.69 -4.90 1.35
CA ILE A 79 2.75 -3.44 1.35
C ILE A 79 3.29 -2.91 0.03
N LEU A 80 2.75 -1.78 -0.42
CA LEU A 80 3.19 -1.16 -1.67
C LEU A 80 3.38 0.35 -1.49
N VAL A 81 4.61 0.80 -1.68
CA VAL A 81 4.93 2.22 -1.55
C VAL A 81 5.10 2.87 -2.91
N LEU A 82 4.51 4.05 -3.08
CA LEU A 82 4.61 4.78 -4.34
C LEU A 82 5.89 5.60 -4.41
N THR A 83 6.38 5.83 -5.63
CA THR A 83 7.59 6.60 -5.82
C THR A 83 7.50 7.49 -7.06
N THR A 84 8.41 8.45 -7.17
CA THR A 84 8.42 9.36 -8.31
C THR A 84 9.48 8.94 -9.33
N GLU A 85 10.60 8.42 -8.84
CA GLU A 85 11.68 7.99 -9.71
C GLU A 85 12.17 6.59 -9.32
N GLY A 86 12.64 5.85 -10.32
CA GLY A 86 13.12 4.50 -10.06
C GLY A 86 14.57 4.48 -9.61
N SER A 87 14.87 5.23 -8.55
CA SER A 87 16.23 5.30 -8.02
C SER A 87 16.50 4.14 -7.07
N ASP A 88 17.57 3.40 -7.35
CA ASP A 88 17.95 2.26 -6.51
C ASP A 88 18.05 2.67 -5.05
N ALA A 89 18.55 3.89 -4.82
CA ALA A 89 18.69 4.40 -3.46
C ALA A 89 17.37 4.40 -2.72
N PHE A 90 16.29 4.72 -3.43
CA PHE A 90 14.96 4.75 -2.84
C PHE A 90 14.53 3.36 -2.40
N LYS A 91 14.84 2.36 -3.21
CA LYS A 91 14.47 0.98 -2.91
C LYS A 91 14.95 0.60 -1.52
N ALA A 92 16.12 1.10 -1.13
CA ALA A 92 16.68 0.82 0.19
C ALA A 92 15.78 1.36 1.30
N ALA A 93 15.17 2.50 1.04
CA ALA A 93 14.29 3.13 2.02
C ALA A 93 13.04 2.28 2.26
N ALA A 94 12.34 1.94 1.18
CA ALA A 94 11.13 1.13 1.27
C ALA A 94 11.40 -0.17 2.03
N ARG A 95 12.48 -0.85 1.64
CA ARG A 95 12.84 -2.12 2.28
C ARG A 95 13.31 -1.89 3.71
N ASP A 96 13.99 -0.77 3.95
CA ASP A 96 14.48 -0.43 5.28
C ASP A 96 13.34 -0.39 6.28
N ALA A 97 12.20 0.13 5.85
CA ALA A 97 11.02 0.23 6.71
C ALA A 97 10.38 -1.13 6.93
N GLY A 98 10.38 -1.96 5.88
CA GLY A 98 9.78 -3.28 5.98
C GLY A 98 8.63 -3.47 5.01
N ALA A 99 8.76 -2.93 3.81
CA ALA A 99 7.72 -3.04 2.80
C ALA A 99 8.02 -4.18 1.83
N THR A 100 6.97 -4.82 1.32
CA THR A 100 7.12 -5.92 0.38
C THR A 100 7.70 -5.44 -0.94
N GLY A 101 6.96 -4.55 -1.61
CA GLY A 101 7.42 -4.02 -2.88
C GLY A 101 7.04 -2.57 -3.07
N TRP A 102 7.52 -1.98 -4.16
CA TRP A 102 7.22 -0.57 -4.46
C TRP A 102 6.92 -0.39 -5.95
N ILE A 103 6.32 0.75 -6.28
CA ILE A 103 5.98 1.04 -7.67
C ILE A 103 6.01 2.55 -7.94
N GLU A 104 6.15 2.92 -9.21
CA GLU A 104 6.19 4.32 -9.59
C GLU A 104 4.87 4.76 -10.20
N LYS A 105 4.35 5.89 -9.74
CA LYS A 105 3.10 6.43 -10.23
C LYS A 105 3.28 7.09 -11.60
N PRO A 106 2.18 7.24 -12.34
CA PRO A 106 0.85 6.81 -11.89
C PRO A 106 0.71 5.30 -11.84
N ILE A 107 -0.43 4.82 -11.37
CA ILE A 107 -0.68 3.38 -11.27
C ILE A 107 -1.75 2.95 -12.26
N ASP A 108 -1.52 1.80 -12.89
CA ASP A 108 -2.47 1.27 -13.87
C ASP A 108 -3.52 0.40 -13.19
N PRO A 109 -4.69 0.28 -13.83
CA PRO A 109 -5.80 -0.51 -13.30
C PRO A 109 -5.51 -2.02 -13.35
N GLY A 110 -4.75 -2.43 -14.35
CA GLY A 110 -4.41 -3.83 -14.49
C GLY A 110 -3.38 -4.29 -13.47
N VAL A 111 -2.36 -3.47 -13.25
CA VAL A 111 -1.31 -3.79 -12.30
C VAL A 111 -1.84 -3.81 -10.87
N LEU A 112 -2.60 -2.77 -10.53
CA LEU A 112 -3.18 -2.66 -9.18
C LEU A 112 -4.01 -3.89 -8.85
N VAL A 113 -4.79 -4.35 -9.82
CA VAL A 113 -5.64 -5.53 -9.62
C VAL A 113 -4.81 -6.80 -9.64
N GLU A 114 -3.77 -6.83 -10.46
CA GLU A 114 -2.90 -7.99 -10.57
C GLU A 114 -2.18 -8.26 -9.24
N LEU A 115 -1.83 -7.18 -8.54
CA LEU A 115 -1.15 -7.31 -7.25
C LEU A 115 -2.09 -7.86 -6.19
N VAL A 116 -3.37 -7.51 -6.30
CA VAL A 116 -4.37 -7.99 -5.35
C VAL A 116 -4.84 -9.39 -5.68
N ALA A 117 -4.88 -9.70 -6.98
CA ALA A 117 -5.31 -11.00 -7.45
C ALA A 117 -4.57 -12.12 -6.71
N THR A 118 -3.25 -12.08 -6.76
CA THR A 118 -2.42 -13.08 -6.09
C THR A 118 -2.84 -13.26 -4.63
N LEU A 119 -3.25 -12.16 -4.00
CA LEU A 119 -3.67 -12.19 -2.61
C LEU A 119 -5.04 -12.85 -2.47
N SER A 120 -5.98 -12.45 -3.32
CA SER A 120 -7.33 -13.01 -3.29
C SER A 120 -7.29 -14.54 -3.33
N GLU A 121 -6.34 -15.08 -4.08
CA GLU A 121 -6.19 -16.52 -4.20
C GLU A 121 -5.04 -17.03 -3.33
N PRO A 122 -5.11 -18.32 -2.95
CA PRO A 122 -4.10 -18.96 -2.11
C PRO A 122 -2.77 -19.13 -2.84
N ALA A 123 -1.76 -19.62 -2.12
CA ALA A 123 -0.45 -19.83 -2.70
C ALA A 123 -0.07 -21.31 -2.67
N ALA A 124 0.68 -21.75 -3.67
CA ALA A 124 1.11 -23.14 -3.76
C ALA A 124 2.07 -23.35 -4.93
N ASN A 125 3.26 -22.75 -4.83
CA ASN A 125 4.26 -22.88 -5.88
C ASN A 125 4.73 -24.32 -6.02
N MET A 1 -7.44 -13.93 2.58
CA MET A 1 -8.67 -13.40 1.99
C MET A 1 -8.74 -11.88 2.14
N ILE A 2 -8.61 -11.19 1.01
CA ILE A 2 -8.66 -9.73 1.00
C ILE A 2 -9.99 -9.22 1.53
N ARG A 3 -9.99 -8.74 2.77
CA ARG A 3 -11.21 -8.23 3.39
C ARG A 3 -11.32 -6.72 3.18
N THR A 4 -10.23 -6.01 3.43
CA THR A 4 -10.20 -4.57 3.26
C THR A 4 -8.89 -4.10 2.66
N ILE A 5 -8.89 -2.89 2.09
CA ILE A 5 -7.69 -2.33 1.47
C ILE A 5 -7.59 -0.83 1.74
N LEU A 6 -6.37 -0.34 1.88
CA LEU A 6 -6.13 1.07 2.13
C LEU A 6 -5.21 1.67 1.07
N ALA A 7 -5.57 2.85 0.58
CA ALA A 7 -4.79 3.54 -0.43
C ALA A 7 -4.62 5.01 -0.10
N ILE A 8 -3.48 5.57 -0.47
CA ILE A 8 -3.19 6.97 -0.21
C ILE A 8 -2.47 7.62 -1.39
N ASP A 9 -3.12 8.57 -2.04
CA ASP A 9 -2.54 9.27 -3.17
C ASP A 9 -2.72 10.78 -3.04
N ASP A 10 -1.98 11.53 -3.86
CA ASP A 10 -2.07 12.99 -3.83
C ASP A 10 -2.77 13.52 -5.08
N SER A 11 -3.79 12.79 -5.53
CA SER A 11 -4.54 13.18 -6.71
C SER A 11 -5.93 12.57 -6.70
N ALA A 12 -6.95 13.43 -6.76
CA ALA A 12 -8.34 12.97 -6.76
C ALA A 12 -8.56 11.90 -7.82
N THR A 13 -7.89 12.05 -8.96
CA THR A 13 -8.02 11.10 -10.05
C THR A 13 -7.53 9.71 -9.64
N MET A 14 -6.30 9.65 -9.13
CA MET A 14 -5.71 8.39 -8.70
C MET A 14 -6.47 7.82 -7.50
N ARG A 15 -6.70 8.65 -6.49
CA ARG A 15 -7.42 8.22 -5.30
C ARG A 15 -8.75 7.56 -5.67
N ALA A 16 -9.38 8.08 -6.71
CA ALA A 16 -10.66 7.54 -7.16
C ALA A 16 -10.46 6.34 -8.07
N LEU A 17 -9.42 6.39 -8.90
CA LEU A 17 -9.11 5.31 -9.82
C LEU A 17 -8.81 4.02 -9.06
N LEU A 18 -7.76 4.05 -8.24
CA LEU A 18 -7.37 2.89 -7.47
C LEU A 18 -8.52 2.40 -6.60
N HIS A 19 -9.32 3.34 -6.10
CA HIS A 19 -10.47 3.00 -5.26
C HIS A 19 -11.55 2.31 -6.07
N ALA A 20 -11.75 2.78 -7.29
CA ALA A 20 -12.77 2.21 -8.18
C ALA A 20 -12.34 0.84 -8.69
N THR A 21 -11.11 0.75 -9.17
CA THR A 21 -10.58 -0.49 -9.70
C THR A 21 -10.77 -1.64 -8.70
N LEU A 22 -10.47 -1.37 -7.43
CA LEU A 22 -10.62 -2.37 -6.38
C LEU A 22 -12.08 -2.52 -5.97
N ALA A 23 -12.78 -1.39 -5.92
CA ALA A 23 -14.20 -1.40 -5.54
C ALA A 23 -15.01 -2.31 -6.46
N GLN A 24 -14.89 -2.07 -7.77
CA GLN A 24 -15.61 -2.87 -8.75
C GLN A 24 -15.31 -4.35 -8.58
N ALA A 25 -14.08 -4.67 -8.17
CA ALA A 25 -13.67 -6.04 -7.97
C ALA A 25 -14.40 -6.67 -6.79
N GLY A 26 -14.91 -5.82 -5.91
CA GLY A 26 -15.62 -6.30 -4.74
C GLY A 26 -14.90 -6.00 -3.44
N TYR A 27 -13.57 -5.98 -3.50
CA TYR A 27 -12.76 -5.70 -2.33
C TYR A 27 -13.20 -4.41 -1.65
N GLU A 28 -12.93 -4.31 -0.35
CA GLU A 28 -13.31 -3.13 0.41
C GLU A 28 -12.14 -2.16 0.53
N VAL A 29 -11.86 -1.44 -0.55
CA VAL A 29 -10.76 -0.49 -0.58
C VAL A 29 -11.24 0.89 -0.14
N THR A 30 -10.37 1.62 0.57
CA THR A 30 -10.70 2.96 1.05
C THR A 30 -9.50 3.89 0.91
N VAL A 31 -9.79 5.16 0.61
CA VAL A 31 -8.74 6.15 0.45
C VAL A 31 -8.60 7.01 1.70
N ALA A 32 -7.41 7.57 1.91
CA ALA A 32 -7.15 8.42 3.07
C ALA A 32 -6.88 9.85 2.65
N ALA A 33 -6.57 10.70 3.62
CA ALA A 33 -6.29 12.11 3.36
C ALA A 33 -4.80 12.32 3.10
N ASP A 34 -3.96 11.57 3.80
CA ASP A 34 -2.52 11.68 3.63
C ASP A 34 -1.83 10.37 3.99
N GLY A 35 -0.58 10.22 3.57
CA GLY A 35 0.17 9.01 3.86
C GLY A 35 0.17 8.67 5.33
N GLU A 36 0.14 9.70 6.18
CA GLU A 36 0.14 9.50 7.63
C GLU A 36 -1.24 9.11 8.12
N ALA A 37 -2.26 9.81 7.63
CA ALA A 37 -3.64 9.53 8.02
C ALA A 37 -4.04 8.11 7.65
N GLY A 38 -3.52 7.63 6.53
CA GLY A 38 -3.85 6.28 6.08
C GLY A 38 -3.10 5.22 6.87
N PHE A 39 -1.77 5.37 6.96
CA PHE A 39 -0.95 4.42 7.69
C PHE A 39 -1.31 4.39 9.17
N ASP A 40 -1.45 5.57 9.76
CA ASP A 40 -1.80 5.67 11.17
C ASP A 40 -3.06 4.87 11.48
N LEU A 41 -4.03 4.93 10.57
CA LEU A 41 -5.28 4.19 10.75
C LEU A 41 -5.12 2.73 10.36
N ALA A 42 -4.29 2.48 9.37
CA ALA A 42 -4.03 1.12 8.91
C ALA A 42 -3.60 0.22 10.05
N ALA A 43 -3.01 0.82 11.08
CA ALA A 43 -2.55 0.07 12.24
C ALA A 43 -3.67 -0.14 13.25
N THR A 44 -4.62 0.80 13.27
CA THR A 44 -5.76 0.71 14.18
C THR A 44 -6.86 -0.16 13.60
N THR A 45 -6.93 -0.22 12.27
CA THR A 45 -7.95 -1.01 11.59
C THR A 45 -7.37 -2.32 11.07
N ALA A 46 -6.11 -2.27 10.65
CA ALA A 46 -5.44 -3.46 10.14
C ALA A 46 -6.11 -3.96 8.85
N TYR A 47 -5.66 -3.42 7.73
CA TYR A 47 -6.20 -3.81 6.43
C TYR A 47 -5.43 -4.98 5.83
N ASP A 48 -5.91 -5.48 4.70
CA ASP A 48 -5.26 -6.60 4.03
C ASP A 48 -4.15 -6.10 3.11
N LEU A 49 -4.38 -4.96 2.48
CA LEU A 49 -3.41 -4.37 1.56
C LEU A 49 -3.30 -2.87 1.77
N VAL A 50 -2.08 -2.35 1.71
CA VAL A 50 -1.85 -0.92 1.88
C VAL A 50 -1.18 -0.32 0.65
N LEU A 51 -1.47 0.95 0.38
CA LEU A 51 -0.91 1.65 -0.76
C LEU A 51 -0.49 3.07 -0.39
N THR A 52 0.80 3.35 -0.48
CA THR A 52 1.32 4.67 -0.15
C THR A 52 2.11 5.25 -1.32
N ASP A 53 2.22 6.58 -1.34
CA ASP A 53 2.94 7.26 -2.41
C ASP A 53 3.85 8.35 -1.84
N GLN A 54 4.55 8.01 -0.76
CA GLN A 54 5.46 8.97 -0.12
C GLN A 54 6.51 8.23 0.70
N ASN A 55 7.72 8.79 0.72
CA ASN A 55 8.83 8.20 1.46
C ASN A 55 9.79 9.27 1.95
N MET A 56 9.82 9.47 3.27
CA MET A 56 10.70 10.47 3.87
C MET A 56 10.75 10.30 5.39
N PRO A 57 11.84 10.81 6.00
CA PRO A 57 12.03 10.72 7.45
C PRO A 57 11.06 11.61 8.22
N ARG A 58 10.42 11.04 9.24
CA ARG A 58 9.47 11.78 10.06
C ARG A 58 9.09 10.99 11.30
N LYS A 59 8.67 11.70 12.34
CA LYS A 59 8.28 11.06 13.59
C LYS A 59 6.95 10.33 13.43
N SER A 60 6.05 10.92 12.66
CA SER A 60 4.73 10.33 12.43
C SER A 60 4.44 10.22 10.94
N GLY A 61 3.93 9.07 10.52
CA GLY A 61 3.61 8.86 9.12
C GLY A 61 4.21 7.57 8.57
N LEU A 62 4.91 7.69 7.45
CA LEU A 62 5.54 6.52 6.82
C LEU A 62 6.38 5.75 7.83
N GLU A 63 7.02 6.48 8.74
CA GLU A 63 7.86 5.85 9.76
C GLU A 63 7.10 4.74 10.48
N LEU A 64 5.79 4.92 10.62
CA LEU A 64 4.95 3.94 11.30
C LEU A 64 5.19 2.54 10.74
N ILE A 65 5.51 2.47 9.46
CA ILE A 65 5.77 1.19 8.80
C ILE A 65 6.77 0.37 9.60
N ALA A 66 7.74 1.04 10.20
CA ALA A 66 8.77 0.37 11.00
C ALA A 66 8.15 -0.31 12.21
N ALA A 67 7.17 0.36 12.83
CA ALA A 67 6.50 -0.19 14.00
C ALA A 67 5.64 -1.40 13.64
N LEU A 68 5.05 -1.35 12.44
CA LEU A 68 4.20 -2.43 11.98
C LEU A 68 5.03 -3.60 11.46
N ARG A 69 6.17 -3.29 10.85
CA ARG A 69 7.06 -4.30 10.31
C ARG A 69 7.51 -5.27 11.40
N GLN A 70 8.03 -4.71 12.49
CA GLN A 70 8.50 -5.52 13.61
C GLN A 70 7.39 -6.43 14.12
N LEU A 71 6.16 -5.95 14.08
CA LEU A 71 5.02 -6.73 14.54
C LEU A 71 4.72 -7.88 13.58
N SER A 72 4.14 -8.95 14.11
CA SER A 72 3.81 -10.12 13.31
C SER A 72 2.36 -10.06 12.85
N ALA A 73 1.88 -8.85 12.55
CA ALA A 73 0.52 -8.66 12.09
C ALA A 73 0.49 -7.99 10.72
N TYR A 74 1.47 -7.14 10.45
CA TYR A 74 1.55 -6.43 9.18
C TYR A 74 2.75 -6.91 8.38
N ALA A 75 3.77 -7.41 9.07
CA ALA A 75 4.98 -7.90 8.43
C ALA A 75 4.64 -8.83 7.28
N ASP A 76 3.58 -9.62 7.45
CA ASP A 76 3.15 -10.56 6.41
C ASP A 76 2.35 -9.84 5.32
N THR A 77 1.57 -8.84 5.73
CA THR A 77 0.75 -8.08 4.79
C THR A 77 1.59 -7.52 3.65
N PRO A 78 1.20 -7.82 2.41
CA PRO A 78 1.91 -7.35 1.21
C PRO A 78 1.76 -5.85 1.01
N ILE A 79 2.71 -5.09 1.53
CA ILE A 79 2.69 -3.63 1.41
C ILE A 79 3.22 -3.20 0.05
N LEU A 80 2.57 -2.21 -0.55
CA LEU A 80 2.98 -1.69 -1.85
C LEU A 80 3.18 -0.18 -1.81
N VAL A 81 4.41 0.26 -2.07
CA VAL A 81 4.72 1.68 -2.07
C VAL A 81 5.08 2.18 -3.45
N LEU A 82 4.74 3.44 -3.74
CA LEU A 82 5.03 4.03 -5.04
C LEU A 82 6.36 4.78 -5.01
N THR A 83 7.01 4.85 -6.17
CA THR A 83 8.30 5.53 -6.28
C THR A 83 8.31 6.46 -7.50
N THR A 84 9.01 7.59 -7.37
CA THR A 84 9.11 8.55 -8.46
C THR A 84 10.37 8.32 -9.28
N GLU A 85 11.45 7.92 -8.60
CA GLU A 85 12.71 7.67 -9.28
C GLU A 85 12.72 6.31 -9.96
N GLY A 86 12.75 5.25 -9.14
CA GLY A 86 12.76 3.90 -9.68
C GLY A 86 14.15 3.31 -9.77
N SER A 87 14.97 3.58 -8.76
CA SER A 87 16.34 3.08 -8.73
C SER A 87 16.52 2.07 -7.60
N ASP A 88 17.63 1.35 -7.63
CA ASP A 88 17.93 0.35 -6.60
C ASP A 88 18.03 0.99 -5.23
N ALA A 89 18.72 2.13 -5.16
CA ALA A 89 18.90 2.84 -3.91
C ALA A 89 17.55 3.08 -3.22
N PHE A 90 16.54 3.45 -4.02
CA PHE A 90 15.21 3.71 -3.49
C PHE A 90 14.64 2.46 -2.82
N LYS A 91 14.84 1.32 -3.46
CA LYS A 91 14.34 0.05 -2.94
C LYS A 91 14.77 -0.15 -1.49
N ALA A 92 15.98 0.29 -1.16
CA ALA A 92 16.51 0.17 0.18
C ALA A 92 15.65 0.95 1.18
N ALA A 93 15.14 2.10 0.75
CA ALA A 93 14.29 2.92 1.60
C ALA A 93 12.99 2.20 1.96
N ALA A 94 12.22 1.85 0.94
CA ALA A 94 10.96 1.15 1.15
C ALA A 94 11.15 -0.07 2.03
N ARG A 95 12.16 -0.87 1.72
CA ARG A 95 12.45 -2.09 2.47
C ARG A 95 12.90 -1.75 3.89
N ASP A 96 13.64 -0.65 4.02
CA ASP A 96 14.14 -0.22 5.31
C ASP A 96 12.98 0.15 6.25
N ALA A 97 11.98 0.84 5.69
CA ALA A 97 10.82 1.24 6.47
C ALA A 97 10.01 0.04 6.94
N GLY A 98 9.93 -0.97 6.09
CA GLY A 98 9.19 -2.18 6.43
C GLY A 98 8.15 -2.53 5.40
N ALA A 99 8.47 -2.29 4.12
CA ALA A 99 7.56 -2.58 3.03
C ALA A 99 7.91 -3.90 2.35
N THR A 100 6.98 -4.46 1.60
CA THR A 100 7.20 -5.72 0.91
C THR A 100 7.56 -5.47 -0.55
N GLY A 101 6.69 -4.76 -1.27
CA GLY A 101 6.95 -4.47 -2.67
C GLY A 101 6.74 -3.00 -3.00
N TRP A 102 7.21 -2.59 -4.17
CA TRP A 102 7.08 -1.21 -4.61
C TRP A 102 6.75 -1.13 -6.09
N ILE A 103 6.29 0.03 -6.53
CA ILE A 103 5.94 0.24 -7.94
C ILE A 103 6.27 1.65 -8.38
N GLU A 104 6.19 1.88 -9.69
CA GLU A 104 6.49 3.21 -10.25
C GLU A 104 5.20 3.88 -10.73
N LYS A 105 4.70 4.81 -9.92
CA LYS A 105 3.47 5.54 -10.25
C LYS A 105 3.71 6.46 -11.45
N PRO A 106 2.61 6.78 -12.16
CA PRO A 106 1.27 6.29 -11.81
C PRO A 106 1.12 4.80 -12.08
N ILE A 107 0.03 4.23 -11.56
CA ILE A 107 -0.24 2.80 -11.74
C ILE A 107 -1.51 2.58 -12.56
N ASP A 108 -1.54 1.49 -13.30
CA ASP A 108 -2.70 1.16 -14.12
C ASP A 108 -3.70 0.32 -13.34
N PRO A 109 -4.96 0.34 -13.78
CA PRO A 109 -6.04 -0.41 -13.13
C PRO A 109 -5.90 -1.92 -13.32
N GLY A 110 -5.41 -2.32 -14.49
CA GLY A 110 -5.23 -3.73 -14.77
C GLY A 110 -4.05 -4.33 -14.03
N VAL A 111 -2.98 -3.56 -13.91
CA VAL A 111 -1.77 -4.02 -13.22
C VAL A 111 -2.02 -4.14 -11.72
N LEU A 112 -2.63 -3.11 -11.15
CA LEU A 112 -2.93 -3.09 -9.71
C LEU A 112 -3.73 -4.32 -9.32
N VAL A 113 -4.85 -4.53 -10.00
CA VAL A 113 -5.72 -5.67 -9.72
C VAL A 113 -4.92 -6.98 -9.74
N GLU A 114 -3.94 -7.05 -10.64
CA GLU A 114 -3.12 -8.23 -10.77
C GLU A 114 -2.20 -8.39 -9.57
N LEU A 115 -1.70 -7.27 -9.06
CA LEU A 115 -0.80 -7.28 -7.91
C LEU A 115 -1.52 -7.79 -6.66
N VAL A 116 -2.79 -7.42 -6.54
CA VAL A 116 -3.61 -7.83 -5.39
C VAL A 116 -4.20 -9.22 -5.62
N ALA A 117 -4.54 -9.51 -6.86
CA ALA A 117 -5.12 -10.81 -7.21
C ALA A 117 -4.25 -11.95 -6.69
N THR A 118 -2.97 -11.92 -7.05
CA THR A 118 -2.04 -12.96 -6.62
C THR A 118 -2.10 -13.17 -5.12
N LEU A 119 -2.35 -12.10 -4.38
CA LEU A 119 -2.43 -12.17 -2.93
C LEU A 119 -3.80 -12.67 -2.49
N SER A 120 -4.84 -12.28 -3.23
CA SER A 120 -6.20 -12.68 -2.90
C SER A 120 -6.37 -14.19 -3.09
N GLU A 121 -5.81 -14.72 -4.17
CA GLU A 121 -5.90 -16.14 -4.46
C GLU A 121 -4.60 -16.86 -4.10
N PRO A 122 -4.70 -18.17 -3.84
CA PRO A 122 -3.54 -18.99 -3.48
C PRO A 122 -2.59 -19.19 -4.66
N ALA A 123 -1.61 -20.08 -4.48
CA ALA A 123 -0.64 -20.37 -5.51
C ALA A 123 -1.33 -20.73 -6.83
N ALA A 124 -0.68 -20.40 -7.95
CA ALA A 124 -1.23 -20.69 -9.26
C ALA A 124 -0.23 -20.36 -10.36
N ASN A 125 0.99 -20.85 -10.22
CA ASN A 125 2.05 -20.61 -11.19
C ASN A 125 1.64 -21.14 -12.56
N MET A 1 -6.96 -14.39 2.64
CA MET A 1 -8.05 -13.84 1.83
C MET A 1 -8.16 -12.34 2.01
N ILE A 2 -8.26 -11.62 0.90
CA ILE A 2 -8.37 -10.16 0.92
C ILE A 2 -9.73 -9.73 1.46
N ARG A 3 -9.71 -8.83 2.43
CA ARG A 3 -10.95 -8.33 3.03
C ARG A 3 -11.09 -6.83 2.81
N THR A 4 -10.01 -6.09 3.06
CA THR A 4 -10.01 -4.64 2.89
C THR A 4 -8.73 -4.17 2.22
N ILE A 5 -8.75 -2.94 1.70
CA ILE A 5 -7.59 -2.37 1.02
C ILE A 5 -7.49 -0.88 1.31
N LEU A 6 -6.25 -0.38 1.39
CA LEU A 6 -6.00 1.03 1.65
C LEU A 6 -5.05 1.62 0.60
N ALA A 7 -5.39 2.80 0.11
CA ALA A 7 -4.57 3.48 -0.88
C ALA A 7 -4.34 4.93 -0.50
N ILE A 8 -3.16 5.45 -0.82
CA ILE A 8 -2.80 6.83 -0.51
C ILE A 8 -1.99 7.45 -1.65
N ASP A 9 -2.58 8.43 -2.32
CA ASP A 9 -1.91 9.11 -3.43
C ASP A 9 -2.32 10.58 -3.48
N ASP A 10 -1.66 11.34 -4.35
CA ASP A 10 -1.94 12.76 -4.50
C ASP A 10 -2.59 13.04 -5.85
N SER A 11 -3.89 12.75 -5.96
CA SER A 11 -4.61 12.96 -7.21
C SER A 11 -6.08 12.55 -7.05
N ALA A 12 -6.97 13.53 -7.10
CA ALA A 12 -8.40 13.28 -6.96
C ALA A 12 -8.85 12.18 -7.93
N THR A 13 -8.51 12.34 -9.20
CA THR A 13 -8.88 11.37 -10.22
C THR A 13 -8.39 9.97 -9.85
N MET A 14 -7.23 9.90 -9.22
CA MET A 14 -6.65 8.62 -8.80
C MET A 14 -7.46 8.01 -7.66
N ARG A 15 -7.73 8.82 -6.63
CA ARG A 15 -8.48 8.35 -5.48
C ARG A 15 -9.83 7.77 -5.90
N ALA A 16 -10.40 8.35 -6.95
CA ALA A 16 -11.68 7.88 -7.46
C ALA A 16 -11.52 6.68 -8.37
N LEU A 17 -10.42 6.65 -9.12
CA LEU A 17 -10.13 5.55 -10.03
C LEU A 17 -9.75 4.29 -9.26
N LEU A 18 -8.64 4.38 -8.53
CA LEU A 18 -8.16 3.24 -7.75
C LEU A 18 -9.27 2.69 -6.85
N HIS A 19 -10.11 3.59 -6.35
CA HIS A 19 -11.22 3.19 -5.47
C HIS A 19 -12.25 2.38 -6.25
N ALA A 20 -12.49 2.77 -7.50
CA ALA A 20 -13.45 2.08 -8.34
C ALA A 20 -12.89 0.76 -8.86
N THR A 21 -11.63 0.80 -9.31
CA THR A 21 -10.97 -0.38 -9.84
C THR A 21 -11.10 -1.56 -8.88
N LEU A 22 -10.91 -1.28 -7.59
CA LEU A 22 -11.00 -2.32 -6.56
C LEU A 22 -12.44 -2.53 -6.14
N ALA A 23 -13.21 -1.45 -6.11
CA ALA A 23 -14.61 -1.51 -5.72
C ALA A 23 -15.37 -2.52 -6.58
N GLN A 24 -15.29 -2.34 -7.89
CA GLN A 24 -15.98 -3.22 -8.83
C GLN A 24 -15.58 -4.68 -8.60
N ALA A 25 -14.32 -4.88 -8.20
CA ALA A 25 -13.82 -6.22 -7.94
C ALA A 25 -14.49 -6.84 -6.72
N GLY A 26 -15.04 -5.98 -5.86
CA GLY A 26 -15.70 -6.45 -4.66
C GLY A 26 -14.92 -6.11 -3.40
N TYR A 27 -13.60 -6.08 -3.52
CA TYR A 27 -12.74 -5.78 -2.37
C TYR A 27 -13.18 -4.47 -1.70
N GLU A 28 -12.88 -4.35 -0.42
CA GLU A 28 -13.24 -3.16 0.35
C GLU A 28 -12.08 -2.17 0.38
N VAL A 29 -11.88 -1.47 -0.73
CA VAL A 29 -10.80 -0.49 -0.83
C VAL A 29 -11.25 0.86 -0.27
N THR A 30 -10.31 1.56 0.38
CA THR A 30 -10.60 2.87 0.97
C THR A 30 -9.43 3.83 0.76
N VAL A 31 -9.76 5.07 0.41
CA VAL A 31 -8.74 6.09 0.18
C VAL A 31 -8.54 6.95 1.43
N ALA A 32 -7.41 7.65 1.49
CA ALA A 32 -7.11 8.51 2.62
C ALA A 32 -6.74 9.92 2.15
N ALA A 33 -6.39 10.78 3.10
CA ALA A 33 -6.01 12.14 2.78
C ALA A 33 -4.50 12.29 2.66
N ASP A 34 -3.77 11.54 3.48
CA ASP A 34 -2.30 11.58 3.46
C ASP A 34 -1.72 10.24 3.93
N GLY A 35 -0.46 10.01 3.58
CA GLY A 35 0.19 8.77 3.97
C GLY A 35 0.08 8.50 5.46
N GLU A 36 0.04 9.57 6.25
CA GLU A 36 -0.07 9.43 7.70
C GLU A 36 -1.48 9.01 8.11
N ALA A 37 -2.48 9.69 7.54
CA ALA A 37 -3.87 9.38 7.84
C ALA A 37 -4.20 7.93 7.50
N GLY A 38 -3.60 7.43 6.43
CA GLY A 38 -3.84 6.05 6.02
C GLY A 38 -3.10 5.05 6.88
N PHE A 39 -1.83 5.32 7.16
CA PHE A 39 -1.02 4.43 7.98
C PHE A 39 -1.53 4.39 9.42
N ASP A 40 -1.78 5.57 9.97
CA ASP A 40 -2.28 5.67 11.34
C ASP A 40 -3.51 4.79 11.54
N LEU A 41 -4.38 4.75 10.54
CA LEU A 41 -5.60 3.94 10.61
C LEU A 41 -5.30 2.49 10.22
N ALA A 42 -4.36 2.31 9.30
CA ALA A 42 -3.99 0.97 8.85
C ALA A 42 -3.61 0.08 10.04
N ALA A 43 -3.15 0.71 11.12
CA ALA A 43 -2.75 -0.02 12.31
C ALA A 43 -3.95 -0.32 13.21
N THR A 44 -4.97 0.53 13.13
CA THR A 44 -6.17 0.36 13.92
C THR A 44 -7.18 -0.55 13.23
N THR A 45 -7.12 -0.58 11.90
CA THR A 45 -8.01 -1.42 11.11
C THR A 45 -7.32 -2.68 10.63
N ALA A 46 -6.03 -2.54 10.28
CA ALA A 46 -5.25 -3.68 9.81
C ALA A 46 -5.78 -4.20 8.49
N TYR A 47 -5.52 -3.46 7.41
CA TYR A 47 -5.97 -3.85 6.08
C TYR A 47 -5.13 -4.99 5.51
N ASP A 48 -5.62 -5.61 4.45
CA ASP A 48 -4.89 -6.71 3.82
C ASP A 48 -3.83 -6.18 2.87
N LEU A 49 -4.11 -5.05 2.23
CA LEU A 49 -3.18 -4.45 1.29
C LEU A 49 -3.20 -2.92 1.40
N VAL A 50 -2.03 -2.33 1.63
CA VAL A 50 -1.91 -0.88 1.77
C VAL A 50 -0.93 -0.32 0.76
N LEU A 51 -1.16 0.92 0.32
CA LEU A 51 -0.30 1.57 -0.65
C LEU A 51 0.03 3.00 -0.20
N THR A 52 1.31 3.29 -0.05
CA THR A 52 1.76 4.61 0.36
C THR A 52 2.58 5.29 -0.74
N ASP A 53 2.71 6.61 -0.64
CA ASP A 53 3.47 7.37 -1.63
C ASP A 53 4.66 8.07 -0.97
N GLN A 54 4.40 8.78 0.11
CA GLN A 54 5.45 9.50 0.83
C GLN A 54 6.58 8.54 1.23
N ASN A 55 7.81 9.03 1.16
CA ASN A 55 8.97 8.23 1.52
C ASN A 55 9.68 8.82 2.74
N MET A 56 9.21 8.47 3.93
CA MET A 56 9.80 8.98 5.16
C MET A 56 9.92 10.49 5.13
N PRO A 57 8.77 11.18 5.16
CA PRO A 57 8.71 12.65 5.15
C PRO A 57 9.24 13.25 6.45
N ARG A 58 8.75 12.74 7.58
CA ARG A 58 9.16 13.23 8.88
C ARG A 58 9.40 12.08 9.86
N LYS A 59 9.76 12.42 11.08
CA LYS A 59 10.03 11.41 12.10
C LYS A 59 8.79 10.55 12.36
N SER A 60 7.62 11.17 12.28
CA SER A 60 6.37 10.47 12.51
C SER A 60 5.68 10.15 11.18
N GLY A 61 4.66 9.30 11.24
CA GLY A 61 3.93 8.92 10.03
C GLY A 61 4.47 7.65 9.43
N LEU A 62 5.15 7.77 8.29
CA LEU A 62 5.71 6.61 7.60
C LEU A 62 6.54 5.76 8.55
N GLU A 63 7.20 6.42 9.51
CA GLU A 63 8.02 5.72 10.48
C GLU A 63 7.24 4.58 11.14
N LEU A 64 5.94 4.75 11.25
CA LEU A 64 5.08 3.75 11.86
C LEU A 64 5.35 2.37 11.29
N ILE A 65 5.73 2.33 10.01
CA ILE A 65 6.02 1.07 9.34
C ILE A 65 6.97 0.21 10.17
N ALA A 66 7.88 0.86 10.88
CA ALA A 66 8.84 0.16 11.72
C ALA A 66 8.14 -0.81 12.65
N ALA A 67 7.09 -0.35 13.30
CA ALA A 67 6.32 -1.19 14.22
C ALA A 67 5.62 -2.32 13.47
N LEU A 68 5.13 -2.02 12.28
CA LEU A 68 4.43 -3.01 11.46
C LEU A 68 5.38 -4.11 11.00
N ARG A 69 6.64 -3.74 10.77
CA ARG A 69 7.65 -4.71 10.33
C ARG A 69 7.95 -5.70 11.44
N GLN A 70 8.10 -5.20 12.66
CA GLN A 70 8.40 -6.06 13.80
C GLN A 70 7.17 -6.86 14.22
N LEU A 71 6.00 -6.25 14.09
CA LEU A 71 4.76 -6.91 14.47
C LEU A 71 4.44 -8.05 13.50
N SER A 72 3.83 -9.11 14.03
CA SER A 72 3.48 -10.26 13.23
C SER A 72 2.04 -10.17 12.73
N ALA A 73 1.59 -8.95 12.44
CA ALA A 73 0.24 -8.73 11.96
C ALA A 73 0.25 -7.97 10.63
N TYR A 74 1.22 -7.09 10.47
CA TYR A 74 1.34 -6.30 9.25
C TYR A 74 2.60 -6.67 8.48
N ALA A 75 3.62 -7.14 9.20
CA ALA A 75 4.88 -7.54 8.59
C ALA A 75 4.64 -8.44 7.39
N ASP A 76 3.65 -9.32 7.50
CA ASP A 76 3.32 -10.24 6.42
C ASP A 76 2.56 -9.52 5.31
N THR A 77 1.71 -8.58 5.69
CA THR A 77 0.92 -7.82 4.74
C THR A 77 1.80 -7.22 3.64
N PRO A 78 1.45 -7.50 2.38
CA PRO A 78 2.18 -7.00 1.22
C PRO A 78 2.02 -5.49 1.03
N ILE A 79 3.01 -4.73 1.50
CA ILE A 79 2.98 -3.29 1.39
C ILE A 79 3.66 -2.82 0.11
N LEU A 80 3.04 -1.89 -0.60
CA LEU A 80 3.60 -1.35 -1.84
C LEU A 80 3.74 0.16 -1.76
N VAL A 81 4.96 0.65 -1.94
CA VAL A 81 5.22 2.08 -1.91
C VAL A 81 5.43 2.65 -3.30
N LEU A 82 4.90 3.84 -3.54
CA LEU A 82 5.02 4.49 -4.84
C LEU A 82 6.35 5.24 -4.95
N THR A 83 6.88 5.32 -6.17
CA THR A 83 8.13 6.01 -6.41
C THR A 83 8.13 6.72 -7.75
N THR A 84 9.17 7.50 -8.01
CA THR A 84 9.28 8.23 -9.28
C THR A 84 10.68 8.10 -9.86
N GLU A 85 11.69 8.15 -9.00
CA GLU A 85 13.08 8.05 -9.44
C GLU A 85 13.32 6.70 -10.13
N GLY A 86 13.40 5.65 -9.33
CA GLY A 86 13.63 4.32 -9.88
C GLY A 86 15.03 3.81 -9.60
N SER A 87 15.53 4.11 -8.41
CA SER A 87 16.88 3.69 -8.01
C SER A 87 16.81 2.72 -6.83
N ASP A 88 17.57 1.63 -6.93
CA ASP A 88 17.61 0.62 -5.88
C ASP A 88 17.93 1.26 -4.53
N ALA A 89 18.70 2.35 -4.57
CA ALA A 89 19.07 3.05 -3.34
C ALA A 89 17.85 3.63 -2.64
N PHE A 90 16.86 4.01 -3.44
CA PHE A 90 15.62 4.59 -2.89
C PHE A 90 14.77 3.52 -2.24
N LYS A 91 14.50 2.45 -2.98
CA LYS A 91 13.68 1.34 -2.49
C LYS A 91 14.33 0.70 -1.26
N ALA A 92 15.66 0.70 -1.23
CA ALA A 92 16.39 0.11 -0.12
C ALA A 92 15.89 0.66 1.21
N ALA A 93 15.51 1.94 1.22
CA ALA A 93 15.01 2.57 2.43
C ALA A 93 13.57 2.17 2.71
N ALA A 94 12.77 2.04 1.65
CA ALA A 94 11.38 1.65 1.78
C ALA A 94 11.25 0.29 2.45
N ARG A 95 12.01 -0.67 1.95
CA ARG A 95 11.97 -2.03 2.50
C ARG A 95 12.61 -2.07 3.88
N ASP A 96 13.65 -1.27 4.07
CA ASP A 96 14.35 -1.22 5.36
C ASP A 96 13.38 -0.85 6.48
N ALA A 97 12.48 0.08 6.20
CA ALA A 97 11.51 0.52 7.19
C ALA A 97 10.48 -0.58 7.48
N GLY A 98 10.14 -1.33 6.45
CA GLY A 98 9.17 -2.40 6.62
C GLY A 98 8.19 -2.48 5.47
N ALA A 99 8.67 -2.23 4.25
CA ALA A 99 7.83 -2.27 3.07
C ALA A 99 8.12 -3.51 2.22
N THR A 100 7.09 -4.31 1.98
CA THR A 100 7.24 -5.53 1.19
C THR A 100 7.93 -5.24 -0.13
N GLY A 101 7.36 -4.32 -0.90
CA GLY A 101 7.93 -3.97 -2.19
C GLY A 101 7.56 -2.56 -2.62
N TRP A 102 8.03 -2.16 -3.80
CA TRP A 102 7.74 -0.84 -4.33
C TRP A 102 7.41 -0.91 -5.82
N ILE A 103 6.83 0.17 -6.34
CA ILE A 103 6.45 0.22 -7.75
C ILE A 103 6.50 1.66 -8.26
N GLU A 104 6.38 1.82 -9.58
CA GLU A 104 6.40 3.13 -10.20
C GLU A 104 4.98 3.62 -10.51
N LYS A 105 4.61 4.74 -9.90
CA LYS A 105 3.29 5.31 -10.10
C LYS A 105 3.29 6.31 -11.25
N PRO A 106 2.10 6.59 -11.80
CA PRO A 106 0.85 5.97 -11.33
C PRO A 106 0.77 4.48 -11.67
N ILE A 107 -0.28 3.83 -11.19
CA ILE A 107 -0.47 2.41 -11.45
C ILE A 107 -1.71 2.17 -12.30
N ASP A 108 -1.64 1.20 -13.20
CA ASP A 108 -2.75 0.85 -14.06
C ASP A 108 -3.87 0.16 -13.29
N PRO A 109 -5.09 0.23 -13.82
CA PRO A 109 -6.26 -0.39 -13.18
C PRO A 109 -6.22 -1.91 -13.24
N GLY A 110 -5.73 -2.44 -14.35
CA GLY A 110 -5.63 -3.89 -14.52
C GLY A 110 -4.52 -4.49 -13.69
N VAL A 111 -3.43 -3.74 -13.53
CA VAL A 111 -2.28 -4.21 -12.77
C VAL A 111 -2.56 -4.15 -11.27
N LEU A 112 -3.03 -3.00 -10.80
CA LEU A 112 -3.35 -2.82 -9.39
C LEU A 112 -4.24 -3.94 -8.88
N VAL A 113 -5.19 -4.36 -9.71
CA VAL A 113 -6.11 -5.43 -9.34
C VAL A 113 -5.39 -6.77 -9.27
N GLU A 114 -4.39 -6.95 -10.13
CA GLU A 114 -3.62 -8.19 -10.17
C GLU A 114 -2.80 -8.34 -8.89
N LEU A 115 -2.15 -7.26 -8.46
CA LEU A 115 -1.33 -7.29 -7.26
C LEU A 115 -2.11 -7.87 -6.08
N VAL A 116 -3.37 -7.47 -5.95
CA VAL A 116 -4.23 -7.95 -4.87
C VAL A 116 -4.86 -9.30 -5.23
N ALA A 117 -5.16 -9.47 -6.51
CA ALA A 117 -5.78 -10.71 -6.99
C ALA A 117 -4.98 -11.93 -6.52
N THR A 118 -3.69 -11.94 -6.82
CA THR A 118 -2.83 -13.04 -6.44
C THR A 118 -2.96 -13.36 -4.95
N LEU A 119 -3.17 -12.32 -4.15
CA LEU A 119 -3.31 -12.47 -2.70
C LEU A 119 -4.68 -13.06 -2.36
N SER A 120 -5.72 -12.54 -3.01
CA SER A 120 -7.08 -13.01 -2.76
C SER A 120 -7.23 -14.47 -3.16
N GLU A 121 -6.80 -14.79 -4.39
CA GLU A 121 -6.88 -16.15 -4.90
C GLU A 121 -5.70 -16.99 -4.41
N PRO A 122 -5.91 -18.31 -4.33
CA PRO A 122 -4.87 -19.25 -3.88
C PRO A 122 -3.75 -19.40 -4.90
N ALA A 123 -2.85 -20.34 -4.65
CA ALA A 123 -1.73 -20.59 -5.54
C ALA A 123 -2.20 -20.79 -6.98
N ALA A 124 -1.34 -20.46 -7.93
CA ALA A 124 -1.67 -20.61 -9.34
C ALA A 124 -0.50 -20.19 -10.23
N ASN A 125 0.64 -20.83 -10.00
CA ASN A 125 1.84 -20.53 -10.79
C ASN A 125 1.65 -20.91 -12.25
N MET A 1 -8.35 -14.48 3.26
CA MET A 1 -9.06 -13.80 2.18
C MET A 1 -9.07 -12.29 2.40
N ILE A 2 -8.85 -11.54 1.32
CA ILE A 2 -8.83 -10.08 1.40
C ILE A 2 -10.12 -9.54 1.98
N ARG A 3 -10.03 -8.92 3.16
CA ARG A 3 -11.19 -8.35 3.82
C ARG A 3 -11.38 -6.88 3.46
N THR A 4 -10.27 -6.14 3.46
CA THR A 4 -10.32 -4.72 3.12
C THR A 4 -9.00 -4.26 2.52
N ILE A 5 -9.01 -3.07 1.93
CA ILE A 5 -7.81 -2.52 1.31
C ILE A 5 -7.68 -1.02 1.61
N LEU A 6 -6.46 -0.58 1.85
CA LEU A 6 -6.19 0.83 2.14
C LEU A 6 -5.21 1.42 1.13
N ALA A 7 -5.55 2.58 0.59
CA ALA A 7 -4.70 3.25 -0.38
C ALA A 7 -4.60 4.75 -0.09
N ILE A 8 -3.46 5.34 -0.43
CA ILE A 8 -3.26 6.77 -0.20
C ILE A 8 -2.49 7.40 -1.37
N ASP A 9 -2.92 8.59 -1.76
CA ASP A 9 -2.27 9.31 -2.86
C ASP A 9 -2.59 10.80 -2.79
N ASP A 10 -1.89 11.58 -3.61
CA ASP A 10 -2.09 13.03 -3.66
C ASP A 10 -3.20 13.39 -4.64
N SER A 11 -2.97 13.10 -5.91
CA SER A 11 -3.94 13.39 -6.95
C SER A 11 -5.32 12.86 -6.59
N ALA A 12 -6.22 13.76 -6.24
CA ALA A 12 -7.58 13.38 -5.86
C ALA A 12 -8.23 12.51 -6.95
N THR A 13 -8.29 13.05 -8.16
CA THR A 13 -8.89 12.34 -9.28
C THR A 13 -8.29 10.94 -9.42
N MET A 14 -7.00 10.83 -9.13
CA MET A 14 -6.30 9.54 -9.22
C MET A 14 -6.96 8.50 -8.31
N ARG A 15 -7.06 8.83 -7.03
CA ARG A 15 -7.65 7.93 -6.05
C ARG A 15 -9.03 7.47 -6.51
N ALA A 16 -9.78 8.37 -7.15
CA ALA A 16 -11.11 8.06 -7.64
C ALA A 16 -11.05 6.97 -8.71
N LEU A 17 -10.00 6.99 -9.51
CA LEU A 17 -9.84 6.00 -10.57
C LEU A 17 -9.43 4.65 -9.99
N LEU A 18 -8.37 4.64 -9.20
CA LEU A 18 -7.88 3.41 -8.58
C LEU A 18 -8.93 2.80 -7.68
N HIS A 19 -9.61 3.64 -6.91
CA HIS A 19 -10.66 3.18 -6.00
C HIS A 19 -11.71 2.37 -6.75
N ALA A 20 -12.12 2.87 -7.92
CA ALA A 20 -13.12 2.19 -8.73
C ALA A 20 -12.60 0.85 -9.23
N THR A 21 -11.30 0.78 -9.48
CA THR A 21 -10.68 -0.46 -9.96
C THR A 21 -10.92 -1.61 -8.99
N LEU A 22 -10.48 -1.43 -7.76
CA LEU A 22 -10.65 -2.45 -6.73
C LEU A 22 -12.11 -2.57 -6.31
N ALA A 23 -12.75 -1.42 -6.10
CA ALA A 23 -14.15 -1.40 -5.70
C ALA A 23 -15.02 -2.19 -6.68
N GLN A 24 -14.93 -1.85 -7.96
CA GLN A 24 -15.71 -2.53 -8.99
C GLN A 24 -15.42 -4.03 -8.98
N ALA A 25 -14.19 -4.38 -8.66
CA ALA A 25 -13.77 -5.79 -8.62
C ALA A 25 -14.47 -6.52 -7.48
N GLY A 26 -14.95 -5.77 -6.50
CA GLY A 26 -15.62 -6.37 -5.35
C GLY A 26 -14.96 -6.03 -4.04
N TYR A 27 -13.64 -5.90 -4.06
CA TYR A 27 -12.88 -5.58 -2.86
C TYR A 27 -13.32 -4.24 -2.27
N GLU A 28 -13.15 -4.09 -0.96
CA GLU A 28 -13.54 -2.86 -0.29
C GLU A 28 -12.32 -1.96 -0.07
N VAL A 29 -11.93 -1.24 -1.12
CA VAL A 29 -10.79 -0.33 -1.05
C VAL A 29 -11.19 1.02 -0.47
N THR A 30 -10.41 1.51 0.48
CA THR A 30 -10.68 2.79 1.12
C THR A 30 -9.52 3.75 0.94
N VAL A 31 -9.82 5.01 0.64
CA VAL A 31 -8.80 6.02 0.44
C VAL A 31 -8.72 6.97 1.64
N ALA A 32 -7.51 7.35 2.02
CA ALA A 32 -7.31 8.25 3.14
C ALA A 32 -7.01 9.66 2.66
N ALA A 33 -6.72 10.55 3.60
CA ALA A 33 -6.41 11.95 3.28
C ALA A 33 -4.91 12.13 3.03
N ASP A 34 -4.10 11.42 3.81
CA ASP A 34 -2.65 11.51 3.67
C ASP A 34 -1.98 10.20 4.10
N GLY A 35 -0.73 10.02 3.70
CA GLY A 35 -0.01 8.82 4.04
C GLY A 35 -0.04 8.52 5.53
N GLU A 36 -0.06 9.59 6.34
CA GLU A 36 -0.10 9.44 7.78
C GLU A 36 -1.47 8.96 8.26
N ALA A 37 -2.52 9.61 7.75
CA ALA A 37 -3.88 9.25 8.12
C ALA A 37 -4.21 7.81 7.71
N GLY A 38 -3.65 7.39 6.58
CA GLY A 38 -3.89 6.04 6.10
C GLY A 38 -3.14 4.99 6.92
N PHE A 39 -1.85 5.20 7.10
CA PHE A 39 -1.03 4.27 7.87
C PHE A 39 -1.45 4.24 9.33
N ASP A 40 -1.60 5.42 9.92
CA ASP A 40 -2.01 5.53 11.32
C ASP A 40 -3.27 4.71 11.59
N LEU A 41 -4.18 4.71 10.61
CA LEU A 41 -5.44 3.97 10.74
C LEU A 41 -5.24 2.50 10.37
N ALA A 42 -4.34 2.25 9.42
CA ALA A 42 -4.06 0.89 8.97
C ALA A 42 -3.68 -0.01 10.16
N ALA A 43 -3.17 0.61 11.21
CA ALA A 43 -2.77 -0.14 12.41
C ALA A 43 -3.96 -0.35 13.34
N THR A 44 -4.92 0.57 13.29
CA THR A 44 -6.11 0.48 14.12
C THR A 44 -7.18 -0.40 13.47
N THR A 45 -7.17 -0.45 12.14
CA THR A 45 -8.14 -1.25 11.41
C THR A 45 -7.51 -2.56 10.92
N ALA A 46 -6.24 -2.51 10.56
CA ALA A 46 -5.53 -3.69 10.09
C ALA A 46 -6.12 -4.19 8.78
N TYR A 47 -5.70 -3.59 7.67
CA TYR A 47 -6.19 -3.98 6.35
C TYR A 47 -5.38 -5.14 5.78
N ASP A 48 -5.81 -5.64 4.64
CA ASP A 48 -5.11 -6.75 3.99
C ASP A 48 -4.01 -6.23 3.07
N LEU A 49 -4.27 -5.10 2.42
CA LEU A 49 -3.29 -4.50 1.52
C LEU A 49 -3.23 -2.99 1.70
N VAL A 50 -2.02 -2.47 1.89
CA VAL A 50 -1.83 -1.03 2.08
C VAL A 50 -1.06 -0.43 0.91
N LEU A 51 -1.44 0.79 0.52
CA LEU A 51 -0.79 1.47 -0.59
C LEU A 51 -0.41 2.91 -0.19
N THR A 52 0.89 3.17 -0.10
CA THR A 52 1.38 4.49 0.26
C THR A 52 2.23 5.09 -0.85
N ASP A 53 2.38 6.41 -0.82
CA ASP A 53 3.18 7.11 -1.83
C ASP A 53 4.13 8.10 -1.17
N GLN A 54 3.63 8.82 -0.17
CA GLN A 54 4.44 9.80 0.53
C GLN A 54 5.71 9.17 1.09
N ASN A 55 6.80 9.92 1.07
CA ASN A 55 8.08 9.44 1.57
C ASN A 55 8.61 10.35 2.67
N MET A 56 8.57 9.86 3.91
CA MET A 56 9.04 10.64 5.05
C MET A 56 9.00 9.80 6.32
N PRO A 57 9.93 8.84 6.44
CA PRO A 57 10.01 7.96 7.61
C PRO A 57 10.48 8.69 8.86
N ARG A 58 11.34 9.68 8.67
CA ARG A 58 11.87 10.47 9.79
C ARG A 58 10.73 11.04 10.63
N LYS A 59 9.65 11.43 9.96
CA LYS A 59 8.49 12.00 10.64
C LYS A 59 7.43 10.94 10.89
N SER A 60 6.29 11.36 11.44
CA SER A 60 5.20 10.45 11.73
C SER A 60 4.50 10.01 10.44
N GLY A 61 3.60 9.04 10.56
CA GLY A 61 2.88 8.55 9.40
C GLY A 61 3.55 7.34 8.77
N LEU A 62 4.58 7.59 7.98
CA LEU A 62 5.30 6.51 7.31
C LEU A 62 6.11 5.69 8.31
N GLU A 63 6.62 6.36 9.33
CA GLU A 63 7.42 5.69 10.36
C GLU A 63 6.68 4.47 10.91
N LEU A 64 5.35 4.57 10.94
CA LEU A 64 4.52 3.48 11.44
C LEU A 64 4.91 2.15 10.80
N ILE A 65 5.32 2.21 9.54
CA ILE A 65 5.72 1.02 8.80
C ILE A 65 6.74 0.20 9.60
N ALA A 66 7.71 0.89 10.20
CA ALA A 66 8.74 0.24 10.99
C ALA A 66 8.12 -0.61 12.10
N ALA A 67 7.30 0.03 12.93
CA ALA A 67 6.66 -0.67 14.04
C ALA A 67 5.89 -1.89 13.54
N LEU A 68 5.15 -1.72 12.45
CA LEU A 68 4.38 -2.81 11.87
C LEU A 68 5.27 -4.00 11.55
N ARG A 69 6.50 -3.72 11.15
CA ARG A 69 7.46 -4.77 10.80
C ARG A 69 7.79 -5.62 12.03
N GLN A 70 7.85 -4.98 13.19
CA GLN A 70 8.15 -5.69 14.43
C GLN A 70 6.99 -6.59 14.85
N LEU A 71 5.78 -6.08 14.72
CA LEU A 71 4.59 -6.84 15.08
C LEU A 71 4.38 -8.01 14.12
N SER A 72 3.78 -9.08 14.63
CA SER A 72 3.52 -10.27 13.82
C SER A 72 2.10 -10.24 13.27
N ALA A 73 1.62 -9.04 12.96
CA ALA A 73 0.27 -8.88 12.41
C ALA A 73 0.30 -8.18 11.06
N TYR A 74 1.26 -7.26 10.90
CA TYR A 74 1.40 -6.51 9.66
C TYR A 74 2.69 -6.87 8.94
N ALA A 75 3.70 -7.26 9.72
CA ALA A 75 5.00 -7.64 9.16
C ALA A 75 4.82 -8.60 7.99
N ASP A 76 3.85 -9.50 8.11
CA ASP A 76 3.59 -10.48 7.06
C ASP A 76 2.72 -9.88 5.96
N THR A 77 1.82 -8.98 6.35
CA THR A 77 0.93 -8.33 5.39
C THR A 77 1.70 -7.72 4.23
N PRO A 78 1.22 -7.96 3.01
CA PRO A 78 1.86 -7.45 1.80
C PRO A 78 1.72 -5.94 1.66
N ILE A 79 2.84 -5.24 1.75
CA ILE A 79 2.83 -3.78 1.65
C ILE A 79 3.35 -3.33 0.28
N LEU A 80 2.73 -2.30 -0.27
CA LEU A 80 3.13 -1.78 -1.57
C LEU A 80 3.29 -0.25 -1.52
N VAL A 81 4.51 0.22 -1.72
CA VAL A 81 4.79 1.64 -1.70
C VAL A 81 5.08 2.17 -3.10
N LEU A 82 4.74 3.43 -3.34
CA LEU A 82 4.96 4.04 -4.64
C LEU A 82 6.24 4.88 -4.64
N THR A 83 6.87 5.00 -5.80
CA THR A 83 8.11 5.76 -5.93
C THR A 83 8.02 6.73 -7.11
N THR A 84 8.79 7.82 -7.02
CA THR A 84 8.81 8.83 -8.08
C THR A 84 9.99 8.63 -9.01
N GLU A 85 11.13 8.22 -8.43
CA GLU A 85 12.34 7.99 -9.22
C GLU A 85 12.33 6.62 -9.86
N GLY A 86 12.54 5.59 -9.03
CA GLY A 86 12.54 4.22 -9.53
C GLY A 86 13.94 3.65 -9.62
N SER A 87 14.79 4.01 -8.66
CA SER A 87 16.17 3.53 -8.64
C SER A 87 16.34 2.44 -7.59
N ASP A 88 17.30 1.56 -7.82
CA ASP A 88 17.57 0.47 -6.89
C ASP A 88 17.82 0.99 -5.48
N ALA A 89 18.54 2.11 -5.39
CA ALA A 89 18.86 2.73 -4.11
C ALA A 89 17.59 2.99 -3.31
N PHE A 90 16.58 3.56 -3.96
CA PHE A 90 15.31 3.87 -3.31
C PHE A 90 14.75 2.64 -2.59
N LYS A 91 14.90 1.48 -3.24
CA LYS A 91 14.40 0.23 -2.66
C LYS A 91 14.94 0.03 -1.25
N ALA A 92 16.19 0.45 -1.03
CA ALA A 92 16.81 0.31 0.28
C ALA A 92 15.96 0.98 1.36
N ALA A 93 15.34 2.09 1.02
CA ALA A 93 14.49 2.82 1.96
C ALA A 93 13.21 2.05 2.26
N ALA A 94 12.42 1.81 1.23
CA ALA A 94 11.17 1.09 1.38
C ALA A 94 11.39 -0.25 2.09
N ARG A 95 12.50 -0.91 1.75
CA ARG A 95 12.82 -2.20 2.35
C ARG A 95 13.27 -2.02 3.80
N ASP A 96 13.97 -0.94 4.07
CA ASP A 96 14.45 -0.65 5.41
C ASP A 96 13.31 -0.27 6.34
N ALA A 97 12.32 0.46 5.79
CA ALA A 97 11.17 0.89 6.56
C ALA A 97 10.31 -0.31 6.97
N GLY A 98 10.20 -1.28 6.09
CA GLY A 98 9.40 -2.46 6.37
C GLY A 98 8.37 -2.73 5.30
N ALA A 99 8.71 -2.43 4.05
CA ALA A 99 7.81 -2.65 2.93
C ALA A 99 8.20 -3.90 2.15
N THR A 100 7.20 -4.65 1.70
CA THR A 100 7.44 -5.87 0.94
C THR A 100 7.81 -5.55 -0.50
N GLY A 101 6.96 -4.81 -1.19
CA GLY A 101 7.22 -4.45 -2.57
C GLY A 101 6.93 -2.98 -2.85
N TRP A 102 7.38 -2.51 -4.01
CA TRP A 102 7.18 -1.12 -4.39
C TRP A 102 6.83 -1.01 -5.87
N ILE A 103 6.32 0.15 -6.27
CA ILE A 103 5.96 0.39 -7.65
C ILE A 103 6.23 1.83 -8.06
N GLU A 104 6.15 2.09 -9.36
CA GLU A 104 6.39 3.44 -9.89
C GLU A 104 5.09 4.07 -10.40
N LYS A 105 4.72 5.19 -9.81
CA LYS A 105 3.50 5.89 -10.20
C LYS A 105 3.71 6.67 -11.50
N PRO A 106 2.60 6.96 -12.20
CA PRO A 106 1.26 6.57 -11.76
C PRO A 106 1.04 5.06 -11.85
N ILE A 107 -0.11 4.61 -11.36
CA ILE A 107 -0.44 3.19 -11.39
C ILE A 107 -1.64 2.92 -12.30
N ASP A 108 -1.57 1.83 -13.05
CA ASP A 108 -2.65 1.47 -13.96
C ASP A 108 -3.65 0.53 -13.27
N PRO A 109 -4.87 0.47 -13.81
CA PRO A 109 -5.94 -0.37 -13.26
C PRO A 109 -5.67 -1.86 -13.49
N GLY A 110 -5.03 -2.18 -14.60
CA GLY A 110 -4.71 -3.56 -14.92
C GLY A 110 -3.59 -4.11 -14.06
N VAL A 111 -2.59 -3.28 -13.80
CA VAL A 111 -1.45 -3.70 -12.98
C VAL A 111 -1.83 -3.78 -11.51
N LEU A 112 -2.62 -2.81 -11.06
CA LEU A 112 -3.06 -2.79 -9.66
C LEU A 112 -3.86 -4.04 -9.32
N VAL A 113 -4.92 -4.28 -10.07
CA VAL A 113 -5.77 -5.44 -9.85
C VAL A 113 -4.95 -6.72 -9.83
N GLU A 114 -3.91 -6.77 -10.67
CA GLU A 114 -3.05 -7.94 -10.74
C GLU A 114 -2.21 -8.09 -9.48
N LEU A 115 -1.79 -6.96 -8.92
CA LEU A 115 -0.99 -6.96 -7.71
C LEU A 115 -1.77 -7.52 -6.53
N VAL A 116 -3.06 -7.21 -6.48
CA VAL A 116 -3.92 -7.69 -5.40
C VAL A 116 -4.45 -9.08 -5.70
N ALA A 117 -4.71 -9.35 -6.98
CA ALA A 117 -5.21 -10.65 -7.40
C ALA A 117 -4.34 -11.79 -6.86
N THR A 118 -3.05 -11.71 -7.14
CA THR A 118 -2.11 -12.73 -6.68
C THR A 118 -2.24 -12.96 -5.19
N LEU A 119 -2.52 -11.90 -4.44
CA LEU A 119 -2.68 -11.99 -2.99
C LEU A 119 -4.02 -12.61 -2.64
N SER A 120 -5.07 -12.17 -3.31
CA SER A 120 -6.42 -12.68 -3.06
C SER A 120 -6.50 -14.18 -3.36
N GLU A 121 -5.88 -14.59 -4.46
CA GLU A 121 -5.88 -15.99 -4.86
C GLU A 121 -4.65 -16.71 -4.31
N PRO A 122 -4.78 -18.03 -4.11
CA PRO A 122 -3.69 -18.87 -3.58
C PRO A 122 -2.55 -19.03 -4.58
N ALA A 123 -1.61 -19.91 -4.26
CA ALA A 123 -0.47 -20.16 -5.14
C ALA A 123 -0.92 -20.49 -6.55
N ALA A 124 -0.04 -20.25 -7.52
CA ALA A 124 -0.34 -20.53 -8.92
C ALA A 124 0.86 -20.26 -9.81
N ASN A 125 1.99 -20.92 -9.50
CA ASN A 125 3.21 -20.75 -10.27
C ASN A 125 3.04 -21.30 -11.68
N MET A 1 -6.40 -14.33 1.87
CA MET A 1 -7.48 -13.67 1.17
C MET A 1 -7.51 -12.18 1.49
N ILE A 2 -7.96 -11.38 0.53
CA ILE A 2 -8.04 -9.94 0.71
C ILE A 2 -9.38 -9.52 1.28
N ARG A 3 -9.36 -8.78 2.39
CA ARG A 3 -10.58 -8.32 3.03
C ARG A 3 -10.75 -6.81 2.84
N THR A 4 -9.71 -6.06 3.15
CA THR A 4 -9.74 -4.60 3.01
C THR A 4 -8.44 -4.07 2.42
N ILE A 5 -8.50 -2.85 1.91
CA ILE A 5 -7.32 -2.23 1.32
C ILE A 5 -7.27 -0.73 1.62
N LEU A 6 -6.06 -0.21 1.83
CA LEU A 6 -5.88 1.20 2.14
C LEU A 6 -4.75 1.80 1.29
N ALA A 7 -5.05 2.92 0.64
CA ALA A 7 -4.06 3.60 -0.20
C ALA A 7 -4.03 5.10 0.09
N ILE A 8 -2.90 5.73 -0.21
CA ILE A 8 -2.75 7.16 0.01
C ILE A 8 -1.98 7.81 -1.14
N ASP A 9 -2.46 8.98 -1.57
CA ASP A 9 -1.82 9.70 -2.66
C ASP A 9 -2.28 11.16 -2.70
N ASP A 10 -1.64 11.96 -3.54
CA ASP A 10 -1.99 13.37 -3.67
C ASP A 10 -3.04 13.57 -4.77
N SER A 11 -2.67 13.21 -5.99
CA SER A 11 -3.58 13.35 -7.13
C SER A 11 -4.91 12.67 -6.86
N ALA A 12 -5.91 13.46 -6.52
CA ALA A 12 -7.25 12.94 -6.24
C ALA A 12 -7.74 12.04 -7.37
N THR A 13 -7.38 12.41 -8.61
CA THR A 13 -7.79 11.65 -9.77
C THR A 13 -7.21 10.24 -9.74
N MET A 14 -5.95 10.13 -9.32
CA MET A 14 -5.27 8.84 -9.24
C MET A 14 -5.98 7.93 -8.24
N ARG A 15 -6.10 8.39 -7.00
CA ARG A 15 -6.75 7.62 -5.95
C ARG A 15 -8.19 7.31 -6.32
N ALA A 16 -8.83 8.23 -7.02
CA ALA A 16 -10.22 8.06 -7.44
C ALA A 16 -10.34 6.97 -8.51
N LEU A 17 -9.35 6.91 -9.40
CA LEU A 17 -9.35 5.92 -10.47
C LEU A 17 -9.04 4.53 -9.92
N LEU A 18 -8.06 4.46 -9.02
CA LEU A 18 -7.67 3.18 -8.42
C LEU A 18 -8.74 2.68 -7.46
N HIS A 19 -9.25 3.60 -6.63
CA HIS A 19 -10.29 3.26 -5.66
C HIS A 19 -11.45 2.52 -6.34
N ALA A 20 -11.86 3.02 -7.50
CA ALA A 20 -12.95 2.42 -8.25
C ALA A 20 -12.56 1.05 -8.78
N THR A 21 -11.30 0.90 -9.16
CA THR A 21 -10.80 -0.37 -9.69
C THR A 21 -10.97 -1.50 -8.67
N LEU A 22 -10.40 -1.31 -7.49
CA LEU A 22 -10.50 -2.31 -6.43
C LEU A 22 -11.92 -2.42 -5.91
N ALA A 23 -12.61 -1.27 -5.82
CA ALA A 23 -13.98 -1.24 -5.34
C ALA A 23 -14.90 -2.06 -6.24
N GLN A 24 -14.78 -1.84 -7.54
CA GLN A 24 -15.61 -2.56 -8.51
C GLN A 24 -15.30 -4.05 -8.49
N ALA A 25 -14.04 -4.39 -8.22
CA ALA A 25 -13.62 -5.78 -8.16
C ALA A 25 -14.25 -6.50 -6.97
N GLY A 26 -14.69 -5.72 -5.98
CA GLY A 26 -15.31 -6.30 -4.80
C GLY A 26 -14.55 -5.95 -3.53
N TYR A 27 -13.24 -5.82 -3.65
CA TYR A 27 -12.41 -5.49 -2.49
C TYR A 27 -12.84 -4.18 -1.86
N GLU A 28 -12.59 -4.03 -0.56
CA GLU A 28 -12.95 -2.81 0.15
C GLU A 28 -11.77 -1.85 0.23
N VAL A 29 -11.51 -1.14 -0.86
CA VAL A 29 -10.41 -0.18 -0.92
C VAL A 29 -10.83 1.17 -0.36
N THR A 30 -9.96 1.76 0.45
CA THR A 30 -10.25 3.05 1.06
C THR A 30 -9.05 3.98 0.94
N VAL A 31 -9.32 5.28 0.79
CA VAL A 31 -8.26 6.28 0.67
C VAL A 31 -8.32 7.29 1.81
N ALA A 32 -7.16 7.65 2.32
CA ALA A 32 -7.07 8.61 3.42
C ALA A 32 -6.67 9.99 2.90
N ALA A 33 -6.49 10.93 3.83
CA ALA A 33 -6.10 12.30 3.47
C ALA A 33 -4.59 12.41 3.30
N ASP A 34 -3.85 11.67 4.12
CA ASP A 34 -2.39 11.69 4.07
C ASP A 34 -1.81 10.36 4.54
N GLY A 35 -0.53 10.16 4.27
CA GLY A 35 0.13 8.93 4.68
C GLY A 35 0.01 8.67 6.17
N GLU A 36 0.02 9.75 6.96
CA GLU A 36 -0.09 9.64 8.41
C GLU A 36 -1.48 9.15 8.81
N ALA A 37 -2.50 9.77 8.26
CA ALA A 37 -3.88 9.40 8.56
C ALA A 37 -4.17 7.96 8.16
N GLY A 38 -3.54 7.52 7.06
CA GLY A 38 -3.74 6.17 6.59
C GLY A 38 -2.96 5.15 7.40
N PHE A 39 -1.70 5.46 7.68
CA PHE A 39 -0.84 4.56 8.45
C PHE A 39 -1.35 4.43 9.88
N ASP A 40 -1.67 5.56 10.50
CA ASP A 40 -2.16 5.58 11.87
C ASP A 40 -3.36 4.64 12.03
N LEU A 41 -4.19 4.58 10.99
CA LEU A 41 -5.37 3.72 11.02
C LEU A 41 -5.03 2.30 10.58
N ALA A 42 -4.06 2.19 9.67
CA ALA A 42 -3.63 0.89 9.17
C ALA A 42 -3.26 -0.05 10.32
N ALA A 43 -2.85 0.54 11.44
CA ALA A 43 -2.46 -0.24 12.62
C ALA A 43 -3.68 -0.60 13.46
N THR A 44 -4.71 0.24 13.39
CA THR A 44 -5.93 0.01 14.15
C THR A 44 -6.90 -0.90 13.38
N THR A 45 -6.80 -0.88 12.07
CA THR A 45 -7.66 -1.70 11.22
C THR A 45 -6.91 -2.93 10.70
N ALA A 46 -5.64 -2.73 10.36
CA ALA A 46 -4.81 -3.82 9.85
C ALA A 46 -5.33 -4.32 8.51
N TYR A 47 -5.25 -3.47 7.49
CA TYR A 47 -5.71 -3.83 6.16
C TYR A 47 -4.83 -4.92 5.55
N ASP A 48 -5.37 -5.61 4.55
CA ASP A 48 -4.65 -6.68 3.87
C ASP A 48 -3.56 -6.11 2.96
N LEU A 49 -3.84 -4.96 2.37
CA LEU A 49 -2.89 -4.32 1.47
C LEU A 49 -2.83 -2.81 1.73
N VAL A 50 -1.63 -2.29 1.92
CA VAL A 50 -1.43 -0.87 2.17
C VAL A 50 -0.63 -0.21 1.05
N LEU A 51 -0.93 1.05 0.77
CA LEU A 51 -0.23 1.79 -0.27
C LEU A 51 0.08 3.21 0.18
N THR A 52 1.37 3.50 0.37
CA THR A 52 1.80 4.82 0.80
C THR A 52 2.77 5.43 -0.19
N ASP A 53 2.95 6.75 -0.10
CA ASP A 53 3.86 7.46 -1.00
C ASP A 53 5.16 7.80 -0.30
N GLN A 54 6.07 8.43 -1.03
CA GLN A 54 7.37 8.81 -0.48
C GLN A 54 7.67 10.28 -0.76
N ASN A 55 6.64 11.11 -0.74
CA ASN A 55 6.78 12.53 -1.00
C ASN A 55 6.11 13.36 0.10
N MET A 56 6.71 13.34 1.30
CA MET A 56 6.18 14.08 2.42
C MET A 56 7.23 15.02 3.01
N PRO A 57 6.78 16.04 3.76
CA PRO A 57 7.66 17.02 4.39
C PRO A 57 8.49 16.42 5.52
N ARG A 58 7.86 15.59 6.34
CA ARG A 58 8.53 14.95 7.47
C ARG A 58 7.92 13.59 7.76
N LYS A 59 8.58 12.83 8.61
CA LYS A 59 8.11 11.50 8.98
C LYS A 59 6.94 11.59 9.96
N SER A 60 5.74 11.83 9.44
CA SER A 60 4.56 11.95 10.27
C SER A 60 4.14 10.59 10.82
N GLY A 61 3.59 9.75 9.95
CA GLY A 61 3.16 8.43 10.37
C GLY A 61 3.72 7.33 9.49
N LEU A 62 4.92 7.55 8.96
CA LEU A 62 5.57 6.57 8.09
C LEU A 62 6.42 5.60 8.90
N GLU A 63 7.03 6.11 9.97
CA GLU A 63 7.87 5.30 10.84
C GLU A 63 7.11 4.08 11.35
N LEU A 64 5.79 4.20 11.40
CA LEU A 64 4.94 3.11 11.88
C LEU A 64 5.32 1.80 11.20
N ILE A 65 5.75 1.88 9.95
CA ILE A 65 6.15 0.70 9.19
C ILE A 65 7.09 -0.18 10.00
N ALA A 66 8.00 0.44 10.74
CA ALA A 66 8.96 -0.29 11.55
C ALA A 66 8.26 -0.99 12.72
N ALA A 67 7.36 -0.26 13.38
CA ALA A 67 6.62 -0.82 14.51
C ALA A 67 5.75 -1.99 14.07
N LEU A 68 5.25 -1.92 12.84
CA LEU A 68 4.40 -2.97 12.30
C LEU A 68 5.23 -4.16 11.82
N ARG A 69 6.42 -3.88 11.32
CA ARG A 69 7.31 -4.92 10.83
C ARG A 69 7.65 -5.92 11.94
N GLN A 70 8.10 -5.39 13.08
CA GLN A 70 8.46 -6.22 14.22
C GLN A 70 7.29 -7.11 14.63
N LEU A 71 6.08 -6.58 14.51
CA LEU A 71 4.88 -7.32 14.87
C LEU A 71 4.63 -8.47 13.90
N SER A 72 3.99 -9.53 14.39
CA SER A 72 3.70 -10.69 13.57
C SER A 72 2.29 -10.61 12.99
N ALA A 73 1.85 -9.40 12.67
CA ALA A 73 0.53 -9.17 12.12
C ALA A 73 0.60 -8.44 10.77
N TYR A 74 1.59 -7.57 10.64
CA TYR A 74 1.77 -6.81 9.41
C TYR A 74 3.02 -7.28 8.66
N ALA A 75 3.96 -7.86 9.40
CA ALA A 75 5.20 -8.35 8.81
C ALA A 75 4.91 -9.18 7.55
N ASP A 76 3.80 -9.91 7.57
CA ASP A 76 3.42 -10.74 6.44
C ASP A 76 2.65 -9.93 5.40
N THR A 77 1.86 -8.97 5.88
CA THR A 77 1.07 -8.13 4.99
C THR A 77 1.94 -7.51 3.90
N PRO A 78 1.50 -7.67 2.65
CA PRO A 78 2.23 -7.13 1.49
C PRO A 78 2.17 -5.62 1.42
N ILE A 79 3.26 -4.97 1.80
CA ILE A 79 3.33 -3.52 1.78
C ILE A 79 3.90 -3.01 0.46
N LEU A 80 3.21 -2.04 -0.14
CA LEU A 80 3.65 -1.48 -1.42
C LEU A 80 3.84 0.04 -1.30
N VAL A 81 5.07 0.50 -1.50
CA VAL A 81 5.37 1.92 -1.43
C VAL A 81 5.56 2.52 -2.81
N LEU A 82 5.02 3.71 -3.02
CA LEU A 82 5.13 4.40 -4.30
C LEU A 82 6.44 5.16 -4.40
N THR A 83 6.98 5.25 -5.62
CA THR A 83 8.24 5.95 -5.86
C THR A 83 8.24 6.63 -7.22
N THR A 84 9.30 7.39 -7.50
CA THR A 84 9.43 8.09 -8.77
C THR A 84 10.77 7.78 -9.44
N GLU A 85 11.83 7.79 -8.64
CA GLU A 85 13.17 7.51 -9.16
C GLU A 85 14.15 7.27 -8.03
N GLY A 86 13.95 6.17 -7.30
CA GLY A 86 14.83 5.85 -6.19
C GLY A 86 15.86 4.80 -6.56
N SER A 87 15.57 4.03 -7.61
CA SER A 87 16.47 2.97 -8.06
C SER A 87 16.64 1.90 -6.98
N ASP A 88 17.43 0.89 -7.29
CA ASP A 88 17.68 -0.20 -6.35
C ASP A 88 18.08 0.34 -4.98
N ALA A 89 18.82 1.45 -4.99
CA ALA A 89 19.27 2.07 -3.74
C ALA A 89 18.09 2.35 -2.81
N PHE A 90 16.93 2.62 -3.39
CA PHE A 90 15.73 2.90 -2.61
C PHE A 90 15.08 1.60 -2.13
N LYS A 91 15.15 0.57 -2.95
CA LYS A 91 14.57 -0.73 -2.61
C LYS A 91 15.02 -1.17 -1.22
N ALA A 92 16.26 -0.83 -0.87
CA ALA A 92 16.82 -1.20 0.42
C ALA A 92 16.17 -0.38 1.54
N ALA A 93 15.87 0.88 1.26
CA ALA A 93 15.26 1.76 2.25
C ALA A 93 13.85 1.29 2.60
N ALA A 94 13.00 1.16 1.58
CA ALA A 94 11.62 0.71 1.79
C ALA A 94 11.58 -0.58 2.60
N ARG A 95 12.44 -1.53 2.24
CA ARG A 95 12.50 -2.81 2.93
C ARG A 95 13.06 -2.64 4.34
N ASP A 96 14.02 -1.73 4.49
CA ASP A 96 14.64 -1.47 5.78
C ASP A 96 13.61 -0.98 6.79
N ALA A 97 12.72 -0.09 6.35
CA ALA A 97 11.69 0.46 7.21
C ALA A 97 10.73 -0.63 7.67
N GLY A 98 10.44 -1.59 6.78
CA GLY A 98 9.54 -2.66 7.12
C GLY A 98 8.50 -2.92 6.05
N ALA A 99 8.91 -2.78 4.79
CA ALA A 99 8.00 -2.98 3.66
C ALA A 99 8.35 -4.27 2.91
N THR A 100 7.48 -4.65 1.98
CA THR A 100 7.70 -5.86 1.19
C THR A 100 8.20 -5.51 -0.21
N GLY A 101 7.42 -4.73 -0.94
CA GLY A 101 7.81 -4.34 -2.28
C GLY A 101 7.48 -2.90 -2.58
N TRP A 102 7.89 -2.44 -3.77
CA TRP A 102 7.63 -1.06 -4.18
C TRP A 102 7.21 -1.00 -5.64
N ILE A 103 6.60 0.12 -6.03
CA ILE A 103 6.15 0.31 -7.41
C ILE A 103 6.19 1.78 -7.80
N GLU A 104 5.99 2.05 -9.08
CA GLU A 104 5.99 3.42 -9.59
C GLU A 104 4.57 3.89 -9.87
N LYS A 105 4.26 5.12 -9.44
CA LYS A 105 2.95 5.69 -9.64
C LYS A 105 2.95 6.67 -10.80
N PRO A 106 1.77 6.93 -11.38
CA PRO A 106 0.52 6.32 -10.93
C PRO A 106 0.46 4.82 -11.25
N ILE A 107 -0.59 4.16 -10.79
CA ILE A 107 -0.77 2.73 -11.03
C ILE A 107 -1.95 2.47 -11.96
N ASP A 108 -1.82 1.47 -12.82
CA ASP A 108 -2.88 1.11 -13.75
C ASP A 108 -3.90 0.19 -13.10
N PRO A 109 -5.12 0.18 -13.64
CA PRO A 109 -6.21 -0.65 -13.12
C PRO A 109 -5.98 -2.14 -13.39
N GLY A 110 -5.37 -2.44 -14.52
CA GLY A 110 -5.10 -3.82 -14.88
C GLY A 110 -4.00 -4.44 -14.04
N VAL A 111 -3.00 -3.62 -13.69
CA VAL A 111 -1.89 -4.09 -12.88
C VAL A 111 -2.23 -4.06 -11.40
N LEU A 112 -3.00 -3.05 -11.01
CA LEU A 112 -3.40 -2.90 -9.61
C LEU A 112 -4.30 -4.05 -9.17
N VAL A 113 -5.16 -4.50 -10.08
CA VAL A 113 -6.07 -5.60 -9.79
C VAL A 113 -5.37 -6.95 -9.90
N GLU A 114 -4.33 -7.01 -10.74
CA GLU A 114 -3.57 -8.23 -10.93
C GLU A 114 -2.70 -8.52 -9.72
N LEU A 115 -2.04 -7.50 -9.21
CA LEU A 115 -1.17 -7.64 -8.05
C LEU A 115 -1.96 -8.09 -6.83
N VAL A 116 -3.20 -7.61 -6.72
CA VAL A 116 -4.06 -7.95 -5.60
C VAL A 116 -4.79 -9.27 -5.85
N ALA A 117 -5.11 -9.53 -7.11
CA ALA A 117 -5.81 -10.76 -7.48
C ALA A 117 -5.07 -11.98 -6.94
N THR A 118 -3.78 -12.07 -7.24
CA THR A 118 -2.96 -13.18 -6.79
C THR A 118 -3.10 -13.41 -5.29
N LEU A 119 -3.30 -12.32 -4.55
CA LEU A 119 -3.46 -12.40 -3.10
C LEU A 119 -4.89 -12.76 -2.73
N SER A 120 -5.84 -12.25 -3.51
CA SER A 120 -7.25 -12.52 -3.25
C SER A 120 -7.58 -13.99 -3.49
N GLU A 121 -7.14 -14.52 -4.63
CA GLU A 121 -7.39 -15.91 -4.97
C GLU A 121 -6.13 -16.74 -4.77
N PRO A 122 -6.32 -18.05 -4.52
CA PRO A 122 -5.21 -18.98 -4.30
C PRO A 122 -4.43 -19.25 -5.59
N ALA A 123 -3.52 -20.22 -5.53
CA ALA A 123 -2.71 -20.58 -6.69
C ALA A 123 -3.58 -20.88 -7.90
N ALA A 124 -3.18 -20.35 -9.05
CA ALA A 124 -3.92 -20.57 -10.29
C ALA A 124 -2.99 -20.57 -11.50
N ASN A 125 -1.82 -21.17 -11.32
CA ASN A 125 -0.84 -21.25 -12.41
C ASN A 125 -1.46 -21.86 -13.65
N MET A 1 -7.34 -13.43 3.62
CA MET A 1 -7.85 -12.97 2.33
C MET A 1 -7.98 -11.46 2.32
N ILE A 2 -7.86 -10.87 1.14
CA ILE A 2 -7.97 -9.42 0.99
C ILE A 2 -9.34 -8.92 1.44
N ARG A 3 -9.39 -8.42 2.68
CA ARG A 3 -10.64 -7.91 3.23
C ARG A 3 -10.74 -6.40 3.03
N THR A 4 -9.68 -5.68 3.41
CA THR A 4 -9.65 -4.23 3.27
C THR A 4 -8.36 -3.77 2.63
N ILE A 5 -8.37 -2.55 2.10
CA ILE A 5 -7.19 -1.98 1.45
C ILE A 5 -7.07 -0.50 1.75
N LEU A 6 -5.83 -0.04 1.96
CA LEU A 6 -5.56 1.36 2.25
C LEU A 6 -4.54 1.94 1.28
N ALA A 7 -4.84 3.09 0.71
CA ALA A 7 -3.94 3.76 -0.23
C ALA A 7 -3.93 5.26 0.00
N ILE A 8 -2.81 5.89 -0.36
CA ILE A 8 -2.66 7.33 -0.20
C ILE A 8 -1.92 7.95 -1.38
N ASP A 9 -2.39 9.11 -1.83
CA ASP A 9 -1.77 9.80 -2.94
C ASP A 9 -2.20 11.26 -3.00
N ASP A 10 -1.58 12.03 -3.88
CA ASP A 10 -1.91 13.45 -4.03
C ASP A 10 -2.96 13.65 -5.11
N SER A 11 -2.70 13.12 -6.30
CA SER A 11 -3.62 13.25 -7.41
C SER A 11 -4.95 12.59 -7.09
N ALA A 12 -5.94 13.40 -6.75
CA ALA A 12 -7.28 12.90 -6.43
C ALA A 12 -7.79 11.97 -7.52
N THR A 13 -7.46 12.29 -8.76
CA THR A 13 -7.90 11.49 -9.90
C THR A 13 -7.32 10.07 -9.82
N MET A 14 -6.04 9.97 -9.48
CA MET A 14 -5.37 8.68 -9.38
C MET A 14 -6.06 7.81 -8.32
N ARG A 15 -6.12 8.33 -7.09
CA ARG A 15 -6.75 7.59 -5.99
C ARG A 15 -8.20 7.27 -6.31
N ALA A 16 -8.86 8.18 -7.03
CA ALA A 16 -10.26 7.98 -7.40
C ALA A 16 -10.42 6.84 -8.39
N LEU A 17 -9.45 6.70 -9.27
CA LEU A 17 -9.47 5.63 -10.27
C LEU A 17 -9.23 4.26 -9.63
N LEU A 18 -8.13 4.16 -8.89
CA LEU A 18 -7.78 2.91 -8.22
C LEU A 18 -8.84 2.52 -7.20
N HIS A 19 -9.35 3.51 -6.48
CA HIS A 19 -10.38 3.28 -5.47
C HIS A 19 -11.54 2.48 -6.05
N ALA A 20 -11.94 2.83 -7.27
CA ALA A 20 -13.04 2.14 -7.94
C ALA A 20 -12.58 0.79 -8.48
N THR A 21 -11.34 0.72 -8.94
CA THR A 21 -10.79 -0.51 -9.48
C THR A 21 -10.91 -1.66 -8.48
N LEU A 22 -10.61 -1.37 -7.21
CA LEU A 22 -10.69 -2.36 -6.16
C LEU A 22 -12.11 -2.49 -5.63
N ALA A 23 -12.83 -1.38 -5.59
CA ALA A 23 -14.21 -1.37 -5.11
C ALA A 23 -15.09 -2.28 -5.97
N GLN A 24 -15.05 -2.07 -7.27
CA GLN A 24 -15.85 -2.87 -8.20
C GLN A 24 -15.58 -4.35 -8.01
N ALA A 25 -14.32 -4.68 -7.75
CA ALA A 25 -13.92 -6.07 -7.55
C ALA A 25 -14.53 -6.64 -6.27
N GLY A 26 -14.92 -5.75 -5.37
CA GLY A 26 -15.52 -6.18 -4.11
C GLY A 26 -14.69 -5.77 -2.91
N TYR A 27 -13.37 -5.75 -3.08
CA TYR A 27 -12.46 -5.39 -2.00
C TYR A 27 -12.87 -4.05 -1.38
N GLU A 28 -12.51 -3.87 -0.10
CA GLU A 28 -12.84 -2.64 0.60
C GLU A 28 -11.64 -1.70 0.66
N VAL A 29 -11.42 -0.97 -0.43
CA VAL A 29 -10.30 -0.03 -0.51
C VAL A 29 -10.72 1.35 -0.04
N THR A 30 -9.84 2.01 0.70
CA THR A 30 -10.11 3.36 1.20
C THR A 30 -8.91 4.28 1.02
N VAL A 31 -9.18 5.56 0.82
CA VAL A 31 -8.11 6.54 0.63
C VAL A 31 -8.13 7.59 1.75
N ALA A 32 -6.93 7.94 2.22
CA ALA A 32 -6.80 8.93 3.28
C ALA A 32 -6.28 10.26 2.73
N ALA A 33 -6.05 11.21 3.63
CA ALA A 33 -5.54 12.52 3.24
C ALA A 33 -4.02 12.52 3.13
N ASP A 34 -3.37 11.76 4.00
CA ASP A 34 -1.92 11.67 3.99
C ASP A 34 -1.45 10.30 4.46
N GLY A 35 -0.19 9.98 4.20
CA GLY A 35 0.36 8.70 4.61
C GLY A 35 0.24 8.46 6.10
N GLU A 36 0.34 9.55 6.87
CA GLU A 36 0.25 9.45 8.32
C GLU A 36 -1.16 9.06 8.76
N ALA A 37 -2.16 9.66 8.12
CA ALA A 37 -3.55 9.37 8.44
C ALA A 37 -3.93 7.96 7.99
N GLY A 38 -3.37 7.53 6.87
CA GLY A 38 -3.67 6.21 6.34
C GLY A 38 -3.05 5.10 7.18
N PHE A 39 -1.76 5.26 7.49
CA PHE A 39 -1.05 4.27 8.29
C PHE A 39 -1.54 4.27 9.73
N ASP A 40 -1.87 5.45 10.24
CA ASP A 40 -2.35 5.58 11.61
C ASP A 40 -3.55 4.67 11.85
N LEU A 41 -4.52 4.73 10.95
CA LEU A 41 -5.72 3.90 11.06
C LEU A 41 -5.38 2.42 10.94
N ALA A 42 -4.53 2.09 9.97
CA ALA A 42 -4.12 0.71 9.74
C ALA A 42 -3.47 0.12 10.98
N ALA A 43 -2.97 0.99 11.86
CA ALA A 43 -2.33 0.55 13.09
C ALA A 43 -3.31 -0.21 13.98
N THR A 44 -4.58 0.15 13.90
CA THR A 44 -5.61 -0.49 14.69
C THR A 44 -6.57 -1.31 13.82
N THR A 45 -6.76 -0.84 12.59
CA THR A 45 -7.64 -1.53 11.65
C THR A 45 -6.94 -2.73 11.01
N ALA A 46 -5.66 -2.56 10.70
CA ALA A 46 -4.88 -3.63 10.09
C ALA A 46 -5.47 -4.05 8.75
N TYR A 47 -5.15 -3.31 7.70
CA TYR A 47 -5.66 -3.59 6.37
C TYR A 47 -4.86 -4.71 5.72
N ASP A 48 -5.46 -5.38 4.74
CA ASP A 48 -4.81 -6.47 4.03
C ASP A 48 -3.72 -5.95 3.11
N LEU A 49 -3.95 -4.78 2.52
CA LEU A 49 -2.98 -4.17 1.62
C LEU A 49 -2.86 -2.67 1.88
N VAL A 50 -1.62 -2.18 1.94
CA VAL A 50 -1.37 -0.77 2.18
C VAL A 50 -0.54 -0.16 1.05
N LEU A 51 -0.76 1.13 0.81
CA LEU A 51 -0.03 1.84 -0.24
C LEU A 51 0.37 3.23 0.22
N THR A 52 1.65 3.57 0.05
CA THR A 52 2.16 4.87 0.44
C THR A 52 3.31 5.31 -0.47
N ASP A 53 3.43 6.62 -0.67
CA ASP A 53 4.47 7.17 -1.52
C ASP A 53 5.58 7.79 -0.67
N GLN A 54 6.78 7.91 -1.26
CA GLN A 54 7.91 8.49 -0.55
C GLN A 54 7.63 9.93 -0.15
N ASN A 55 6.87 10.64 -0.98
CA ASN A 55 6.53 12.03 -0.71
C ASN A 55 5.71 12.15 0.58
N MET A 56 6.37 12.58 1.65
CA MET A 56 5.70 12.75 2.94
C MET A 56 6.31 13.92 3.72
N PRO A 57 5.53 14.45 4.67
CA PRO A 57 5.97 15.58 5.51
C PRO A 57 7.07 15.18 6.49
N ARG A 58 7.38 16.08 7.41
CA ARG A 58 8.42 15.83 8.41
C ARG A 58 7.84 15.04 9.59
N LYS A 59 6.59 15.33 9.92
CA LYS A 59 5.92 14.65 11.03
C LYS A 59 6.06 13.14 10.91
N SER A 60 5.75 12.43 11.99
CA SER A 60 5.83 10.98 12.00
C SER A 60 4.82 10.36 11.04
N GLY A 61 4.70 9.03 11.09
CA GLY A 61 3.75 8.35 10.22
C GLY A 61 4.34 7.09 9.63
N LEU A 62 5.09 7.23 8.54
CA LEU A 62 5.69 6.09 7.87
C LEU A 62 6.49 5.24 8.86
N GLU A 63 7.09 5.89 9.85
CA GLU A 63 7.87 5.20 10.86
C GLU A 63 7.09 4.04 11.46
N LEU A 64 5.77 4.19 11.51
CA LEU A 64 4.91 3.15 12.06
C LEU A 64 5.23 1.80 11.45
N ILE A 65 5.63 1.80 10.19
CA ILE A 65 5.97 0.57 9.48
C ILE A 65 6.95 -0.27 10.30
N ALA A 66 7.91 0.39 10.94
CA ALA A 66 8.91 -0.29 11.75
C ALA A 66 8.24 -1.16 12.81
N ALA A 67 7.25 -0.61 13.49
CA ALA A 67 6.53 -1.34 14.53
C ALA A 67 5.65 -2.43 13.92
N LEU A 68 5.12 -2.16 12.73
CA LEU A 68 4.27 -3.13 12.04
C LEU A 68 5.08 -4.33 11.55
N ARG A 69 6.32 -4.07 11.16
CA ARG A 69 7.20 -5.13 10.68
C ARG A 69 7.60 -6.07 11.80
N GLN A 70 8.11 -5.50 12.90
CA GLN A 70 8.53 -6.28 14.05
C GLN A 70 7.39 -7.16 14.55
N LEU A 71 6.17 -6.65 14.47
CA LEU A 71 5.00 -7.40 14.92
C LEU A 71 4.64 -8.50 13.93
N SER A 72 4.02 -9.56 14.44
CA SER A 72 3.62 -10.69 13.60
C SER A 72 2.17 -10.55 13.15
N ALA A 73 1.75 -9.30 12.90
CA ALA A 73 0.40 -9.03 12.46
C ALA A 73 0.39 -8.31 11.11
N TYR A 74 1.42 -7.51 10.86
CA TYR A 74 1.53 -6.76 9.62
C TYR A 74 2.71 -7.26 8.80
N ALA A 75 3.70 -7.85 9.47
CA ALA A 75 4.88 -8.37 8.80
C ALA A 75 4.50 -9.23 7.60
N ASP A 76 3.41 -9.97 7.72
CA ASP A 76 2.93 -10.83 6.65
C ASP A 76 2.19 -10.02 5.60
N THR A 77 1.46 -9.00 6.04
CA THR A 77 0.71 -8.15 5.13
C THR A 77 1.59 -7.63 4.00
N PRO A 78 1.15 -7.86 2.75
CA PRO A 78 1.88 -7.42 1.57
C PRO A 78 1.86 -5.90 1.40
N ILE A 79 2.90 -5.24 1.89
CA ILE A 79 2.99 -3.79 1.79
C ILE A 79 3.65 -3.37 0.48
N LEU A 80 3.06 -2.37 -0.17
CA LEU A 80 3.59 -1.87 -1.43
C LEU A 80 3.84 -0.37 -1.36
N VAL A 81 5.10 0.03 -1.57
CA VAL A 81 5.47 1.43 -1.53
C VAL A 81 5.81 1.96 -2.92
N LEU A 82 5.29 3.13 -3.26
CA LEU A 82 5.54 3.74 -4.56
C LEU A 82 6.86 4.49 -4.56
N THR A 83 7.50 4.56 -5.73
CA THR A 83 8.78 5.25 -5.87
C THR A 83 8.72 6.25 -7.03
N THR A 84 9.44 7.36 -6.87
CA THR A 84 9.49 8.39 -7.90
C THR A 84 10.76 8.28 -8.73
N GLU A 85 11.85 7.87 -8.09
CA GLU A 85 13.13 7.74 -8.78
C GLU A 85 13.29 6.33 -9.33
N GLY A 86 12.90 5.33 -8.55
CA GLY A 86 13.01 3.95 -8.98
C GLY A 86 14.44 3.47 -9.02
N SER A 87 15.18 3.70 -7.93
CA SER A 87 16.57 3.29 -7.84
C SER A 87 16.71 2.03 -6.99
N ASP A 88 17.84 1.35 -7.14
CA ASP A 88 18.10 0.12 -6.38
C ASP A 88 18.36 0.44 -4.92
N ALA A 89 19.06 1.55 -4.66
CA ALA A 89 19.37 1.96 -3.31
C ALA A 89 18.11 2.26 -2.52
N PHE A 90 17.12 2.85 -3.19
CA PHE A 90 15.86 3.19 -2.55
C PHE A 90 15.17 1.95 -1.99
N LYS A 91 15.27 0.85 -2.74
CA LYS A 91 14.66 -0.41 -2.32
C LYS A 91 15.07 -0.77 -0.90
N ALA A 92 16.31 -0.46 -0.55
CA ALA A 92 16.83 -0.75 0.78
C ALA A 92 16.07 0.03 1.85
N ALA A 93 15.68 1.25 1.51
CA ALA A 93 14.95 2.09 2.44
C ALA A 93 13.60 1.47 2.81
N ALA A 94 12.77 1.27 1.79
CA ALA A 94 11.45 0.67 2.01
C ALA A 94 11.55 -0.62 2.81
N ARG A 95 12.47 -1.49 2.40
CA ARG A 95 12.67 -2.76 3.09
C ARG A 95 13.16 -2.55 4.51
N ASP A 96 13.99 -1.53 4.70
CA ASP A 96 14.54 -1.22 6.01
C ASP A 96 13.43 -0.78 6.98
N ALA A 97 12.51 0.03 6.47
CA ALA A 97 11.40 0.53 7.28
C ALA A 97 10.48 -0.62 7.68
N GLY A 98 10.30 -1.59 6.80
CA GLY A 98 9.44 -2.72 7.08
C GLY A 98 8.40 -2.95 6.00
N ALA A 99 8.83 -2.88 4.75
CA ALA A 99 7.93 -3.08 3.63
C ALA A 99 8.27 -4.36 2.86
N THR A 100 7.26 -4.96 2.25
CA THR A 100 7.47 -6.19 1.49
C THR A 100 8.04 -5.91 0.11
N GLY A 101 7.27 -5.20 -0.72
CA GLY A 101 7.72 -4.87 -2.05
C GLY A 101 7.43 -3.43 -2.42
N TRP A 102 7.89 -3.01 -3.59
CA TRP A 102 7.68 -1.65 -4.06
C TRP A 102 7.28 -1.64 -5.54
N ILE A 103 6.75 -0.50 -6.00
CA ILE A 103 6.35 -0.36 -7.38
C ILE A 103 6.48 1.09 -7.85
N GLU A 104 6.32 1.30 -9.15
CA GLU A 104 6.42 2.63 -9.72
C GLU A 104 5.04 3.21 -10.01
N LYS A 105 4.83 4.46 -9.63
CA LYS A 105 3.55 5.14 -9.85
C LYS A 105 3.61 6.04 -11.08
N PRO A 106 2.44 6.35 -11.65
CA PRO A 106 1.16 5.87 -11.13
C PRO A 106 0.99 4.36 -11.36
N ILE A 107 -0.11 3.81 -10.85
CA ILE A 107 -0.40 2.40 -11.00
C ILE A 107 -1.64 2.17 -11.87
N ASP A 108 -1.59 1.14 -12.70
CA ASP A 108 -2.70 0.82 -13.58
C ASP A 108 -3.72 -0.06 -12.87
N PRO A 109 -4.97 -0.05 -13.37
CA PRO A 109 -6.05 -0.84 -12.79
C PRO A 109 -5.87 -2.34 -13.02
N GLY A 110 -5.33 -2.69 -14.17
CA GLY A 110 -5.10 -4.09 -14.51
C GLY A 110 -3.97 -4.69 -13.71
N VAL A 111 -2.91 -3.90 -13.49
CA VAL A 111 -1.75 -4.37 -12.74
C VAL A 111 -2.08 -4.51 -11.26
N LEU A 112 -2.73 -3.50 -10.70
CA LEU A 112 -3.10 -3.52 -9.28
C LEU A 112 -4.00 -4.71 -8.97
N VAL A 113 -5.15 -4.77 -9.62
CA VAL A 113 -6.09 -5.86 -9.42
C VAL A 113 -5.41 -7.21 -9.57
N GLU A 114 -4.45 -7.29 -10.48
CA GLU A 114 -3.72 -8.53 -10.73
C GLU A 114 -2.73 -8.81 -9.60
N LEU A 115 -2.15 -7.74 -9.05
CA LEU A 115 -1.18 -7.87 -7.97
C LEU A 115 -1.88 -8.25 -6.67
N VAL A 116 -3.09 -7.74 -6.48
CA VAL A 116 -3.86 -8.03 -5.28
C VAL A 116 -4.61 -9.35 -5.42
N ALA A 117 -5.07 -9.64 -6.63
CA ALA A 117 -5.81 -10.87 -6.90
C ALA A 117 -5.04 -12.09 -6.39
N THR A 118 -3.80 -12.23 -6.82
CA THR A 118 -2.96 -13.35 -6.40
C THR A 118 -2.95 -13.49 -4.89
N LEU A 119 -3.01 -12.36 -4.19
CA LEU A 119 -3.01 -12.36 -2.73
C LEU A 119 -4.32 -12.89 -2.18
N SER A 120 -5.43 -12.42 -2.74
CA SER A 120 -6.76 -12.84 -2.31
C SER A 120 -6.99 -14.31 -2.62
N GLU A 121 -6.77 -14.68 -3.89
CA GLU A 121 -6.95 -16.07 -4.31
C GLU A 121 -5.73 -16.55 -5.11
N PRO A 122 -5.50 -17.87 -5.09
CA PRO A 122 -4.39 -18.49 -5.80
C PRO A 122 -4.56 -18.44 -7.32
N ALA A 123 -3.48 -18.72 -8.03
CA ALA A 123 -3.51 -18.70 -9.49
C ALA A 123 -2.80 -19.93 -10.07
N ALA A 124 -2.87 -20.08 -11.39
CA ALA A 124 -2.23 -21.21 -12.06
C ALA A 124 -2.29 -21.04 -13.58
N ASN A 125 -2.17 -19.81 -14.04
CA ASN A 125 -2.21 -19.52 -15.47
C ASN A 125 -1.20 -20.37 -16.23
N MET A 1 -7.25 -14.03 2.38
CA MET A 1 -8.65 -13.62 2.44
C MET A 1 -8.77 -12.11 2.57
N ILE A 2 -8.77 -11.42 1.43
CA ILE A 2 -8.88 -9.96 1.42
C ILE A 2 -10.25 -9.51 1.89
N ARG A 3 -10.29 -8.42 2.65
CA ARG A 3 -11.54 -7.88 3.16
C ARG A 3 -11.61 -6.37 2.95
N THR A 4 -10.52 -5.68 3.32
CA THR A 4 -10.46 -4.23 3.18
C THR A 4 -9.10 -3.80 2.62
N ILE A 5 -9.10 -2.67 1.91
CA ILE A 5 -7.88 -2.15 1.32
C ILE A 5 -7.72 -0.65 1.61
N LEU A 6 -6.48 -0.23 1.84
CA LEU A 6 -6.20 1.18 2.12
C LEU A 6 -5.25 1.76 1.08
N ALA A 7 -5.59 2.95 0.58
CA ALA A 7 -4.76 3.62 -0.41
C ALA A 7 -4.51 5.07 -0.03
N ILE A 8 -3.34 5.58 -0.38
CA ILE A 8 -2.98 6.96 -0.07
C ILE A 8 -2.22 7.61 -1.24
N ASP A 9 -2.88 8.52 -1.93
CA ASP A 9 -2.28 9.22 -3.06
C ASP A 9 -2.70 10.68 -3.09
N ASP A 10 -2.07 11.45 -3.97
CA ASP A 10 -2.38 12.87 -4.10
C ASP A 10 -3.23 13.12 -5.34
N SER A 11 -2.81 12.57 -6.47
CA SER A 11 -3.53 12.73 -7.73
C SER A 11 -5.01 12.38 -7.56
N ALA A 12 -5.87 13.38 -7.63
CA ALA A 12 -7.30 13.17 -7.49
C ALA A 12 -7.79 12.09 -8.44
N THR A 13 -7.20 12.03 -9.62
CA THR A 13 -7.58 11.04 -10.62
C THR A 13 -7.14 9.64 -10.20
N MET A 14 -5.96 9.55 -9.60
CA MET A 14 -5.42 8.27 -9.15
C MET A 14 -6.23 7.73 -7.97
N ARG A 15 -6.43 8.57 -6.96
CA ARG A 15 -7.18 8.17 -5.77
C ARG A 15 -8.58 7.72 -6.15
N ALA A 16 -9.17 8.38 -7.14
CA ALA A 16 -10.51 8.04 -7.60
C ALA A 16 -10.49 6.79 -8.48
N LEU A 17 -9.53 6.73 -9.40
CA LEU A 17 -9.41 5.59 -10.31
C LEU A 17 -9.12 4.32 -9.53
N LEU A 18 -8.00 4.30 -8.82
CA LEU A 18 -7.60 3.13 -8.04
C LEU A 18 -8.74 2.70 -7.12
N HIS A 19 -9.49 3.66 -6.60
CA HIS A 19 -10.61 3.38 -5.70
C HIS A 19 -11.68 2.58 -6.43
N ALA A 20 -11.96 2.96 -7.67
CA ALA A 20 -12.97 2.27 -8.48
C ALA A 20 -12.45 0.94 -9.00
N THR A 21 -11.20 0.93 -9.44
CA THR A 21 -10.58 -0.28 -9.96
C THR A 21 -10.74 -1.45 -8.98
N LEU A 22 -10.52 -1.18 -7.71
CA LEU A 22 -10.65 -2.21 -6.68
C LEU A 22 -12.10 -2.35 -6.23
N ALA A 23 -12.81 -1.23 -6.17
CA ALA A 23 -14.20 -1.23 -5.76
C ALA A 23 -15.04 -2.14 -6.65
N GLN A 24 -14.95 -1.91 -7.97
CA GLN A 24 -15.70 -2.71 -8.93
C GLN A 24 -15.40 -4.19 -8.76
N ALA A 25 -14.17 -4.50 -8.37
CA ALA A 25 -13.75 -5.89 -8.17
C ALA A 25 -14.46 -6.51 -6.97
N GLY A 26 -14.98 -5.66 -6.09
CA GLY A 26 -15.67 -6.13 -4.91
C GLY A 26 -14.96 -5.76 -3.63
N TYR A 27 -13.64 -5.72 -3.68
CA TYR A 27 -12.84 -5.38 -2.50
C TYR A 27 -13.28 -4.04 -1.91
N GLU A 28 -13.04 -3.86 -0.62
CA GLU A 28 -13.41 -2.63 0.07
C GLU A 28 -12.21 -1.71 0.21
N VAL A 29 -11.90 -0.98 -0.86
CA VAL A 29 -10.76 -0.06 -0.86
C VAL A 29 -11.20 1.33 -0.40
N THR A 30 -10.32 2.00 0.34
CA THR A 30 -10.61 3.34 0.84
C THR A 30 -9.38 4.24 0.73
N VAL A 31 -9.60 5.48 0.31
CA VAL A 31 -8.52 6.44 0.17
C VAL A 31 -8.42 7.34 1.39
N ALA A 32 -7.19 7.61 1.82
CA ALA A 32 -6.95 8.46 2.98
C ALA A 32 -6.59 9.88 2.56
N ALA A 33 -6.37 10.75 3.55
CA ALA A 33 -6.01 12.14 3.27
C ALA A 33 -4.51 12.29 3.07
N ASP A 34 -3.74 11.51 3.82
CA ASP A 34 -2.29 11.56 3.73
C ASP A 34 -1.66 10.25 4.21
N GLY A 35 -0.40 10.04 3.85
CA GLY A 35 0.28 8.82 4.25
C GLY A 35 0.21 8.58 5.75
N GLU A 36 0.17 9.66 6.51
CA GLU A 36 0.10 9.56 7.97
C GLU A 36 -1.28 9.09 8.41
N ALA A 37 -2.32 9.74 7.90
CA ALA A 37 -3.69 9.39 8.25
C ALA A 37 -4.01 7.96 7.82
N GLY A 38 -3.44 7.54 6.70
CA GLY A 38 -3.67 6.19 6.21
C GLY A 38 -2.96 5.14 7.03
N PHE A 39 -1.66 5.32 7.23
CA PHE A 39 -0.87 4.38 8.01
C PHE A 39 -1.32 4.35 9.46
N ASP A 40 -1.48 5.54 10.05
CA ASP A 40 -1.90 5.65 11.44
C ASP A 40 -3.17 4.84 11.69
N LEU A 41 -4.06 4.81 10.70
CA LEU A 41 -5.30 4.06 10.80
C LEU A 41 -5.11 2.60 10.41
N ALA A 42 -4.20 2.36 9.46
CA ALA A 42 -3.92 1.01 9.00
C ALA A 42 -3.55 0.10 10.17
N ALA A 43 -3.03 0.70 11.23
CA ALA A 43 -2.64 -0.06 12.42
C ALA A 43 -3.83 -0.29 13.35
N THR A 44 -4.79 0.64 13.31
CA THR A 44 -5.98 0.53 14.14
C THR A 44 -7.05 -0.33 13.48
N THR A 45 -7.03 -0.36 12.15
CA THR A 45 -8.00 -1.16 11.41
C THR A 45 -7.38 -2.47 10.92
N ALA A 46 -6.11 -2.40 10.54
CA ALA A 46 -5.41 -3.58 10.05
C ALA A 46 -6.02 -4.09 8.75
N TYR A 47 -5.87 -3.31 7.69
CA TYR A 47 -6.41 -3.68 6.38
C TYR A 47 -5.67 -4.88 5.81
N ASP A 48 -6.15 -5.37 4.67
CA ASP A 48 -5.53 -6.52 4.02
C ASP A 48 -4.41 -6.08 3.09
N LEU A 49 -4.59 -4.91 2.47
CA LEU A 49 -3.59 -4.38 1.56
C LEU A 49 -3.46 -2.86 1.71
N VAL A 50 -2.23 -2.39 1.83
CA VAL A 50 -1.97 -0.96 1.98
C VAL A 50 -1.25 -0.40 0.76
N LEU A 51 -1.52 0.87 0.46
CA LEU A 51 -0.90 1.53 -0.69
C LEU A 51 -0.42 2.93 -0.31
N THR A 52 0.89 3.13 -0.32
CA THR A 52 1.46 4.42 0.02
C THR A 52 2.21 5.01 -1.17
N ASP A 53 2.31 6.33 -1.21
CA ASP A 53 3.00 7.03 -2.29
C ASP A 53 4.24 7.75 -1.77
N GLN A 54 4.01 8.86 -1.08
CA GLN A 54 5.10 9.65 -0.53
C GLN A 54 5.84 8.87 0.56
N ASN A 55 7.17 8.87 0.48
CA ASN A 55 7.99 8.17 1.46
C ASN A 55 9.17 9.03 1.90
N MET A 56 9.15 9.47 3.15
CA MET A 56 10.23 10.29 3.68
C MET A 56 10.47 9.99 5.16
N PRO A 57 11.66 10.37 5.67
CA PRO A 57 12.03 10.14 7.06
C PRO A 57 11.23 11.01 8.03
N ARG A 58 10.61 10.37 9.01
CA ARG A 58 9.81 11.10 10.00
C ARG A 58 9.53 10.22 11.22
N LYS A 59 9.60 10.83 12.40
CA LYS A 59 9.35 10.10 13.65
C LYS A 59 8.00 9.40 13.61
N SER A 60 7.01 10.05 13.01
CA SER A 60 5.67 9.50 12.92
C SER A 60 5.19 9.47 11.47
N GLY A 61 4.26 8.56 11.17
CA GLY A 61 3.74 8.46 9.82
C GLY A 61 4.23 7.21 9.11
N LEU A 62 5.14 7.40 8.16
CA LEU A 62 5.70 6.28 7.40
C LEU A 62 6.49 5.34 8.31
N GLU A 63 7.16 5.92 9.30
CA GLU A 63 7.96 5.14 10.24
C GLU A 63 7.14 3.99 10.83
N LEU A 64 5.83 4.21 10.94
CA LEU A 64 4.92 3.21 11.49
C LEU A 64 5.17 1.85 10.83
N ILE A 65 5.54 1.87 9.55
CA ILE A 65 5.80 0.64 8.82
C ILE A 65 6.74 -0.27 9.58
N ALA A 66 7.71 0.32 10.26
CA ALA A 66 8.68 -0.43 11.05
C ALA A 66 8.01 -1.12 12.23
N ALA A 67 7.11 -0.39 12.90
CA ALA A 67 6.41 -0.93 14.06
C ALA A 67 5.50 -2.08 13.65
N LEU A 68 4.94 -2.00 12.45
CA LEU A 68 4.05 -3.03 11.94
C LEU A 68 4.85 -4.24 11.45
N ARG A 69 6.01 -3.98 10.88
CA ARG A 69 6.87 -5.04 10.37
C ARG A 69 7.26 -6.02 11.48
N GLN A 70 7.77 -5.48 12.58
CA GLN A 70 8.18 -6.30 13.72
C GLN A 70 7.02 -7.16 14.21
N LEU A 71 5.81 -6.61 14.14
CA LEU A 71 4.63 -7.33 14.59
C LEU A 71 4.27 -8.45 13.61
N SER A 72 3.64 -9.50 14.13
CA SER A 72 3.26 -10.63 13.30
C SER A 72 1.81 -10.51 12.85
N ALA A 73 1.39 -9.28 12.58
CA ALA A 73 0.02 -9.01 12.13
C ALA A 73 0.02 -8.32 10.77
N TYR A 74 1.04 -7.51 10.52
CA TYR A 74 1.15 -6.79 9.26
C TYR A 74 2.35 -7.29 8.44
N ALA A 75 3.33 -7.86 9.13
CA ALA A 75 4.51 -8.39 8.47
C ALA A 75 4.14 -9.27 7.28
N ASP A 76 3.08 -10.05 7.44
CA ASP A 76 2.62 -10.94 6.37
C ASP A 76 1.89 -10.15 5.29
N THR A 77 1.17 -9.11 5.70
CA THR A 77 0.42 -8.28 4.77
C THR A 77 1.34 -7.67 3.71
N PRO A 78 1.01 -7.88 2.44
CA PRO A 78 1.79 -7.36 1.31
C PRO A 78 1.70 -5.84 1.19
N ILE A 79 2.83 -5.17 1.34
CA ILE A 79 2.88 -3.72 1.26
C ILE A 79 3.44 -3.26 -0.08
N LEU A 80 2.72 -2.39 -0.77
CA LEU A 80 3.15 -1.88 -2.06
C LEU A 80 3.24 -0.36 -2.05
N VAL A 81 4.45 0.16 -2.19
CA VAL A 81 4.67 1.60 -2.20
C VAL A 81 4.95 2.11 -3.61
N LEU A 82 4.49 3.33 -3.88
CA LEU A 82 4.68 3.93 -5.20
C LEU A 82 5.85 4.93 -5.17
N THR A 83 6.50 5.10 -6.31
CA THR A 83 7.62 6.03 -6.42
C THR A 83 7.53 6.85 -7.70
N THR A 84 8.25 7.95 -7.74
CA THR A 84 8.26 8.84 -8.91
C THR A 84 9.54 8.66 -9.71
N GLU A 85 10.68 8.64 -9.01
CA GLU A 85 11.97 8.48 -9.66
C GLU A 85 12.18 7.05 -10.13
N GLY A 86 12.20 6.12 -9.18
CA GLY A 86 12.39 4.72 -9.52
C GLY A 86 13.85 4.31 -9.52
N SER A 87 14.64 4.93 -8.64
CA SER A 87 16.06 4.63 -8.55
C SER A 87 16.30 3.38 -7.72
N ASP A 88 17.45 2.75 -7.94
CA ASP A 88 17.82 1.54 -7.21
C ASP A 88 18.00 1.83 -5.73
N ALA A 89 18.56 3.01 -5.43
CA ALA A 89 18.79 3.41 -4.05
C ALA A 89 17.49 3.53 -3.28
N PHE A 90 16.45 4.00 -3.95
CA PHE A 90 15.14 4.16 -3.32
C PHE A 90 14.62 2.83 -2.80
N LYS A 91 14.89 1.76 -3.55
CA LYS A 91 14.45 0.42 -3.15
C LYS A 91 14.88 0.10 -1.73
N ALA A 92 16.06 0.58 -1.35
CA ALA A 92 16.58 0.36 0.00
C ALA A 92 15.70 1.02 1.05
N ALA A 93 15.16 2.19 0.70
CA ALA A 93 14.30 2.93 1.62
C ALA A 93 13.02 2.15 1.92
N ALA A 94 12.28 1.80 0.89
CA ALA A 94 11.03 1.06 1.04
C ALA A 94 11.26 -0.20 1.88
N ARG A 95 12.28 -0.98 1.52
CA ARG A 95 12.59 -2.21 2.24
C ARG A 95 13.05 -1.90 3.67
N ASP A 96 13.77 -0.80 3.82
CA ASP A 96 14.27 -0.39 5.13
C ASP A 96 13.13 -0.17 6.11
N ALA A 97 12.08 0.50 5.64
CA ALA A 97 10.92 0.78 6.48
C ALA A 97 10.17 -0.50 6.82
N GLY A 98 10.11 -1.43 5.86
CA GLY A 98 9.42 -2.68 6.09
C GLY A 98 8.38 -2.96 5.02
N ALA A 99 8.66 -2.57 3.79
CA ALA A 99 7.74 -2.78 2.69
C ALA A 99 8.17 -3.97 1.84
N THR A 100 7.20 -4.74 1.36
CA THR A 100 7.47 -5.91 0.53
C THR A 100 7.99 -5.49 -0.84
N GLY A 101 7.12 -4.88 -1.63
CA GLY A 101 7.50 -4.44 -2.96
C GLY A 101 7.10 -3.00 -3.24
N TRP A 102 7.58 -2.46 -4.36
CA TRP A 102 7.26 -1.09 -4.74
C TRP A 102 7.01 -0.99 -6.24
N ILE A 103 6.45 0.14 -6.66
CA ILE A 103 6.15 0.36 -8.08
C ILE A 103 6.38 1.82 -8.46
N GLU A 104 6.40 2.08 -9.76
CA GLU A 104 6.60 3.44 -10.25
C GLU A 104 5.32 4.00 -10.86
N LYS A 105 4.94 5.19 -10.42
CA LYS A 105 3.73 5.84 -10.92
C LYS A 105 3.94 6.39 -12.32
N PRO A 106 2.83 6.64 -13.04
CA PRO A 106 1.48 6.39 -12.52
C PRO A 106 1.18 4.90 -12.38
N ILE A 107 0.00 4.60 -11.85
CA ILE A 107 -0.41 3.21 -11.67
C ILE A 107 -1.54 2.83 -12.62
N ASP A 108 -1.49 1.61 -13.15
CA ASP A 108 -2.50 1.13 -14.08
C ASP A 108 -3.52 0.25 -13.35
N PRO A 109 -4.72 0.15 -13.92
CA PRO A 109 -5.81 -0.66 -13.35
C PRO A 109 -5.53 -2.15 -13.46
N GLY A 110 -4.81 -2.55 -14.51
CA GLY A 110 -4.48 -3.94 -14.71
C GLY A 110 -3.41 -4.43 -13.76
N VAL A 111 -2.44 -3.58 -13.47
CA VAL A 111 -1.36 -3.92 -12.57
C VAL A 111 -1.80 -3.89 -11.12
N LEU A 112 -2.50 -2.82 -10.75
CA LEU A 112 -3.00 -2.65 -9.39
C LEU A 112 -3.86 -3.84 -8.98
N VAL A 113 -4.85 -4.17 -9.81
CA VAL A 113 -5.74 -5.28 -9.53
C VAL A 113 -4.97 -6.60 -9.51
N GLU A 114 -4.22 -6.86 -10.58
CA GLU A 114 -3.44 -8.09 -10.69
C GLU A 114 -2.55 -8.27 -9.47
N LEU A 115 -2.03 -7.16 -8.95
CA LEU A 115 -1.16 -7.20 -7.78
C LEU A 115 -1.90 -7.75 -6.56
N VAL A 116 -3.19 -7.41 -6.47
CA VAL A 116 -4.00 -7.87 -5.35
C VAL A 116 -4.57 -9.27 -5.61
N ALA A 117 -4.89 -9.54 -6.87
CA ALA A 117 -5.43 -10.84 -7.26
C ALA A 117 -4.55 -11.97 -6.75
N THR A 118 -3.26 -11.91 -7.09
CA THR A 118 -2.32 -12.94 -6.67
C THR A 118 -2.40 -13.18 -5.16
N LEU A 119 -2.67 -12.12 -4.41
CA LEU A 119 -2.78 -12.22 -2.96
C LEU A 119 -4.14 -12.77 -2.55
N SER A 120 -5.18 -12.39 -3.30
CA SER A 120 -6.53 -12.85 -3.02
C SER A 120 -6.63 -14.36 -3.14
N GLU A 121 -5.91 -14.92 -4.12
CA GLU A 121 -5.93 -16.36 -4.35
C GLU A 121 -4.66 -17.01 -3.80
N PRO A 122 -4.74 -18.31 -3.49
CA PRO A 122 -3.61 -19.07 -2.95
C PRO A 122 -2.52 -19.29 -4.00
N ALA A 123 -1.54 -20.13 -3.65
CA ALA A 123 -0.44 -20.42 -4.56
C ALA A 123 -0.95 -20.96 -5.89
N ALA A 124 -0.20 -20.70 -6.96
CA ALA A 124 -0.59 -21.15 -8.29
C ALA A 124 0.58 -21.03 -9.26
N ASN A 125 1.72 -21.61 -8.89
CA ASN A 125 2.90 -21.56 -9.73
C ASN A 125 2.67 -22.28 -11.05
N MET A 1 -7.87 -14.36 2.38
CA MET A 1 -9.06 -13.82 1.74
C MET A 1 -9.11 -12.30 1.90
N ILE A 2 -8.96 -11.58 0.79
CA ILE A 2 -9.00 -10.12 0.81
C ILE A 2 -10.33 -9.61 1.36
N ARG A 3 -10.26 -8.93 2.49
CA ARG A 3 -11.46 -8.38 3.12
C ARG A 3 -11.58 -6.88 2.87
N THR A 4 -10.49 -6.16 3.09
CA THR A 4 -10.47 -4.71 2.89
C THR A 4 -9.14 -4.27 2.27
N ILE A 5 -9.12 -3.04 1.76
CA ILE A 5 -7.92 -2.50 1.14
C ILE A 5 -7.76 -1.02 1.47
N LEU A 6 -6.51 -0.58 1.66
CA LEU A 6 -6.22 0.81 1.97
C LEU A 6 -5.26 1.41 0.95
N ALA A 7 -5.54 2.64 0.53
CA ALA A 7 -4.69 3.32 -0.43
C ALA A 7 -4.49 4.78 -0.04
N ILE A 8 -3.32 5.32 -0.37
CA ILE A 8 -3.00 6.71 -0.06
C ILE A 8 -2.22 7.37 -1.20
N ASP A 9 -2.70 8.52 -1.63
CA ASP A 9 -2.05 9.26 -2.71
C ASP A 9 -2.43 10.73 -2.68
N ASP A 10 -1.64 11.55 -3.35
CA ASP A 10 -1.89 12.99 -3.39
C ASP A 10 -2.79 13.35 -4.57
N SER A 11 -2.52 12.74 -5.72
CA SER A 11 -3.29 13.00 -6.93
C SER A 11 -4.70 12.43 -6.80
N ALA A 12 -5.69 13.32 -6.76
CA ALA A 12 -7.08 12.91 -6.64
C ALA A 12 -7.44 11.86 -7.69
N THR A 13 -6.87 12.01 -8.88
CA THR A 13 -7.13 11.08 -9.98
C THR A 13 -6.82 9.64 -9.56
N MET A 14 -5.64 9.44 -8.99
CA MET A 14 -5.22 8.11 -8.55
C MET A 14 -6.10 7.63 -7.39
N ARG A 15 -6.31 8.50 -6.41
CA ARG A 15 -7.13 8.16 -5.25
C ARG A 15 -8.48 7.61 -5.68
N ALA A 16 -9.04 8.19 -6.74
CA ALA A 16 -10.33 7.77 -7.25
C ALA A 16 -10.18 6.54 -8.16
N LEU A 17 -9.17 6.58 -9.03
CA LEU A 17 -8.93 5.48 -9.96
C LEU A 17 -8.78 4.16 -9.21
N LEU A 18 -7.77 4.08 -8.35
CA LEU A 18 -7.52 2.88 -7.57
C LEU A 18 -8.74 2.51 -6.73
N HIS A 19 -9.44 3.52 -6.24
CA HIS A 19 -10.64 3.31 -5.42
C HIS A 19 -11.74 2.65 -6.24
N ALA A 20 -11.87 3.06 -7.50
CA ALA A 20 -12.89 2.51 -8.38
C ALA A 20 -12.49 1.13 -8.89
N THR A 21 -11.24 1.01 -9.36
CA THR A 21 -10.73 -0.25 -9.87
C THR A 21 -10.96 -1.37 -8.88
N LEU A 22 -10.77 -1.09 -7.60
CA LEU A 22 -10.95 -2.08 -6.55
C LEU A 22 -12.43 -2.19 -6.16
N ALA A 23 -13.12 -1.06 -6.19
CA ALA A 23 -14.54 -1.03 -5.83
C ALA A 23 -15.36 -1.89 -6.78
N GLN A 24 -15.18 -1.68 -8.08
CA GLN A 24 -15.92 -2.44 -9.08
C GLN A 24 -15.68 -3.94 -8.90
N ALA A 25 -14.46 -4.31 -8.52
CA ALA A 25 -14.11 -5.70 -8.31
C ALA A 25 -14.86 -6.28 -7.11
N GLY A 26 -15.33 -5.40 -6.24
CA GLY A 26 -16.06 -5.84 -5.06
C GLY A 26 -15.28 -5.59 -3.78
N TYR A 27 -13.96 -5.67 -3.87
CA TYR A 27 -13.10 -5.46 -2.70
C TYR A 27 -13.49 -4.17 -1.98
N GLU A 28 -13.20 -4.12 -0.67
CA GLU A 28 -13.51 -2.96 0.13
C GLU A 28 -12.32 -2.00 0.19
N VAL A 29 -12.11 -1.25 -0.89
CA VAL A 29 -11.01 -0.30 -0.96
C VAL A 29 -11.39 1.04 -0.33
N THR A 30 -10.45 1.64 0.40
CA THR A 30 -10.69 2.92 1.05
C THR A 30 -9.45 3.82 0.96
N VAL A 31 -9.67 5.06 0.57
CA VAL A 31 -8.59 6.03 0.45
C VAL A 31 -8.48 6.90 1.69
N ALA A 32 -7.24 7.15 2.13
CA ALA A 32 -7.01 7.97 3.32
C ALA A 32 -6.69 9.41 2.92
N ALA A 33 -6.39 10.24 3.92
CA ALA A 33 -6.06 11.64 3.68
C ALA A 33 -4.56 11.82 3.44
N ASP A 34 -3.75 11.03 4.13
CA ASP A 34 -2.31 11.11 3.98
C ASP A 34 -1.66 9.78 4.38
N GLY A 35 -0.39 9.63 4.00
CA GLY A 35 0.33 8.40 4.31
C GLY A 35 0.26 8.06 5.79
N GLU A 36 0.22 9.08 6.64
CA GLU A 36 0.15 8.88 8.08
C GLU A 36 -1.25 8.49 8.51
N ALA A 37 -2.24 9.23 8.03
CA ALA A 37 -3.64 8.95 8.37
C ALA A 37 -4.03 7.54 7.95
N GLY A 38 -3.48 7.08 6.83
CA GLY A 38 -3.79 5.75 6.34
C GLY A 38 -3.07 4.67 7.12
N PHE A 39 -1.78 4.87 7.35
CA PHE A 39 -0.99 3.89 8.09
C PHE A 39 -1.45 3.80 9.54
N ASP A 40 -1.63 4.94 10.18
CA ASP A 40 -2.07 4.99 11.57
C ASP A 40 -3.33 4.16 11.76
N LEU A 41 -4.21 4.19 10.77
CA LEU A 41 -5.46 3.44 10.83
C LEU A 41 -5.26 2.00 10.38
N ALA A 42 -4.37 1.81 9.42
CA ALA A 42 -4.07 0.48 8.89
C ALA A 42 -3.66 -0.46 10.01
N ALA A 43 -3.13 0.10 11.10
CA ALA A 43 -2.69 -0.69 12.23
C ALA A 43 -3.85 -0.98 13.19
N THR A 44 -4.82 -0.07 13.22
CA THR A 44 -5.99 -0.22 14.08
C THR A 44 -7.06 -1.08 13.42
N THR A 45 -7.08 -1.06 12.08
CA THR A 45 -8.05 -1.84 11.33
C THR A 45 -7.43 -3.11 10.78
N ALA A 46 -6.15 -3.03 10.38
CA ALA A 46 -5.44 -4.18 9.84
C ALA A 46 -6.06 -4.64 8.53
N TYR A 47 -5.80 -3.90 7.46
CA TYR A 47 -6.34 -4.23 6.14
C TYR A 47 -5.57 -5.40 5.53
N ASP A 48 -6.05 -5.87 4.38
CA ASP A 48 -5.41 -6.97 3.68
C ASP A 48 -4.31 -6.47 2.77
N LEU A 49 -4.52 -5.30 2.16
CA LEU A 49 -3.54 -4.70 1.27
C LEU A 49 -3.50 -3.19 1.43
N VAL A 50 -2.33 -2.66 1.77
CA VAL A 50 -2.15 -1.23 1.96
C VAL A 50 -1.23 -0.64 0.89
N LEU A 51 -1.46 0.62 0.54
CA LEU A 51 -0.66 1.30 -0.47
C LEU A 51 -0.33 2.73 -0.03
N THR A 52 0.94 2.97 0.28
CA THR A 52 1.37 4.29 0.71
C THR A 52 2.23 4.95 -0.36
N ASP A 53 2.39 6.26 -0.25
CA ASP A 53 3.20 7.02 -1.20
C ASP A 53 4.43 7.61 -0.53
N GLN A 54 5.51 7.76 -1.30
CA GLN A 54 6.75 8.30 -0.79
C GLN A 54 6.51 9.64 -0.08
N ASN A 55 7.53 10.14 0.60
CA ASN A 55 7.43 11.41 1.32
C ASN A 55 8.81 11.92 1.71
N MET A 56 8.97 13.24 1.65
CA MET A 56 10.24 13.87 2.00
C MET A 56 10.73 13.40 3.36
N PRO A 57 12.04 13.56 3.62
CA PRO A 57 12.66 13.16 4.88
C PRO A 57 12.22 14.04 6.06
N ARG A 58 11.01 13.77 6.56
CA ARG A 58 10.47 14.53 7.68
C ARG A 58 9.78 13.62 8.69
N LYS A 59 9.25 14.20 9.75
CA LYS A 59 8.57 13.44 10.79
C LYS A 59 7.16 13.06 10.33
N SER A 60 7.08 12.11 9.39
CA SER A 60 5.79 11.66 8.87
C SER A 60 5.30 10.43 9.63
N GLY A 61 4.18 9.88 9.19
CA GLY A 61 3.62 8.71 9.83
C GLY A 61 4.02 7.42 9.14
N LEU A 62 5.22 7.41 8.57
CA LEU A 62 5.72 6.23 7.87
C LEU A 62 6.50 5.33 8.82
N GLU A 63 7.19 5.94 9.78
CA GLU A 63 7.97 5.18 10.75
C GLU A 63 7.12 4.08 11.41
N LEU A 64 5.82 4.35 11.53
CA LEU A 64 4.90 3.39 12.14
C LEU A 64 5.07 2.02 11.50
N ILE A 65 5.41 1.99 10.22
CA ILE A 65 5.60 0.74 9.50
C ILE A 65 6.53 -0.20 10.27
N ALA A 66 7.52 0.38 10.94
CA ALA A 66 8.48 -0.41 11.71
C ALA A 66 7.77 -1.19 12.81
N ALA A 67 6.81 -0.55 13.47
CA ALA A 67 6.07 -1.19 14.54
C ALA A 67 5.25 -2.37 14.02
N LEU A 68 4.76 -2.24 12.79
CA LEU A 68 3.95 -3.29 12.18
C LEU A 68 4.84 -4.41 11.64
N ARG A 69 6.02 -4.03 11.16
CA ARG A 69 6.96 -5.00 10.62
C ARG A 69 7.39 -6.00 11.69
N GLN A 70 7.82 -5.49 12.83
CA GLN A 70 8.25 -6.34 13.93
C GLN A 70 7.15 -7.32 14.33
N LEU A 71 5.90 -6.87 14.24
CA LEU A 71 4.76 -7.71 14.60
C LEU A 71 4.53 -8.78 13.55
N SER A 72 3.97 -9.91 13.98
CA SER A 72 3.69 -11.02 13.08
C SER A 72 2.26 -10.97 12.56
N ALA A 73 1.76 -9.76 12.34
CA ALA A 73 0.40 -9.57 11.85
C ALA A 73 0.41 -8.81 10.53
N TYR A 74 1.37 -7.92 10.36
CA TYR A 74 1.49 -7.13 9.13
C TYR A 74 2.73 -7.52 8.34
N ALA A 75 3.74 -8.02 9.04
CA ALA A 75 4.98 -8.43 8.40
C ALA A 75 4.70 -9.31 7.19
N ASP A 76 3.67 -10.14 7.29
CA ASP A 76 3.30 -11.03 6.20
C ASP A 76 2.41 -10.31 5.19
N THR A 77 1.57 -9.40 5.68
CA THR A 77 0.67 -8.65 4.82
C THR A 77 1.42 -7.98 3.68
N PRO A 78 0.89 -8.11 2.45
CA PRO A 78 1.49 -7.52 1.26
C PRO A 78 1.39 -6.00 1.25
N ILE A 79 2.52 -5.33 1.46
CA ILE A 79 2.56 -3.88 1.47
C ILE A 79 3.32 -3.34 0.26
N LEU A 80 2.67 -2.45 -0.48
CA LEU A 80 3.29 -1.84 -1.65
C LEU A 80 3.42 -0.33 -1.50
N VAL A 81 4.66 0.16 -1.57
CA VAL A 81 4.93 1.58 -1.44
C VAL A 81 5.23 2.21 -2.79
N LEU A 82 4.67 3.40 -3.03
CA LEU A 82 4.89 4.10 -4.28
C LEU A 82 6.18 4.90 -4.24
N THR A 83 6.83 5.03 -5.39
CA THR A 83 8.09 5.77 -5.49
C THR A 83 8.07 6.73 -6.68
N THR A 84 8.98 7.70 -6.65
CA THR A 84 9.07 8.69 -7.73
C THR A 84 10.36 8.52 -8.52
N GLU A 85 11.44 8.19 -7.82
CA GLU A 85 12.73 8.00 -8.46
C GLU A 85 12.77 6.69 -9.24
N GLY A 86 12.82 5.58 -8.51
CA GLY A 86 12.85 4.27 -9.16
C GLY A 86 14.25 3.68 -9.17
N SER A 87 15.02 3.95 -8.13
CA SER A 87 16.39 3.45 -8.04
C SER A 87 16.54 2.53 -6.82
N ASP A 88 17.74 2.01 -6.64
CA ASP A 88 18.02 1.11 -5.51
C ASP A 88 18.07 1.89 -4.20
N ALA A 89 18.58 3.11 -4.26
CA ALA A 89 18.68 3.96 -3.07
C ALA A 89 17.34 4.07 -2.37
N PHE A 90 16.26 4.14 -3.15
CA PHE A 90 14.91 4.25 -2.60
C PHE A 90 14.48 2.91 -1.99
N LYS A 91 14.80 1.82 -2.66
CA LYS A 91 14.44 0.49 -2.19
C LYS A 91 14.89 0.29 -0.75
N ALA A 92 16.05 0.84 -0.42
CA ALA A 92 16.60 0.71 0.93
C ALA A 92 15.63 1.28 1.97
N ALA A 93 15.00 2.40 1.63
CA ALA A 93 14.06 3.04 2.54
C ALA A 93 12.86 2.14 2.80
N ALA A 94 12.17 1.74 1.74
CA ALA A 94 11.00 0.88 1.86
C ALA A 94 11.32 -0.37 2.67
N ARG A 95 12.42 -1.02 2.34
CA ARG A 95 12.84 -2.23 3.04
C ARG A 95 13.18 -1.91 4.50
N ASP A 96 13.76 -0.74 4.73
CA ASP A 96 14.14 -0.32 6.08
C ASP A 96 12.91 -0.18 6.97
N ALA A 97 11.83 0.36 6.39
CA ALA A 97 10.60 0.55 7.13
C ALA A 97 9.91 -0.78 7.42
N GLY A 98 9.99 -1.70 6.46
CA GLY A 98 9.38 -3.00 6.64
C GLY A 98 8.26 -3.26 5.64
N ALA A 99 8.42 -2.72 4.44
CA ALA A 99 7.42 -2.89 3.39
C ALA A 99 7.77 -4.06 2.48
N THR A 100 6.77 -4.89 2.16
CA THR A 100 6.98 -6.04 1.30
C THR A 100 7.65 -5.64 -0.01
N GLY A 101 6.91 -4.92 -0.85
CA GLY A 101 7.46 -4.49 -2.12
C GLY A 101 7.17 -3.02 -2.40
N TRP A 102 7.61 -2.55 -3.55
CA TRP A 102 7.40 -1.16 -3.94
C TRP A 102 6.99 -1.05 -5.40
N ILE A 103 6.49 0.11 -5.79
CA ILE A 103 6.06 0.34 -7.17
C ILE A 103 6.22 1.81 -7.56
N GLU A 104 6.14 2.08 -8.86
CA GLU A 104 6.27 3.44 -9.36
C GLU A 104 4.92 3.98 -9.85
N LYS A 105 4.36 4.91 -9.10
CA LYS A 105 3.07 5.50 -9.46
C LYS A 105 3.23 6.47 -10.63
N PRO A 106 2.11 6.74 -11.31
CA PRO A 106 0.81 6.18 -10.97
C PRO A 106 0.73 4.68 -11.27
N ILE A 107 -0.34 4.04 -10.81
CA ILE A 107 -0.53 2.62 -11.03
C ILE A 107 -1.74 2.36 -11.92
N ASP A 108 -1.60 1.41 -12.84
CA ASP A 108 -2.68 1.05 -13.76
C ASP A 108 -3.66 0.08 -13.10
N PRO A 109 -4.89 0.04 -13.63
CA PRO A 109 -5.95 -0.83 -13.10
C PRO A 109 -5.66 -2.30 -13.39
N GLY A 110 -5.02 -2.57 -14.52
CA GLY A 110 -4.70 -3.94 -14.89
C GLY A 110 -3.60 -4.53 -14.04
N VAL A 111 -2.66 -3.69 -13.63
CA VAL A 111 -1.53 -4.13 -12.81
C VAL A 111 -1.93 -4.21 -11.34
N LEU A 112 -2.64 -3.20 -10.87
CA LEU A 112 -3.09 -3.15 -9.48
C LEU A 112 -3.95 -4.37 -9.15
N VAL A 113 -5.05 -4.51 -9.86
CA VAL A 113 -5.96 -5.63 -9.65
C VAL A 113 -5.23 -6.96 -9.74
N GLU A 114 -4.25 -7.03 -10.64
CA GLU A 114 -3.48 -8.25 -10.82
C GLU A 114 -2.55 -8.49 -9.63
N LEU A 115 -2.00 -7.40 -9.08
CA LEU A 115 -1.10 -7.50 -7.94
C LEU A 115 -1.83 -8.05 -6.72
N VAL A 116 -3.08 -7.65 -6.55
CA VAL A 116 -3.88 -8.12 -5.42
C VAL A 116 -4.53 -9.47 -5.71
N ALA A 117 -4.89 -9.68 -6.98
CA ALA A 117 -5.50 -10.93 -7.39
C ALA A 117 -4.68 -12.13 -6.94
N THR A 118 -3.40 -12.13 -7.29
CA THR A 118 -2.50 -13.21 -6.92
C THR A 118 -2.57 -13.49 -5.42
N LEU A 119 -2.75 -12.44 -4.63
CA LEU A 119 -2.84 -12.59 -3.18
C LEU A 119 -4.21 -13.11 -2.77
N SER A 120 -5.25 -12.59 -3.40
CA SER A 120 -6.62 -13.01 -3.09
C SER A 120 -6.82 -14.49 -3.39
N GLU A 121 -6.34 -14.92 -4.57
CA GLU A 121 -6.46 -16.31 -4.98
C GLU A 121 -5.24 -17.11 -4.56
N PRO A 122 -5.43 -18.43 -4.37
CA PRO A 122 -4.35 -19.33 -3.96
C PRO A 122 -3.32 -19.54 -5.06
N ALA A 123 -2.40 -20.47 -4.84
CA ALA A 123 -1.35 -20.76 -5.82
C ALA A 123 -1.95 -21.03 -7.20
N ALA A 124 -1.19 -20.70 -8.23
CA ALA A 124 -1.65 -20.91 -9.61
C ALA A 124 -0.55 -20.55 -10.60
N ASN A 125 0.64 -21.09 -10.39
CA ASN A 125 1.77 -20.82 -11.27
C ASN A 125 1.46 -21.27 -12.70
N MET A 1 -7.11 -14.06 2.17
CA MET A 1 -8.45 -13.55 1.89
C MET A 1 -8.49 -12.03 2.02
N ILE A 2 -8.44 -11.35 0.89
CA ILE A 2 -8.48 -9.89 0.87
C ILE A 2 -9.78 -9.37 1.48
N ARG A 3 -9.69 -8.84 2.69
CA ARG A 3 -10.86 -8.31 3.38
C ARG A 3 -11.10 -6.86 2.99
N THR A 4 -10.12 -6.00 3.28
CA THR A 4 -10.23 -4.58 2.95
C THR A 4 -8.92 -4.06 2.38
N ILE A 5 -8.96 -2.84 1.83
CA ILE A 5 -7.78 -2.23 1.25
C ILE A 5 -7.71 -0.74 1.59
N LEU A 6 -6.49 -0.24 1.78
CA LEU A 6 -6.28 1.16 2.11
C LEU A 6 -5.30 1.81 1.14
N ALA A 7 -5.64 3.00 0.67
CA ALA A 7 -4.78 3.73 -0.27
C ALA A 7 -4.65 5.20 0.15
N ILE A 8 -3.47 5.76 -0.07
CA ILE A 8 -3.20 7.15 0.29
C ILE A 8 -2.35 7.84 -0.78
N ASP A 9 -2.80 8.99 -1.24
CA ASP A 9 -2.07 9.74 -2.26
C ASP A 9 -2.56 11.19 -2.31
N ASP A 10 -1.87 12.01 -3.08
CA ASP A 10 -2.24 13.42 -3.22
C ASP A 10 -3.22 13.61 -4.37
N SER A 11 -2.86 13.11 -5.55
CA SER A 11 -3.71 13.23 -6.72
C SER A 11 -5.03 12.49 -6.52
N ALA A 12 -6.09 13.26 -6.28
CA ALA A 12 -7.42 12.68 -6.06
C ALA A 12 -7.78 11.73 -7.18
N THR A 13 -7.39 12.06 -8.40
CA THR A 13 -7.69 11.23 -9.57
C THR A 13 -7.06 9.85 -9.42
N MET A 14 -5.89 9.80 -8.80
CA MET A 14 -5.19 8.53 -8.60
C MET A 14 -5.97 7.63 -7.65
N ARG A 15 -6.24 8.14 -6.45
CA ARG A 15 -6.97 7.38 -5.44
C ARG A 15 -8.37 7.02 -5.94
N ALA A 16 -8.95 7.90 -6.74
CA ALA A 16 -10.28 7.69 -7.30
C ALA A 16 -10.25 6.66 -8.42
N LEU A 17 -9.16 6.67 -9.19
CA LEU A 17 -9.01 5.74 -10.30
C LEU A 17 -8.74 4.33 -9.79
N LEU A 18 -8.01 4.22 -8.69
CA LEU A 18 -7.69 2.93 -8.09
C LEU A 18 -8.83 2.43 -7.23
N HIS A 19 -9.51 3.36 -6.55
CA HIS A 19 -10.62 3.01 -5.68
C HIS A 19 -11.75 2.36 -6.48
N ALA A 20 -11.94 2.82 -7.71
CA ALA A 20 -12.98 2.29 -8.57
C ALA A 20 -12.62 0.89 -9.07
N THR A 21 -11.37 0.71 -9.45
CA THR A 21 -10.88 -0.57 -9.95
C THR A 21 -11.14 -1.68 -8.95
N LEU A 22 -10.59 -1.53 -7.75
CA LEU A 22 -10.76 -2.52 -6.69
C LEU A 22 -12.22 -2.63 -6.29
N ALA A 23 -12.93 -1.50 -6.30
CA ALA A 23 -14.35 -1.48 -5.93
C ALA A 23 -15.16 -2.43 -6.81
N GLN A 24 -14.98 -2.31 -8.12
CA GLN A 24 -15.69 -3.15 -9.08
C GLN A 24 -15.40 -4.63 -8.81
N ALA A 25 -14.18 -4.91 -8.37
CA ALA A 25 -13.77 -6.29 -8.09
C ALA A 25 -14.54 -6.84 -6.89
N GLY A 26 -15.07 -5.94 -6.06
CA GLY A 26 -15.81 -6.36 -4.89
C GLY A 26 -15.11 -6.00 -3.59
N TYR A 27 -13.77 -6.02 -3.62
CA TYR A 27 -12.98 -5.69 -2.44
C TYR A 27 -13.42 -4.37 -1.84
N GLU A 28 -13.17 -4.20 -0.54
CA GLU A 28 -13.54 -2.98 0.15
C GLU A 28 -12.34 -2.05 0.29
N VAL A 29 -12.05 -1.31 -0.77
CA VAL A 29 -10.93 -0.38 -0.76
C VAL A 29 -11.35 1.01 -0.29
N THR A 30 -10.47 1.67 0.44
CA THR A 30 -10.76 3.01 0.97
C THR A 30 -9.58 3.94 0.75
N VAL A 31 -9.87 5.24 0.68
CA VAL A 31 -8.83 6.25 0.48
C VAL A 31 -8.78 7.23 1.65
N ALA A 32 -7.57 7.58 2.06
CA ALA A 32 -7.38 8.52 3.16
C ALA A 32 -7.04 9.92 2.65
N ALA A 33 -6.84 10.85 3.57
CA ALA A 33 -6.51 12.23 3.21
C ALA A 33 -5.00 12.43 3.20
N ASP A 34 -4.31 11.77 4.11
CA ASP A 34 -2.86 11.88 4.20
C ASP A 34 -2.23 10.56 4.63
N GLY A 35 -0.96 10.37 4.27
CA GLY A 35 -0.28 9.14 4.63
C GLY A 35 -0.38 8.83 6.12
N GLU A 36 -0.41 9.87 6.93
CA GLU A 36 -0.51 9.70 8.38
C GLU A 36 -1.90 9.19 8.78
N ALA A 37 -2.92 9.86 8.28
CA ALA A 37 -4.30 9.48 8.58
C ALA A 37 -4.58 8.05 8.15
N GLY A 38 -3.96 7.63 7.05
CA GLY A 38 -4.16 6.28 6.55
C GLY A 38 -3.37 5.25 7.33
N PHE A 39 -2.10 5.57 7.61
CA PHE A 39 -1.23 4.66 8.34
C PHE A 39 -1.73 4.49 9.78
N ASP A 40 -2.05 5.60 10.43
CA ASP A 40 -2.54 5.57 11.80
C ASP A 40 -3.75 4.65 11.93
N LEU A 41 -4.59 4.65 10.90
CA LEU A 41 -5.79 3.81 10.90
C LEU A 41 -5.46 2.39 10.46
N ALA A 42 -4.51 2.26 9.53
CA ALA A 42 -4.11 0.96 9.03
C ALA A 42 -3.70 0.03 10.17
N ALA A 43 -3.25 0.62 11.27
CA ALA A 43 -2.83 -0.15 12.44
C ALA A 43 -4.02 -0.48 13.33
N THR A 44 -5.04 0.38 13.30
CA THR A 44 -6.23 0.18 14.12
C THR A 44 -7.22 -0.74 13.41
N THR A 45 -7.17 -0.76 12.09
CA THR A 45 -8.07 -1.60 11.30
C THR A 45 -7.35 -2.83 10.77
N ALA A 46 -6.07 -2.67 10.43
CA ALA A 46 -5.28 -3.77 9.91
C ALA A 46 -5.82 -4.27 8.58
N TYR A 47 -5.73 -3.44 7.55
CA TYR A 47 -6.23 -3.81 6.22
C TYR A 47 -5.39 -4.94 5.63
N ASP A 48 -5.88 -5.50 4.53
CA ASP A 48 -5.19 -6.59 3.85
C ASP A 48 -4.10 -6.05 2.94
N LEU A 49 -4.35 -4.89 2.35
CA LEU A 49 -3.38 -4.26 1.44
C LEU A 49 -3.38 -2.75 1.62
N VAL A 50 -2.19 -2.19 1.86
CA VAL A 50 -2.06 -0.75 2.05
C VAL A 50 -1.19 -0.14 0.95
N LEU A 51 -1.46 1.12 0.64
CA LEU A 51 -0.71 1.84 -0.40
C LEU A 51 -0.25 3.20 0.10
N THR A 52 1.06 3.40 0.15
CA THR A 52 1.62 4.67 0.60
C THR A 52 2.60 5.24 -0.43
N ASP A 53 2.90 6.52 -0.30
CA ASP A 53 3.81 7.18 -1.22
C ASP A 53 5.23 7.24 -0.64
N GLN A 54 5.32 7.53 0.65
CA GLN A 54 6.60 7.62 1.32
C GLN A 54 7.50 8.67 0.66
N ASN A 55 7.07 9.92 0.72
CA ASN A 55 7.84 11.02 0.12
C ASN A 55 8.36 11.96 1.21
N MET A 56 9.65 11.87 1.48
CA MET A 56 10.28 12.72 2.49
C MET A 56 9.66 12.47 3.86
N PRO A 57 9.98 11.32 4.47
CA PRO A 57 9.47 10.94 5.79
C PRO A 57 10.05 11.80 6.91
N ARG A 58 9.22 12.16 7.87
CA ARG A 58 9.66 12.98 8.99
C ARG A 58 9.17 12.39 10.31
N LYS A 59 9.14 11.07 10.40
CA LYS A 59 8.69 10.38 11.60
C LYS A 59 7.24 10.73 11.93
N SER A 60 6.40 10.74 10.90
CA SER A 60 4.99 11.07 11.06
C SER A 60 4.11 10.06 10.31
N GLY A 61 3.58 9.08 11.05
CA GLY A 61 2.73 8.08 10.43
C GLY A 61 3.53 6.97 9.78
N LEU A 62 4.35 7.32 8.81
CA LEU A 62 5.17 6.34 8.11
C LEU A 62 5.97 5.49 9.10
N GLU A 63 6.44 6.12 10.16
CA GLU A 63 7.22 5.43 11.18
C GLU A 63 6.50 4.17 11.66
N LEU A 64 5.16 4.23 11.65
CA LEU A 64 4.35 3.10 12.08
C LEU A 64 4.79 1.81 11.40
N ILE A 65 5.27 1.93 10.17
CA ILE A 65 5.73 0.78 9.41
C ILE A 65 6.71 -0.05 10.22
N ALA A 66 7.57 0.63 10.97
CA ALA A 66 8.57 -0.05 11.80
C ALA A 66 7.90 -0.87 12.90
N ALA A 67 6.79 -0.35 13.42
CA ALA A 67 6.06 -1.03 14.49
C ALA A 67 5.19 -2.15 13.92
N LEU A 68 4.66 -1.93 12.72
CA LEU A 68 3.80 -2.90 12.06
C LEU A 68 4.63 -4.05 11.50
N ARG A 69 5.83 -3.74 11.03
CA ARG A 69 6.72 -4.75 10.47
C ARG A 69 7.16 -5.75 11.54
N GLN A 70 7.66 -5.22 12.66
CA GLN A 70 8.13 -6.06 13.76
C GLN A 70 7.03 -6.99 14.22
N LEU A 71 5.79 -6.52 14.18
CA LEU A 71 4.64 -7.33 14.60
C LEU A 71 4.37 -8.44 13.60
N SER A 72 3.75 -9.52 14.08
CA SER A 72 3.43 -10.65 13.23
C SER A 72 1.99 -10.56 12.72
N ALA A 73 1.53 -9.33 12.47
CA ALA A 73 0.18 -9.11 11.99
C ALA A 73 0.19 -8.36 10.65
N TYR A 74 1.18 -7.50 10.48
CA TYR A 74 1.32 -6.72 9.25
C TYR A 74 2.53 -7.17 8.44
N ALA A 75 3.51 -7.75 9.13
CA ALA A 75 4.72 -8.22 8.48
C ALA A 75 4.40 -9.05 7.25
N ASP A 76 3.31 -9.82 7.33
CA ASP A 76 2.89 -10.67 6.22
C ASP A 76 2.12 -9.85 5.19
N THR A 77 1.34 -8.88 5.65
CA THR A 77 0.55 -8.04 4.77
C THR A 77 1.43 -7.43 3.67
N PRO A 78 1.01 -7.62 2.41
CA PRO A 78 1.73 -7.11 1.25
C PRO A 78 1.63 -5.60 1.13
N ILE A 79 2.72 -4.91 1.49
CA ILE A 79 2.76 -3.46 1.43
C ILE A 79 3.48 -2.98 0.17
N LEU A 80 2.86 -2.03 -0.53
CA LEU A 80 3.44 -1.48 -1.75
C LEU A 80 3.60 0.03 -1.65
N VAL A 81 4.83 0.51 -1.81
CA VAL A 81 5.11 1.94 -1.73
C VAL A 81 5.36 2.52 -3.12
N LEU A 82 4.81 3.71 -3.36
CA LEU A 82 4.97 4.38 -4.64
C LEU A 82 6.29 5.15 -4.71
N THR A 83 6.97 5.05 -5.85
CA THR A 83 8.24 5.73 -6.03
C THR A 83 8.22 6.61 -7.28
N THR A 84 9.17 7.53 -7.37
CA THR A 84 9.26 8.43 -8.51
C THR A 84 10.59 8.25 -9.26
N GLU A 85 11.64 7.97 -8.51
CA GLU A 85 12.96 7.77 -9.10
C GLU A 85 13.04 6.44 -9.84
N GLY A 86 13.04 5.35 -9.09
CA GLY A 86 13.10 4.03 -9.69
C GLY A 86 14.51 3.45 -9.66
N SER A 87 15.26 3.76 -8.61
CA SER A 87 16.63 3.28 -8.46
C SER A 87 16.71 2.25 -7.35
N ASP A 88 17.93 1.79 -7.08
CA ASP A 88 18.15 0.79 -6.03
C ASP A 88 18.19 1.46 -4.66
N ALA A 89 18.77 2.65 -4.59
CA ALA A 89 18.87 3.39 -3.34
C ALA A 89 17.50 3.55 -2.70
N PHE A 90 16.53 3.98 -3.49
CA PHE A 90 15.16 4.19 -3.00
C PHE A 90 14.65 2.94 -2.29
N LYS A 91 14.93 1.78 -2.86
CA LYS A 91 14.50 0.51 -2.29
C LYS A 91 14.99 0.38 -0.85
N ALA A 92 16.20 0.88 -0.60
CA ALA A 92 16.78 0.82 0.74
C ALA A 92 15.86 1.46 1.77
N ALA A 93 15.23 2.56 1.39
CA ALA A 93 14.32 3.27 2.29
C ALA A 93 13.10 2.41 2.63
N ALA A 94 12.33 2.05 1.60
CA ALA A 94 11.14 1.23 1.80
C ALA A 94 11.48 -0.03 2.57
N ARG A 95 12.56 -0.69 2.20
CA ARG A 95 12.99 -1.92 2.87
C ARG A 95 13.41 -1.64 4.31
N ASP A 96 14.04 -0.48 4.52
CA ASP A 96 14.49 -0.09 5.85
C ASP A 96 13.33 0.01 6.82
N ALA A 97 12.22 0.58 6.35
CA ALA A 97 11.03 0.73 7.18
C ALA A 97 10.36 -0.61 7.43
N GLY A 98 10.36 -1.47 6.42
CA GLY A 98 9.74 -2.77 6.54
C GLY A 98 8.62 -2.99 5.55
N ALA A 99 8.78 -2.42 4.36
CA ALA A 99 7.77 -2.56 3.32
C ALA A 99 8.04 -3.77 2.43
N THR A 100 6.99 -4.52 2.13
CA THR A 100 7.12 -5.71 1.30
C THR A 100 7.81 -5.39 -0.03
N GLY A 101 7.11 -4.67 -0.90
CA GLY A 101 7.68 -4.31 -2.19
C GLY A 101 7.35 -2.88 -2.58
N TRP A 102 7.81 -2.47 -3.76
CA TRP A 102 7.57 -1.13 -4.25
C TRP A 102 7.20 -1.14 -5.73
N ILE A 103 6.66 -0.03 -6.22
CA ILE A 103 6.26 0.08 -7.62
C ILE A 103 6.38 1.51 -8.12
N GLU A 104 6.24 1.69 -9.43
CA GLU A 104 6.34 3.02 -10.03
C GLU A 104 4.95 3.56 -10.36
N LYS A 105 4.70 4.82 -10.02
CA LYS A 105 3.42 5.46 -10.29
C LYS A 105 3.50 6.33 -11.53
N PRO A 106 2.34 6.60 -12.14
CA PRO A 106 1.05 6.09 -11.64
C PRO A 106 0.91 4.58 -11.84
N ILE A 107 -0.19 4.03 -11.34
CA ILE A 107 -0.44 2.60 -11.46
C ILE A 107 -1.66 2.33 -12.33
N ASP A 108 -1.55 1.32 -13.20
CA ASP A 108 -2.64 0.96 -14.08
C ASP A 108 -3.71 0.16 -13.34
N PRO A 109 -4.94 0.17 -13.88
CA PRO A 109 -6.07 -0.54 -13.29
C PRO A 109 -5.92 -2.06 -13.40
N GLY A 110 -5.37 -2.51 -14.51
CA GLY A 110 -5.18 -3.93 -14.72
C GLY A 110 -4.07 -4.51 -13.87
N VAL A 111 -2.98 -3.76 -13.74
CA VAL A 111 -1.84 -4.20 -12.94
C VAL A 111 -2.18 -4.21 -11.45
N LEU A 112 -2.77 -3.12 -10.98
CA LEU A 112 -3.16 -3.00 -9.58
C LEU A 112 -4.00 -4.19 -9.13
N VAL A 113 -5.00 -4.55 -9.95
CA VAL A 113 -5.87 -5.67 -9.65
C VAL A 113 -5.10 -6.98 -9.69
N GLU A 114 -4.14 -7.08 -10.59
CA GLU A 114 -3.34 -8.29 -10.73
C GLU A 114 -2.46 -8.49 -9.50
N LEU A 115 -1.90 -7.40 -8.99
CA LEU A 115 -1.03 -7.47 -7.82
C LEU A 115 -1.79 -7.99 -6.61
N VAL A 116 -3.07 -7.63 -6.52
CA VAL A 116 -3.91 -8.07 -5.41
C VAL A 116 -4.49 -9.45 -5.66
N ALA A 117 -4.81 -9.73 -6.92
CA ALA A 117 -5.37 -11.01 -7.31
C ALA A 117 -4.50 -12.16 -6.80
N THR A 118 -3.21 -12.11 -7.13
CA THR A 118 -2.28 -13.14 -6.70
C THR A 118 -2.37 -13.39 -5.21
N LEU A 119 -2.66 -12.33 -4.45
CA LEU A 119 -2.77 -12.43 -3.00
C LEU A 119 -4.15 -12.95 -2.60
N SER A 120 -5.17 -12.56 -3.35
CA SER A 120 -6.54 -12.98 -3.07
C SER A 120 -6.70 -14.48 -3.32
N GLU A 121 -6.24 -14.92 -4.49
CA GLU A 121 -6.34 -16.34 -4.85
C GLU A 121 -5.00 -17.05 -4.65
N PRO A 122 -5.06 -18.37 -4.46
CA PRO A 122 -3.86 -19.19 -4.25
C PRO A 122 -3.02 -19.31 -5.51
N ALA A 123 -2.01 -20.18 -5.47
CA ALA A 123 -1.13 -20.40 -6.61
C ALA A 123 -1.93 -20.74 -7.87
N ALA A 124 -1.40 -20.35 -9.02
CA ALA A 124 -2.07 -20.62 -10.29
C ALA A 124 -1.20 -20.18 -11.47
N ASN A 125 0.04 -20.65 -11.49
CA ASN A 125 0.97 -20.31 -12.55
C ASN A 125 0.45 -20.80 -13.90
N MET A 1 -7.41 -14.24 3.30
CA MET A 1 -8.26 -13.70 2.24
C MET A 1 -8.36 -12.19 2.36
N ILE A 2 -8.23 -11.50 1.24
CA ILE A 2 -8.32 -10.04 1.21
C ILE A 2 -9.63 -9.56 1.84
N ARG A 3 -9.54 -9.10 3.08
CA ARG A 3 -10.72 -8.61 3.79
C ARG A 3 -10.96 -7.14 3.48
N THR A 4 -9.88 -6.38 3.37
CA THR A 4 -9.98 -4.95 3.08
C THR A 4 -8.76 -4.46 2.32
N ILE A 5 -8.76 -3.18 1.95
CA ILE A 5 -7.64 -2.59 1.23
C ILE A 5 -7.46 -1.12 1.60
N LEU A 6 -6.22 -0.67 1.61
CA LEU A 6 -5.90 0.71 1.95
C LEU A 6 -5.01 1.34 0.89
N ALA A 7 -5.42 2.51 0.40
CA ALA A 7 -4.65 3.22 -0.62
C ALA A 7 -4.50 4.69 -0.27
N ILE A 8 -3.32 5.24 -0.52
CA ILE A 8 -3.05 6.64 -0.22
C ILE A 8 -2.25 7.30 -1.35
N ASP A 9 -2.64 8.51 -1.71
CA ASP A 9 -1.95 9.25 -2.77
C ASP A 9 -2.31 10.73 -2.71
N ASP A 10 -1.58 11.54 -3.48
CA ASP A 10 -1.81 12.97 -3.52
C ASP A 10 -2.45 13.39 -4.85
N SER A 11 -3.42 12.60 -5.30
CA SER A 11 -4.10 12.88 -6.56
C SER A 11 -5.53 12.36 -6.53
N ALA A 12 -6.50 13.28 -6.51
CA ALA A 12 -7.90 12.91 -6.49
C ALA A 12 -8.23 11.92 -7.60
N THR A 13 -7.58 12.10 -8.75
CA THR A 13 -7.81 11.22 -9.89
C THR A 13 -7.38 9.79 -9.59
N MET A 14 -6.15 9.64 -9.11
CA MET A 14 -5.61 8.32 -8.78
C MET A 14 -6.38 7.71 -7.61
N ARG A 15 -6.57 8.50 -6.56
CA ARG A 15 -7.29 8.03 -5.38
C ARG A 15 -8.65 7.43 -5.76
N ALA A 16 -9.29 8.02 -6.77
CA ALA A 16 -10.58 7.55 -7.23
C ALA A 16 -10.42 6.39 -8.20
N LEU A 17 -9.46 6.52 -9.11
CA LEU A 17 -9.20 5.48 -10.10
C LEU A 17 -8.93 4.13 -9.43
N LEU A 18 -7.87 4.07 -8.64
CA LEU A 18 -7.50 2.85 -7.94
C LEU A 18 -8.66 2.34 -7.09
N HIS A 19 -9.21 3.23 -6.26
CA HIS A 19 -10.32 2.87 -5.38
C HIS A 19 -11.46 2.23 -6.19
N ALA A 20 -11.75 2.81 -7.34
CA ALA A 20 -12.81 2.29 -8.20
C ALA A 20 -12.41 0.95 -8.82
N THR A 21 -11.18 0.88 -9.31
CA THR A 21 -10.68 -0.34 -9.94
C THR A 21 -10.90 -1.55 -9.03
N LEU A 22 -10.66 -1.37 -7.73
CA LEU A 22 -10.83 -2.45 -6.76
C LEU A 22 -12.29 -2.52 -6.31
N ALA A 23 -12.93 -1.36 -6.19
CA ALA A 23 -14.32 -1.30 -5.76
C ALA A 23 -15.21 -2.15 -6.65
N GLN A 24 -15.13 -1.92 -7.96
CA GLN A 24 -15.94 -2.67 -8.92
C GLN A 24 -15.72 -4.16 -8.77
N ALA A 25 -14.48 -4.54 -8.45
CA ALA A 25 -14.13 -5.95 -8.27
C ALA A 25 -14.85 -6.54 -7.05
N GLY A 26 -15.27 -5.67 -6.14
CA GLY A 26 -15.96 -6.12 -4.94
C GLY A 26 -15.16 -5.84 -3.68
N TYR A 27 -13.84 -5.88 -3.80
CA TYR A 27 -12.97 -5.65 -2.65
C TYR A 27 -13.37 -4.36 -1.93
N GLU A 28 -13.06 -4.29 -0.64
CA GLU A 28 -13.38 -3.12 0.17
C GLU A 28 -12.15 -2.27 0.41
N VAL A 29 -11.99 -1.23 -0.40
CA VAL A 29 -10.84 -0.33 -0.28
C VAL A 29 -11.21 0.90 0.54
N THR A 30 -10.18 1.56 1.09
CA THR A 30 -10.39 2.76 1.90
C THR A 30 -9.28 3.77 1.66
N VAL A 31 -9.62 4.88 1.02
CA VAL A 31 -8.66 5.93 0.74
C VAL A 31 -8.70 7.03 1.80
N ALA A 32 -7.53 7.52 2.20
CA ALA A 32 -7.44 8.56 3.21
C ALA A 32 -7.04 9.89 2.59
N ALA A 33 -6.85 10.90 3.43
CA ALA A 33 -6.46 12.22 2.96
C ALA A 33 -4.96 12.31 2.72
N ASP A 34 -4.20 11.62 3.57
CA ASP A 34 -2.74 11.62 3.45
C ASP A 34 -2.16 10.29 3.94
N GLY A 35 -0.88 10.09 3.67
CA GLY A 35 -0.22 8.86 4.09
C GLY A 35 -0.23 8.67 5.58
N GLU A 36 -0.16 9.79 6.32
CA GLU A 36 -0.15 9.74 7.77
C GLU A 36 -1.50 9.27 8.31
N ALA A 37 -2.57 9.81 7.76
CA ALA A 37 -3.92 9.45 8.18
C ALA A 37 -4.24 8.00 7.80
N GLY A 38 -3.72 7.57 6.66
CA GLY A 38 -3.97 6.21 6.21
C GLY A 38 -3.19 5.18 7.01
N PHE A 39 -1.91 5.44 7.21
CA PHE A 39 -1.05 4.53 7.96
C PHE A 39 -1.50 4.45 9.42
N ASP A 40 -1.85 5.59 9.99
CA ASP A 40 -2.29 5.66 11.38
C ASP A 40 -3.50 4.75 11.60
N LEU A 41 -4.39 4.72 10.62
CA LEU A 41 -5.59 3.89 10.71
C LEU A 41 -5.29 2.45 10.30
N ALA A 42 -4.38 2.29 9.34
CA ALA A 42 -4.01 0.96 8.87
C ALA A 42 -3.58 0.07 10.02
N ALA A 43 -3.09 0.68 11.09
CA ALA A 43 -2.64 -0.07 12.27
C ALA A 43 -3.80 -0.37 13.20
N THR A 44 -4.82 0.49 13.18
CA THR A 44 -5.99 0.32 14.03
C THR A 44 -7.01 -0.61 13.37
N THR A 45 -7.00 -0.65 12.04
CA THR A 45 -7.92 -1.51 11.30
C THR A 45 -7.21 -2.76 10.79
N ALA A 46 -5.96 -2.61 10.40
CA ALA A 46 -5.17 -3.73 9.90
C ALA A 46 -5.76 -4.27 8.60
N TYR A 47 -5.33 -3.71 7.47
CA TYR A 47 -5.81 -4.13 6.16
C TYR A 47 -4.94 -5.25 5.60
N ASP A 48 -5.35 -5.77 4.44
CA ASP A 48 -4.60 -6.84 3.79
C ASP A 48 -3.56 -6.27 2.83
N LEU A 49 -3.90 -5.16 2.18
CA LEU A 49 -2.99 -4.51 1.24
C LEU A 49 -2.98 -3.00 1.45
N VAL A 50 -1.78 -2.45 1.59
CA VAL A 50 -1.62 -1.02 1.80
C VAL A 50 -0.77 -0.39 0.69
N LEU A 51 -1.17 0.77 0.23
CA LEU A 51 -0.45 1.48 -0.83
C LEU A 51 -0.05 2.88 -0.38
N THR A 52 1.24 3.09 -0.18
CA THR A 52 1.75 4.39 0.25
C THR A 52 2.58 5.03 -0.84
N ASP A 53 2.45 6.35 -0.98
CA ASP A 53 3.20 7.09 -1.99
C ASP A 53 4.22 8.01 -1.33
N GLN A 54 3.85 8.58 -0.18
CA GLN A 54 4.74 9.48 0.54
C GLN A 54 6.11 8.85 0.74
N ASN A 55 7.10 9.69 1.08
CA ASN A 55 8.45 9.21 1.30
C ASN A 55 9.17 10.08 2.33
N MET A 56 10.39 9.68 2.68
CA MET A 56 11.18 10.43 3.65
C MET A 56 10.44 10.57 4.97
N PRO A 57 10.35 9.48 5.73
CA PRO A 57 9.66 9.46 7.02
C PRO A 57 10.40 10.26 8.09
N ARG A 58 10.00 11.51 8.27
CA ARG A 58 10.63 12.38 9.25
C ARG A 58 9.74 12.55 10.48
N LYS A 59 8.43 12.59 10.26
CA LYS A 59 7.48 12.74 11.34
C LYS A 59 6.49 11.58 11.36
N SER A 60 5.45 11.71 12.19
CA SER A 60 4.43 10.67 12.29
C SER A 60 3.89 10.28 10.92
N GLY A 61 3.30 9.09 10.85
CA GLY A 61 2.76 8.62 9.59
C GLY A 61 3.53 7.43 9.03
N LEU A 62 4.29 7.66 7.97
CA LEU A 62 5.08 6.60 7.34
C LEU A 62 5.93 5.87 8.37
N GLU A 63 6.41 6.61 9.36
CA GLU A 63 7.24 6.03 10.42
C GLU A 63 6.56 4.81 11.03
N LEU A 64 5.23 4.81 11.04
CA LEU A 64 4.46 3.71 11.60
C LEU A 64 4.92 2.38 11.03
N ILE A 65 5.34 2.39 9.75
CA ILE A 65 5.82 1.19 9.09
C ILE A 65 6.86 0.48 9.94
N ALA A 66 7.75 1.25 10.56
CA ALA A 66 8.81 0.69 11.40
C ALA A 66 8.22 -0.02 12.61
N ALA A 67 7.13 0.52 13.14
CA ALA A 67 6.46 -0.07 14.29
C ALA A 67 5.64 -1.29 13.90
N LEU A 68 5.08 -1.26 12.69
CA LEU A 68 4.27 -2.36 12.20
C LEU A 68 5.15 -3.52 11.73
N ARG A 69 6.32 -3.18 11.19
CA ARG A 69 7.26 -4.19 10.70
C ARG A 69 7.72 -5.09 11.84
N GLN A 70 8.20 -4.48 12.92
CA GLN A 70 8.67 -5.22 14.08
C GLN A 70 7.60 -6.16 14.60
N LEU A 71 6.34 -5.73 14.52
CA LEU A 71 5.22 -6.53 14.99
C LEU A 71 4.97 -7.72 14.06
N SER A 72 4.41 -8.79 14.62
CA SER A 72 4.14 -9.99 13.84
C SER A 72 2.70 -9.98 13.33
N ALA A 73 2.21 -8.80 12.98
CA ALA A 73 0.85 -8.65 12.48
C ALA A 73 0.84 -8.03 11.09
N TYR A 74 1.80 -7.16 10.83
CA TYR A 74 1.91 -6.49 9.53
C TYR A 74 3.14 -6.97 8.78
N ALA A 75 4.15 -7.42 9.51
CA ALA A 75 5.38 -7.91 8.92
C ALA A 75 5.09 -8.87 7.77
N ASP A 76 4.03 -9.67 7.93
CA ASP A 76 3.66 -10.63 6.92
C ASP A 76 2.80 -9.98 5.83
N THR A 77 1.99 -9.01 6.23
CA THR A 77 1.12 -8.30 5.30
C THR A 77 1.93 -7.67 4.17
N PRO A 78 1.47 -7.85 2.93
CA PRO A 78 2.13 -7.31 1.74
C PRO A 78 2.01 -5.78 1.67
N ILE A 79 3.15 -5.10 1.77
CA ILE A 79 3.18 -3.65 1.71
C ILE A 79 3.85 -3.16 0.43
N LEU A 80 3.08 -2.48 -0.42
CA LEU A 80 3.62 -1.96 -1.67
C LEU A 80 3.78 -0.44 -1.60
N VAL A 81 5.03 0.03 -1.73
CA VAL A 81 5.32 1.45 -1.69
C VAL A 81 5.61 2.00 -3.08
N LEU A 82 5.00 3.13 -3.40
CA LEU A 82 5.20 3.75 -4.71
C LEU A 82 6.45 4.61 -4.72
N THR A 83 7.17 4.61 -5.84
CA THR A 83 8.39 5.39 -5.98
C THR A 83 8.33 6.27 -7.22
N THR A 84 9.23 7.25 -7.27
CA THR A 84 9.29 8.18 -8.40
C THR A 84 10.63 8.08 -9.11
N GLU A 85 11.69 7.85 -8.34
CA GLU A 85 13.03 7.75 -8.89
C GLU A 85 13.23 6.40 -9.57
N GLY A 86 12.85 5.33 -8.87
CA GLY A 86 12.99 3.99 -9.42
C GLY A 86 14.43 3.54 -9.46
N SER A 87 15.12 3.63 -8.33
CA SER A 87 16.52 3.24 -8.24
C SER A 87 16.72 2.19 -7.14
N ASP A 88 17.74 1.37 -7.30
CA ASP A 88 18.05 0.33 -6.32
C ASP A 88 18.14 0.92 -4.92
N ALA A 89 18.97 1.95 -4.76
CA ALA A 89 19.15 2.59 -3.47
C ALA A 89 17.80 2.99 -2.86
N PHE A 90 16.87 3.40 -3.72
CA PHE A 90 15.55 3.80 -3.27
C PHE A 90 14.82 2.64 -2.58
N LYS A 91 15.04 1.43 -3.10
CA LYS A 91 14.41 0.25 -2.54
C LYS A 91 14.87 0.00 -1.11
N ALA A 92 16.15 0.28 -0.85
CA ALA A 92 16.72 0.10 0.48
C ALA A 92 15.95 0.90 1.52
N ALA A 93 15.50 2.09 1.12
CA ALA A 93 14.74 2.95 2.03
C ALA A 93 13.43 2.31 2.43
N ALA A 94 12.56 2.06 1.45
CA ALA A 94 11.27 1.45 1.69
C ALA A 94 11.42 0.17 2.51
N ARG A 95 12.37 -0.67 2.11
CA ARG A 95 12.61 -1.93 2.81
C ARG A 95 13.13 -1.68 4.21
N ASP A 96 13.94 -0.64 4.37
CA ASP A 96 14.50 -0.30 5.67
C ASP A 96 13.42 0.15 6.64
N ALA A 97 12.43 0.87 6.12
CA ALA A 97 11.32 1.36 6.94
C ALA A 97 10.45 0.21 7.43
N GLY A 98 10.26 -0.79 6.57
CA GLY A 98 9.45 -1.94 6.93
C GLY A 98 8.42 -2.28 5.87
N ALA A 99 8.86 -2.30 4.61
CA ALA A 99 7.97 -2.62 3.50
C ALA A 99 8.35 -3.93 2.84
N THR A 100 7.40 -4.56 2.17
CA THR A 100 7.65 -5.82 1.48
C THR A 100 8.11 -5.60 0.04
N GLY A 101 7.32 -4.83 -0.71
CA GLY A 101 7.67 -4.55 -2.09
C GLY A 101 7.42 -3.10 -2.46
N TRP A 102 7.82 -2.72 -3.67
CA TRP A 102 7.63 -1.36 -4.15
C TRP A 102 7.15 -1.35 -5.60
N ILE A 103 6.66 -0.20 -6.05
CA ILE A 103 6.17 -0.05 -7.41
C ILE A 103 6.35 1.37 -7.91
N GLU A 104 6.14 1.57 -9.21
CA GLU A 104 6.28 2.89 -9.81
C GLU A 104 4.91 3.49 -10.11
N LYS A 105 4.67 4.70 -9.60
CA LYS A 105 3.41 5.40 -9.81
C LYS A 105 3.47 6.25 -11.08
N PRO A 106 2.28 6.55 -11.64
CA PRO A 106 1.01 6.10 -11.07
C PRO A 106 0.80 4.60 -11.22
N ILE A 107 -0.30 4.10 -10.66
CA ILE A 107 -0.62 2.67 -10.74
C ILE A 107 -1.72 2.41 -11.75
N ASP A 108 -1.61 1.30 -12.47
CA ASP A 108 -2.60 0.92 -13.47
C ASP A 108 -3.72 0.10 -12.85
N PRO A 109 -4.88 0.08 -13.52
CA PRO A 109 -6.05 -0.66 -13.05
C PRO A 109 -5.85 -2.17 -13.13
N GLY A 110 -5.15 -2.62 -14.17
CA GLY A 110 -4.91 -4.04 -14.34
C GLY A 110 -3.77 -4.54 -13.48
N VAL A 111 -2.78 -3.68 -13.26
CA VAL A 111 -1.62 -4.04 -12.44
C VAL A 111 -1.99 -4.06 -10.95
N LEU A 112 -2.90 -3.18 -10.56
CA LEU A 112 -3.32 -3.10 -9.17
C LEU A 112 -4.26 -4.25 -8.82
N VAL A 113 -5.08 -4.66 -9.79
CA VAL A 113 -6.01 -5.76 -9.57
C VAL A 113 -5.31 -7.11 -9.71
N GLU A 114 -4.40 -7.21 -10.66
CA GLU A 114 -3.65 -8.44 -10.89
C GLU A 114 -2.66 -8.69 -9.75
N LEU A 115 -2.13 -7.62 -9.19
CA LEU A 115 -1.17 -7.73 -8.09
C LEU A 115 -1.86 -8.19 -6.80
N VAL A 116 -3.07 -7.70 -6.59
CA VAL A 116 -3.84 -8.06 -5.40
C VAL A 116 -4.56 -9.39 -5.59
N ALA A 117 -4.98 -9.67 -6.82
CA ALA A 117 -5.68 -10.90 -7.14
C ALA A 117 -4.89 -12.11 -6.64
N THR A 118 -3.62 -12.21 -7.06
CA THR A 118 -2.77 -13.31 -6.67
C THR A 118 -2.76 -13.49 -5.15
N LEU A 119 -2.90 -12.38 -4.44
CA LEU A 119 -2.90 -12.41 -2.98
C LEU A 119 -4.24 -12.94 -2.45
N SER A 120 -5.32 -12.59 -3.15
CA SER A 120 -6.65 -13.04 -2.75
C SER A 120 -6.86 -14.52 -3.08
N GLU A 121 -6.59 -14.87 -4.34
CA GLU A 121 -6.75 -16.25 -4.78
C GLU A 121 -5.41 -16.84 -5.22
N PRO A 122 -5.29 -18.17 -5.14
CA PRO A 122 -4.07 -18.88 -5.52
C PRO A 122 -3.84 -18.87 -7.03
N ALA A 123 -2.69 -19.38 -7.45
CA ALA A 123 -2.36 -19.43 -8.88
C ALA A 123 -3.48 -20.07 -9.68
N ALA A 124 -3.60 -19.65 -10.94
CA ALA A 124 -4.63 -20.19 -11.83
C ALA A 124 -4.49 -19.64 -13.24
N ASN A 125 -3.25 -19.56 -13.71
CA ASN A 125 -2.97 -19.06 -15.05
C ASN A 125 -3.79 -19.80 -16.09
N MET A 1 -7.13 -13.84 1.84
CA MET A 1 -8.50 -13.39 1.69
C MET A 1 -8.59 -11.87 1.80
N ILE A 2 -8.52 -11.19 0.67
CA ILE A 2 -8.60 -9.73 0.64
C ILE A 2 -9.97 -9.25 1.08
N ARG A 3 -10.08 -8.79 2.32
CA ARG A 3 -11.34 -8.30 2.86
C ARG A 3 -11.43 -6.78 2.73
N THR A 4 -10.46 -6.09 3.31
CA THR A 4 -10.43 -4.64 3.27
C THR A 4 -9.12 -4.13 2.68
N ILE A 5 -9.12 -2.88 2.22
CA ILE A 5 -7.93 -2.28 1.63
C ILE A 5 -7.85 -0.79 1.95
N LEU A 6 -6.66 -0.32 2.29
CA LEU A 6 -6.45 1.09 2.62
C LEU A 6 -5.47 1.73 1.65
N ALA A 7 -5.78 2.95 1.22
CA ALA A 7 -4.92 3.68 0.29
C ALA A 7 -4.80 5.15 0.69
N ILE A 8 -3.69 5.77 0.31
CA ILE A 8 -3.45 7.17 0.62
C ILE A 8 -2.78 7.89 -0.54
N ASP A 9 -3.44 8.95 -1.02
CA ASP A 9 -2.90 9.72 -2.14
C ASP A 9 -3.41 11.15 -2.09
N ASP A 10 -2.71 12.05 -2.78
CA ASP A 10 -3.09 13.46 -2.81
C ASP A 10 -3.86 13.78 -4.10
N SER A 11 -3.46 13.15 -5.19
CA SER A 11 -4.10 13.37 -6.49
C SER A 11 -5.52 12.83 -6.48
N ALA A 12 -6.50 13.73 -6.58
CA ALA A 12 -7.90 13.33 -6.60
C ALA A 12 -8.17 12.29 -7.68
N THR A 13 -7.59 12.50 -8.86
CA THR A 13 -7.78 11.59 -9.97
C THR A 13 -7.21 10.21 -9.66
N MET A 14 -6.07 10.19 -8.95
CA MET A 14 -5.43 8.94 -8.58
C MET A 14 -6.21 8.24 -7.47
N ARG A 15 -6.74 9.02 -6.54
CA ARG A 15 -7.51 8.47 -5.43
C ARG A 15 -8.78 7.79 -5.93
N ALA A 16 -9.39 8.37 -6.96
CA ALA A 16 -10.61 7.82 -7.53
C ALA A 16 -10.30 6.61 -8.40
N LEU A 17 -9.32 6.74 -9.28
CA LEU A 17 -8.94 5.65 -10.18
C LEU A 17 -8.65 4.38 -9.38
N LEU A 18 -7.65 4.45 -8.51
CA LEU A 18 -7.27 3.30 -7.69
C LEU A 18 -8.47 2.78 -6.90
N HIS A 19 -9.17 3.68 -6.23
CA HIS A 19 -10.33 3.31 -5.44
C HIS A 19 -11.35 2.55 -6.29
N ALA A 20 -11.46 2.95 -7.55
CA ALA A 20 -12.40 2.30 -8.46
C ALA A 20 -11.88 0.93 -8.91
N THR A 21 -10.57 0.86 -9.15
CA THR A 21 -9.95 -0.40 -9.58
C THR A 21 -10.32 -1.54 -8.64
N LEU A 22 -9.98 -1.39 -7.37
CA LEU A 22 -10.26 -2.42 -6.37
C LEU A 22 -11.77 -2.53 -6.13
N ALA A 23 -12.46 -1.40 -6.19
CA ALA A 23 -13.90 -1.37 -5.99
C ALA A 23 -14.61 -2.27 -6.98
N GLN A 24 -14.32 -2.09 -8.26
CA GLN A 24 -14.95 -2.91 -9.31
C GLN A 24 -14.67 -4.39 -9.08
N ALA A 25 -13.48 -4.69 -8.55
CA ALA A 25 -13.11 -6.07 -8.28
C ALA A 25 -13.95 -6.67 -7.16
N GLY A 26 -14.55 -5.80 -6.35
CA GLY A 26 -15.38 -6.27 -5.25
C GLY A 26 -14.78 -5.92 -3.90
N TYR A 27 -13.46 -5.92 -3.82
CA TYR A 27 -12.76 -5.62 -2.57
C TYR A 27 -13.23 -4.29 -2.00
N GLU A 28 -13.11 -4.13 -0.68
CA GLU A 28 -13.52 -2.90 -0.02
C GLU A 28 -12.32 -2.00 0.23
N VAL A 29 -12.00 -1.15 -0.75
CA VAL A 29 -10.88 -0.24 -0.63
C VAL A 29 -11.34 1.13 -0.15
N THR A 30 -10.56 1.74 0.74
CA THR A 30 -10.89 3.06 1.27
C THR A 30 -9.67 3.98 1.22
N VAL A 31 -9.89 5.19 0.70
CA VAL A 31 -8.82 6.18 0.60
C VAL A 31 -8.84 7.14 1.78
N ALA A 32 -7.65 7.47 2.30
CA ALA A 32 -7.54 8.38 3.42
C ALA A 32 -7.24 9.80 2.96
N ALA A 33 -7.14 10.72 3.90
CA ALA A 33 -6.86 12.12 3.58
C ALA A 33 -5.37 12.40 3.66
N ASP A 34 -4.69 11.75 4.60
CA ASP A 34 -3.26 11.94 4.77
C ASP A 34 -2.58 10.61 5.12
N GLY A 35 -1.32 10.47 4.69
CA GLY A 35 -0.59 9.25 4.97
C GLY A 35 -0.60 8.88 6.43
N GLU A 36 -0.65 9.88 7.30
CA GLU A 36 -0.66 9.65 8.74
C GLU A 36 -1.98 9.03 9.17
N ALA A 37 -3.08 9.61 8.70
CA ALA A 37 -4.41 9.11 9.05
C ALA A 37 -4.62 7.71 8.49
N GLY A 38 -4.06 7.44 7.32
CA GLY A 38 -4.20 6.13 6.71
C GLY A 38 -3.50 5.04 7.49
N PHE A 39 -2.23 5.28 7.82
CA PHE A 39 -1.44 4.31 8.58
C PHE A 39 -1.97 4.16 9.99
N ASP A 40 -2.23 5.28 10.65
CA ASP A 40 -2.74 5.27 12.01
C ASP A 40 -3.98 4.38 12.12
N LEU A 41 -4.79 4.38 11.07
CA LEU A 41 -6.01 3.57 11.05
C LEU A 41 -5.72 2.16 10.55
N ALA A 42 -4.69 2.03 9.71
CA ALA A 42 -4.29 0.74 9.17
C ALA A 42 -3.83 -0.20 10.28
N ALA A 43 -3.30 0.37 11.36
CA ALA A 43 -2.82 -0.42 12.48
C ALA A 43 -3.93 -0.67 13.50
N THR A 44 -4.87 0.28 13.58
CA THR A 44 -5.97 0.17 14.51
C THR A 44 -7.09 -0.71 13.94
N THR A 45 -7.18 -0.76 12.62
CA THR A 45 -8.20 -1.56 11.95
C THR A 45 -7.60 -2.83 11.37
N ALA A 46 -6.36 -2.73 10.89
CA ALA A 46 -5.68 -3.88 10.31
C ALA A 46 -6.37 -4.34 9.03
N TYR A 47 -5.99 -3.74 7.91
CA TYR A 47 -6.59 -4.08 6.62
C TYR A 47 -5.82 -5.23 5.97
N ASP A 48 -6.26 -5.62 4.78
CA ASP A 48 -5.63 -6.70 4.04
C ASP A 48 -4.50 -6.17 3.16
N LEU A 49 -4.67 -4.95 2.66
CA LEU A 49 -3.67 -4.33 1.80
C LEU A 49 -3.58 -2.83 2.07
N VAL A 50 -2.37 -2.35 2.34
CA VAL A 50 -2.16 -0.94 2.60
C VAL A 50 -1.35 -0.28 1.49
N LEU A 51 -1.61 1.00 1.24
CA LEU A 51 -0.90 1.74 0.20
C LEU A 51 -0.48 3.12 0.70
N THR A 52 0.82 3.33 0.82
CA THR A 52 1.35 4.61 1.28
C THR A 52 2.45 5.13 0.35
N ASP A 53 2.50 6.43 0.18
CA ASP A 53 3.50 7.06 -0.69
C ASP A 53 4.81 7.27 0.07
N GLN A 54 5.88 7.55 -0.68
CA GLN A 54 7.18 7.77 -0.08
C GLN A 54 8.02 8.73 -0.94
N ASN A 55 8.07 9.99 -0.54
CA ASN A 55 8.83 10.99 -1.27
C ASN A 55 9.63 11.88 -0.31
N MET A 56 10.61 11.27 0.36
CA MET A 56 11.44 12.01 1.30
C MET A 56 10.60 12.62 2.41
N PRO A 57 10.04 11.77 3.27
CA PRO A 57 9.21 12.21 4.40
C PRO A 57 10.01 12.92 5.48
N ARG A 58 9.36 13.84 6.19
CA ARG A 58 10.02 14.60 7.24
C ARG A 58 9.25 14.47 8.56
N LYS A 59 7.93 14.50 8.47
CA LYS A 59 7.07 14.40 9.64
C LYS A 59 5.82 13.58 9.34
N SER A 60 6.02 12.35 8.88
CA SER A 60 4.92 11.46 8.55
C SER A 60 4.91 10.24 9.48
N GLY A 61 3.83 9.46 9.39
CA GLY A 61 3.72 8.27 10.22
C GLY A 61 4.03 6.99 9.47
N LEU A 62 4.99 7.08 8.55
CA LEU A 62 5.40 5.93 7.76
C LEU A 62 6.28 4.99 8.57
N GLU A 63 6.98 5.55 9.55
CA GLU A 63 7.88 4.76 10.39
C GLU A 63 7.15 3.55 10.97
N LEU A 64 5.83 3.67 11.10
CA LEU A 64 5.02 2.59 11.64
C LEU A 64 5.33 1.27 10.94
N ILE A 65 5.73 1.36 9.67
CA ILE A 65 6.06 0.17 8.89
C ILE A 65 6.99 -0.75 9.66
N ALA A 66 7.89 -0.16 10.44
CA ALA A 66 8.84 -0.93 11.23
C ALA A 66 8.14 -1.67 12.36
N ALA A 67 7.19 -1.00 13.00
CA ALA A 67 6.44 -1.59 14.10
C ALA A 67 5.48 -2.66 13.59
N LEU A 68 4.90 -2.43 12.42
CA LEU A 68 3.97 -3.38 11.83
C LEU A 68 4.70 -4.61 11.30
N ARG A 69 5.91 -4.40 10.78
CA ARG A 69 6.72 -5.50 10.26
C ARG A 69 7.16 -6.43 11.37
N GLN A 70 7.74 -5.87 12.41
CA GLN A 70 8.22 -6.65 13.55
C GLN A 70 7.09 -7.50 14.14
N LEU A 71 5.88 -6.95 14.12
CA LEU A 71 4.72 -7.65 14.66
C LEU A 71 4.33 -8.82 13.75
N SER A 72 3.68 -9.82 14.33
CA SER A 72 3.26 -11.00 13.58
C SER A 72 1.80 -10.86 13.15
N ALA A 73 1.39 -9.63 12.86
CA ALA A 73 0.02 -9.36 12.43
C ALA A 73 0.00 -8.69 11.06
N TYR A 74 1.02 -7.88 10.78
CA TYR A 74 1.11 -7.18 9.51
C TYR A 74 2.27 -7.71 8.67
N ALA A 75 3.23 -8.33 9.34
CA ALA A 75 4.40 -8.89 8.66
C ALA A 75 3.97 -9.72 7.45
N ASP A 76 2.90 -10.47 7.60
CA ASP A 76 2.39 -11.31 6.52
C ASP A 76 1.61 -10.48 5.51
N THR A 77 0.90 -9.46 6.00
CA THR A 77 0.12 -8.58 5.14
C THR A 77 1.00 -7.89 4.10
N PRO A 78 0.54 -7.91 2.84
CA PRO A 78 1.27 -7.29 1.73
C PRO A 78 1.27 -5.77 1.81
N ILE A 79 2.43 -5.17 1.55
CA ILE A 79 2.57 -3.72 1.60
C ILE A 79 3.21 -3.18 0.32
N LEU A 80 2.56 -2.20 -0.29
CA LEU A 80 3.06 -1.59 -1.52
C LEU A 80 3.24 -0.09 -1.36
N VAL A 81 4.48 0.37 -1.50
CA VAL A 81 4.78 1.80 -1.38
C VAL A 81 5.00 2.43 -2.74
N LEU A 82 4.39 3.60 -2.95
CA LEU A 82 4.51 4.31 -4.22
C LEU A 82 5.77 5.18 -4.22
N THR A 83 6.32 5.42 -5.42
CA THR A 83 7.51 6.23 -5.55
C THR A 83 7.57 6.89 -6.92
N THR A 84 8.39 7.93 -7.04
CA THR A 84 8.53 8.66 -8.30
C THR A 84 9.84 8.29 -9.00
N GLU A 85 10.87 8.03 -8.22
CA GLU A 85 12.18 7.67 -8.77
C GLU A 85 12.52 6.22 -8.44
N GLY A 86 12.69 5.40 -9.48
CA GLY A 86 13.01 4.01 -9.28
C GLY A 86 14.49 3.78 -9.04
N SER A 87 15.03 4.46 -8.04
CA SER A 87 16.45 4.34 -7.70
C SER A 87 16.70 3.11 -6.84
N ASP A 88 17.82 2.44 -7.08
CA ASP A 88 18.17 1.24 -6.34
C ASP A 88 18.36 1.56 -4.85
N ALA A 89 18.91 2.74 -4.57
CA ALA A 89 19.13 3.17 -3.20
C ALA A 89 17.83 3.27 -2.43
N PHE A 90 16.80 3.78 -3.09
CA PHE A 90 15.48 3.92 -2.47
C PHE A 90 14.93 2.56 -2.04
N LYS A 91 15.16 1.55 -2.86
CA LYS A 91 14.69 0.20 -2.56
C LYS A 91 15.12 -0.24 -1.17
N ALA A 92 16.31 0.17 -0.76
CA ALA A 92 16.84 -0.18 0.55
C ALA A 92 15.96 0.40 1.65
N ALA A 93 15.40 1.59 1.42
CA ALA A 93 14.54 2.23 2.39
C ALA A 93 13.25 1.45 2.60
N ALA A 94 12.47 1.30 1.53
CA ALA A 94 11.21 0.56 1.60
C ALA A 94 11.42 -0.81 2.23
N ARG A 95 12.47 -1.50 1.81
CA ARG A 95 12.77 -2.83 2.33
C ARG A 95 13.22 -2.75 3.79
N ASP A 96 13.94 -1.69 4.12
CA ASP A 96 14.44 -1.49 5.48
C ASP A 96 13.28 -1.42 6.47
N ALA A 97 12.22 -0.70 6.07
CA ALA A 97 11.05 -0.55 6.93
C ALA A 97 10.33 -1.88 7.13
N GLY A 98 10.32 -2.70 6.08
CA GLY A 98 9.66 -4.00 6.16
C GLY A 98 8.47 -4.09 5.24
N ALA A 99 8.59 -3.52 4.04
CA ALA A 99 7.51 -3.55 3.07
C ALA A 99 7.73 -4.66 2.04
N THR A 100 6.65 -5.35 1.67
CA THR A 100 6.73 -6.43 0.70
C THR A 100 7.43 -5.97 -0.57
N GLY A 101 6.82 -5.01 -1.27
CA GLY A 101 7.39 -4.50 -2.50
C GLY A 101 6.99 -3.07 -2.78
N TRP A 102 7.57 -2.49 -3.83
CA TRP A 102 7.26 -1.11 -4.19
C TRP A 102 7.12 -0.98 -5.70
N ILE A 103 6.54 0.14 -6.14
CA ILE A 103 6.34 0.39 -7.56
C ILE A 103 6.53 1.87 -7.89
N GLU A 104 6.77 2.16 -9.16
CA GLU A 104 6.97 3.54 -9.61
C GLU A 104 5.78 4.01 -10.45
N LYS A 105 5.24 5.17 -10.11
CA LYS A 105 4.10 5.74 -10.83
C LYS A 105 4.54 6.26 -12.19
N PRO A 106 3.57 6.42 -13.10
CA PRO A 106 2.16 6.10 -12.83
C PRO A 106 1.93 4.60 -12.69
N ILE A 107 0.80 4.24 -12.07
CA ILE A 107 0.45 2.84 -11.88
C ILE A 107 -0.77 2.45 -12.70
N ASP A 108 -0.71 1.28 -13.33
CA ASP A 108 -1.81 0.79 -14.15
C ASP A 108 -2.85 0.08 -13.28
N PRO A 109 -4.12 0.11 -13.75
CA PRO A 109 -5.23 -0.52 -13.04
C PRO A 109 -5.14 -2.05 -13.06
N GLY A 110 -4.64 -2.60 -14.16
CA GLY A 110 -4.51 -4.03 -14.29
C GLY A 110 -3.41 -4.60 -13.41
N VAL A 111 -2.30 -3.86 -13.31
CA VAL A 111 -1.17 -4.29 -12.50
C VAL A 111 -1.50 -4.21 -11.02
N LEU A 112 -1.96 -3.04 -10.58
CA LEU A 112 -2.31 -2.82 -9.19
C LEU A 112 -3.24 -3.92 -8.69
N VAL A 113 -4.16 -4.34 -9.53
CA VAL A 113 -5.11 -5.39 -9.18
C VAL A 113 -4.45 -6.77 -9.21
N GLU A 114 -3.44 -6.91 -10.04
CA GLU A 114 -2.72 -8.18 -10.17
C GLU A 114 -1.91 -8.47 -8.90
N LEU A 115 -1.21 -7.45 -8.41
CA LEU A 115 -0.39 -7.59 -7.22
C LEU A 115 -1.23 -8.11 -6.04
N VAL A 116 -2.45 -7.61 -5.94
CA VAL A 116 -3.36 -8.02 -4.88
C VAL A 116 -4.09 -9.31 -5.23
N ALA A 117 -4.36 -9.50 -6.52
CA ALA A 117 -5.04 -10.69 -6.99
C ALA A 117 -4.24 -11.95 -6.66
N THR A 118 -2.97 -11.95 -7.05
CA THR A 118 -2.09 -13.09 -6.80
C THR A 118 -2.16 -13.52 -5.35
N LEU A 119 -2.36 -12.56 -4.45
CA LEU A 119 -2.45 -12.85 -3.02
C LEU A 119 -3.87 -13.23 -2.62
N SER A 120 -4.84 -12.59 -3.27
CA SER A 120 -6.24 -12.86 -2.98
C SER A 120 -6.58 -14.33 -3.23
N GLU A 121 -6.08 -14.86 -4.34
CA GLU A 121 -6.33 -16.25 -4.70
C GLU A 121 -5.09 -17.10 -4.48
N PRO A 122 -5.29 -18.40 -4.25
CA PRO A 122 -4.21 -19.36 -4.02
C PRO A 122 -3.36 -19.59 -5.27
N ALA A 123 -2.47 -20.57 -5.20
CA ALA A 123 -1.60 -20.90 -6.32
C ALA A 123 -2.43 -21.28 -7.55
N ALA A 124 -1.90 -20.98 -8.73
CA ALA A 124 -2.57 -21.30 -9.97
C ALA A 124 -1.61 -21.27 -11.15
N ASN A 125 -0.79 -20.23 -11.22
CA ASN A 125 0.19 -20.08 -12.29
C ASN A 125 1.07 -18.86 -12.08
N MET A 1 -8.24 -14.83 1.34
CA MET A 1 -9.12 -13.97 0.55
C MET A 1 -9.22 -12.58 1.19
N ILE A 2 -8.71 -11.57 0.49
CA ILE A 2 -8.74 -10.21 0.97
C ILE A 2 -10.15 -9.81 1.40
N ARG A 3 -10.25 -8.97 2.42
CA ARG A 3 -11.54 -8.50 2.92
C ARG A 3 -11.62 -6.98 2.87
N THR A 4 -10.50 -6.32 3.14
CA THR A 4 -10.46 -4.86 3.14
C THR A 4 -9.13 -4.36 2.58
N ILE A 5 -9.13 -3.13 2.09
CA ILE A 5 -7.93 -2.52 1.53
C ILE A 5 -7.86 -1.03 1.83
N LEU A 6 -6.65 -0.51 1.98
CA LEU A 6 -6.45 0.91 2.27
C LEU A 6 -5.38 1.50 1.37
N ALA A 7 -5.66 2.68 0.82
CA ALA A 7 -4.71 3.35 -0.06
C ALA A 7 -4.58 4.82 0.31
N ILE A 8 -3.45 5.42 -0.07
CA ILE A 8 -3.20 6.83 0.23
C ILE A 8 -2.51 7.52 -0.94
N ASP A 9 -3.24 8.39 -1.62
CA ASP A 9 -2.70 9.12 -2.76
C ASP A 9 -2.90 10.62 -2.59
N ASP A 10 -2.24 11.40 -3.44
CA ASP A 10 -2.34 12.85 -3.39
C ASP A 10 -3.36 13.37 -4.41
N SER A 11 -3.12 13.05 -5.68
CA SER A 11 -4.01 13.49 -6.75
C SER A 11 -5.44 13.06 -6.48
N ALA A 12 -6.36 14.01 -6.56
CA ALA A 12 -7.78 13.74 -6.31
C ALA A 12 -8.30 12.67 -7.26
N THR A 13 -7.93 12.77 -8.54
CA THR A 13 -8.35 11.82 -9.55
C THR A 13 -7.83 10.42 -9.24
N MET A 14 -6.59 10.35 -8.75
CA MET A 14 -5.97 9.07 -8.41
C MET A 14 -6.69 8.42 -7.25
N ARG A 15 -6.93 9.19 -6.20
CA ARG A 15 -7.61 8.69 -5.02
C ARG A 15 -8.92 7.99 -5.39
N ALA A 16 -9.61 8.54 -6.39
CA ALA A 16 -10.88 7.98 -6.84
C ALA A 16 -10.64 6.84 -7.82
N LEU A 17 -9.71 7.04 -8.75
CA LEU A 17 -9.39 6.02 -9.75
C LEU A 17 -9.05 4.70 -9.08
N LEU A 18 -7.98 4.69 -8.29
CA LEU A 18 -7.55 3.49 -7.58
C LEU A 18 -8.66 2.95 -6.69
N HIS A 19 -9.43 3.86 -6.09
CA HIS A 19 -10.53 3.47 -5.22
C HIS A 19 -11.60 2.73 -5.99
N ALA A 20 -11.83 3.14 -7.23
CA ALA A 20 -12.83 2.50 -8.07
C ALA A 20 -12.33 1.16 -8.61
N THR A 21 -11.04 1.10 -8.94
CA THR A 21 -10.44 -0.12 -9.47
C THR A 21 -10.73 -1.31 -8.56
N LEU A 22 -10.27 -1.23 -7.32
CA LEU A 22 -10.49 -2.30 -6.35
C LEU A 22 -11.96 -2.43 -6.00
N ALA A 23 -12.65 -1.29 -5.92
CA ALA A 23 -14.07 -1.28 -5.60
C ALA A 23 -14.86 -2.15 -6.57
N GLN A 24 -14.68 -1.91 -7.86
CA GLN A 24 -15.38 -2.67 -8.88
C GLN A 24 -15.06 -4.16 -8.78
N ALA A 25 -13.82 -4.46 -8.38
CA ALA A 25 -13.39 -5.84 -8.24
C ALA A 25 -14.10 -6.52 -7.08
N GLY A 26 -14.64 -5.72 -6.16
CA GLY A 26 -15.35 -6.27 -5.02
C GLY A 26 -14.66 -5.93 -3.70
N TYR A 27 -13.34 -5.86 -3.74
CA TYR A 27 -12.57 -5.56 -2.54
C TYR A 27 -13.05 -4.26 -1.90
N GLU A 28 -12.84 -4.14 -0.58
CA GLU A 28 -13.25 -2.95 0.15
C GLU A 28 -12.09 -1.97 0.31
N VAL A 29 -11.79 -1.24 -0.76
CA VAL A 29 -10.70 -0.28 -0.74
C VAL A 29 -11.16 1.06 -0.16
N THR A 30 -10.32 1.64 0.70
CA THR A 30 -10.65 2.92 1.32
C THR A 30 -9.47 3.87 1.27
N VAL A 31 -9.75 5.16 1.10
CA VAL A 31 -8.71 6.17 1.03
C VAL A 31 -8.74 7.08 2.25
N ALA A 32 -7.56 7.42 2.76
CA ALA A 32 -7.44 8.28 3.93
C ALA A 32 -7.05 9.70 3.52
N ALA A 33 -6.85 10.56 4.52
CA ALA A 33 -6.46 11.94 4.27
C ALA A 33 -5.00 12.04 3.86
N ASP A 34 -4.13 11.31 4.56
CA ASP A 34 -2.71 11.33 4.26
C ASP A 34 -2.07 9.99 4.62
N GLY A 35 -0.78 9.86 4.34
CA GLY A 35 -0.07 8.63 4.65
C GLY A 35 -0.14 8.26 6.11
N GLU A 36 -0.16 9.28 6.97
CA GLU A 36 -0.23 9.05 8.41
C GLU A 36 -1.62 8.60 8.84
N ALA A 37 -2.63 9.32 8.36
CA ALA A 37 -4.02 8.99 8.69
C ALA A 37 -4.37 7.57 8.23
N GLY A 38 -3.80 7.16 7.11
CA GLY A 38 -4.06 5.82 6.59
C GLY A 38 -3.32 4.75 7.35
N PHE A 39 -2.00 4.93 7.51
CA PHE A 39 -1.17 3.97 8.22
C PHE A 39 -1.61 3.84 9.68
N ASP A 40 -1.93 4.97 10.29
CA ASP A 40 -2.35 4.99 11.69
C ASP A 40 -3.58 4.12 11.89
N LEU A 41 -4.55 4.23 10.97
CA LEU A 41 -5.78 3.45 11.05
C LEU A 41 -5.53 2.01 10.60
N ALA A 42 -4.65 1.84 9.62
CA ALA A 42 -4.32 0.51 9.10
C ALA A 42 -3.85 -0.40 10.22
N ALA A 43 -3.32 0.19 11.28
CA ALA A 43 -2.83 -0.60 12.42
C ALA A 43 -3.97 -0.92 13.39
N THR A 44 -4.96 -0.04 13.44
CA THR A 44 -6.12 -0.23 14.32
C THR A 44 -7.16 -1.12 13.68
N THR A 45 -7.21 -1.11 12.34
CA THR A 45 -8.17 -1.92 11.60
C THR A 45 -7.51 -3.18 11.05
N ALA A 46 -6.25 -3.05 10.64
CA ALA A 46 -5.51 -4.17 10.09
C ALA A 46 -6.13 -4.65 8.78
N TYR A 47 -5.76 -3.99 7.69
CA TYR A 47 -6.29 -4.35 6.37
C TYR A 47 -5.46 -5.46 5.73
N ASP A 48 -5.97 -6.01 4.63
CA ASP A 48 -5.27 -7.08 3.93
C ASP A 48 -4.17 -6.52 3.03
N LEU A 49 -4.43 -5.35 2.45
CA LEU A 49 -3.47 -4.70 1.57
C LEU A 49 -3.44 -3.19 1.82
N VAL A 50 -2.22 -2.64 1.84
CA VAL A 50 -2.05 -1.21 2.06
C VAL A 50 -1.25 -0.57 0.94
N LEU A 51 -1.66 0.62 0.52
CA LEU A 51 -0.99 1.34 -0.55
C LEU A 51 -0.56 2.73 -0.09
N THR A 52 0.75 2.92 0.07
CA THR A 52 1.29 4.20 0.50
C THR A 52 2.24 4.78 -0.54
N ASP A 53 2.52 6.08 -0.44
CA ASP A 53 3.42 6.74 -1.37
C ASP A 53 4.45 7.58 -0.61
N GLN A 54 5.56 7.87 -1.28
CA GLN A 54 6.63 8.67 -0.67
C GLN A 54 6.45 10.15 -0.98
N ASN A 55 6.90 11.01 -0.08
CA ASN A 55 6.79 12.45 -0.25
C ASN A 55 7.66 13.19 0.76
N MET A 56 8.67 13.89 0.26
CA MET A 56 9.58 14.64 1.12
C MET A 56 10.35 13.71 2.05
N PRO A 57 11.47 14.21 2.59
CA PRO A 57 12.30 13.44 3.51
C PRO A 57 11.64 13.21 4.86
N ARG A 58 10.89 14.22 5.32
CA ARG A 58 10.21 14.13 6.60
C ARG A 58 8.85 13.44 6.44
N LYS A 59 8.63 12.40 7.23
CA LYS A 59 7.36 11.66 7.17
C LYS A 59 6.45 12.06 8.32
N SER A 60 5.24 11.51 8.34
CA SER A 60 4.27 11.81 9.37
C SER A 60 3.85 10.54 10.11
N GLY A 61 3.49 9.51 9.35
CA GLY A 61 3.07 8.25 9.95
C GLY A 61 3.58 7.06 9.17
N LEU A 62 4.76 7.19 8.59
CA LEU A 62 5.36 6.09 7.82
C LEU A 62 6.15 5.17 8.72
N GLU A 63 6.79 5.74 9.74
CA GLU A 63 7.59 4.96 10.68
C GLU A 63 6.78 3.78 11.23
N LEU A 64 5.47 3.97 11.32
CA LEU A 64 4.59 2.92 11.83
C LEU A 64 4.86 1.59 11.15
N ILE A 65 5.23 1.66 9.86
CA ILE A 65 5.53 0.45 9.10
C ILE A 65 6.49 -0.45 9.84
N ALA A 66 7.49 0.15 10.47
CA ALA A 66 8.49 -0.60 11.22
C ALA A 66 7.86 -1.31 12.42
N ALA A 67 6.87 -0.66 13.03
CA ALA A 67 6.18 -1.24 14.18
C ALA A 67 5.25 -2.37 13.76
N LEU A 68 4.67 -2.23 12.57
CA LEU A 68 3.75 -3.25 12.05
C LEU A 68 4.53 -4.43 11.46
N ARG A 69 5.67 -4.13 10.86
CA ARG A 69 6.50 -5.17 10.26
C ARG A 69 7.06 -6.11 11.32
N GLN A 70 7.62 -5.53 12.38
CA GLN A 70 8.19 -6.32 13.47
C GLN A 70 7.15 -7.28 14.04
N LEU A 71 5.90 -6.85 14.06
CA LEU A 71 4.82 -7.68 14.58
C LEU A 71 4.49 -8.82 13.62
N SER A 72 3.89 -9.88 14.15
CA SER A 72 3.53 -11.04 13.33
C SER A 72 2.07 -10.94 12.89
N ALA A 73 1.62 -9.72 12.62
CA ALA A 73 0.25 -9.50 12.18
C ALA A 73 0.21 -8.78 10.84
N TYR A 74 1.20 -7.93 10.60
CA TYR A 74 1.29 -7.18 9.35
C TYR A 74 2.46 -7.65 8.50
N ALA A 75 3.46 -8.23 9.16
CA ALA A 75 4.65 -8.73 8.48
C ALA A 75 4.26 -9.58 7.28
N ASP A 76 3.21 -10.37 7.44
CA ASP A 76 2.74 -11.24 6.37
C ASP A 76 1.97 -10.44 5.31
N THR A 77 1.24 -9.43 5.77
CA THR A 77 0.46 -8.60 4.86
C THR A 77 1.33 -8.02 3.75
N PRO A 78 0.90 -8.25 2.50
CA PRO A 78 1.63 -7.78 1.32
C PRO A 78 1.55 -6.26 1.17
N ILE A 79 2.53 -5.56 1.75
CA ILE A 79 2.57 -4.11 1.68
C ILE A 79 3.17 -3.64 0.35
N LEU A 80 2.54 -2.63 -0.24
CA LEU A 80 3.01 -2.09 -1.51
C LEU A 80 3.15 -0.57 -1.43
N VAL A 81 4.39 -0.10 -1.56
CA VAL A 81 4.66 1.34 -1.51
C VAL A 81 5.02 1.88 -2.89
N LEU A 82 4.65 3.13 -3.13
CA LEU A 82 4.94 3.77 -4.42
C LEU A 82 6.21 4.61 -4.33
N THR A 83 6.89 4.75 -5.47
CA THR A 83 8.12 5.52 -5.53
C THR A 83 8.15 6.42 -6.75
N THR A 84 9.07 7.39 -6.76
CA THR A 84 9.18 8.33 -7.87
C THR A 84 10.27 7.88 -8.84
N GLU A 85 11.45 7.60 -8.31
CA GLU A 85 12.57 7.16 -9.15
C GLU A 85 12.81 5.67 -8.99
N GLY A 86 13.05 4.98 -10.11
CA GLY A 86 13.29 3.55 -10.07
C GLY A 86 14.73 3.22 -9.74
N SER A 87 15.21 3.72 -8.60
CA SER A 87 16.57 3.48 -8.17
C SER A 87 16.62 2.38 -7.11
N ASP A 88 17.68 1.59 -7.13
CA ASP A 88 17.84 0.51 -6.17
C ASP A 88 18.05 1.05 -4.76
N ALA A 89 18.75 2.17 -4.66
CA ALA A 89 19.02 2.79 -3.36
C ALA A 89 17.73 3.02 -2.60
N PHE A 90 16.66 3.36 -3.31
CA PHE A 90 15.36 3.60 -2.70
C PHE A 90 14.78 2.31 -2.12
N LYS A 91 15.00 1.21 -2.83
CA LYS A 91 14.50 -0.09 -2.38
C LYS A 91 14.90 -0.36 -0.94
N ALA A 92 16.11 0.08 -0.57
CA ALA A 92 16.62 -0.12 0.77
C ALA A 92 15.71 0.53 1.81
N ALA A 93 15.14 1.68 1.45
CA ALA A 93 14.24 2.40 2.33
C ALA A 93 12.95 1.64 2.58
N ALA A 94 12.21 1.39 1.51
CA ALA A 94 10.96 0.66 1.61
C ALA A 94 11.15 -0.70 2.29
N ARG A 95 12.30 -1.31 2.03
CA ARG A 95 12.61 -2.61 2.61
C ARG A 95 13.01 -2.47 4.08
N ASP A 96 13.69 -1.37 4.40
CA ASP A 96 14.13 -1.11 5.76
C ASP A 96 12.94 -0.76 6.65
N ALA A 97 11.99 -0.02 6.10
CA ALA A 97 10.81 0.39 6.84
C ALA A 97 10.00 -0.83 7.29
N GLY A 98 9.95 -1.85 6.45
CA GLY A 98 9.22 -3.06 6.78
C GLY A 98 8.13 -3.36 5.77
N ALA A 99 8.39 -3.04 4.51
CA ALA A 99 7.43 -3.29 3.44
C ALA A 99 7.79 -4.55 2.66
N THR A 100 6.83 -5.07 1.90
CA THR A 100 7.04 -6.27 1.10
C THR A 100 7.55 -5.91 -0.29
N GLY A 101 6.75 -5.14 -1.02
CA GLY A 101 7.14 -4.75 -2.37
C GLY A 101 6.88 -3.28 -2.64
N TRP A 102 7.37 -2.79 -3.76
CA TRP A 102 7.20 -1.39 -4.14
C TRP A 102 6.92 -1.26 -5.63
N ILE A 103 6.42 -0.09 -6.04
CA ILE A 103 6.12 0.16 -7.43
C ILE A 103 6.42 1.61 -7.81
N GLU A 104 6.37 1.90 -9.10
CA GLU A 104 6.64 3.25 -9.59
C GLU A 104 5.35 3.94 -10.02
N LYS A 105 5.00 5.01 -9.32
CA LYS A 105 3.79 5.76 -9.62
C LYS A 105 3.99 6.67 -10.83
N PRO A 106 2.89 7.03 -11.49
CA PRO A 106 1.54 6.62 -11.09
C PRO A 106 1.31 5.13 -11.33
N ILE A 107 0.14 4.64 -10.90
CA ILE A 107 -0.21 3.24 -11.08
C ILE A 107 -1.38 3.08 -12.04
N ASP A 108 -1.40 1.98 -12.77
CA ASP A 108 -2.48 1.71 -13.72
C ASP A 108 -3.56 0.85 -13.08
N PRO A 109 -4.77 0.89 -13.67
CA PRO A 109 -5.91 0.12 -13.17
C PRO A 109 -5.75 -1.38 -13.38
N GLY A 110 -5.08 -1.75 -14.48
CA GLY A 110 -4.86 -3.15 -14.78
C GLY A 110 -3.75 -3.75 -13.95
N VAL A 111 -2.74 -2.95 -13.64
CA VAL A 111 -1.60 -3.41 -12.85
C VAL A 111 -1.95 -3.44 -11.36
N LEU A 112 -2.82 -2.52 -10.94
CA LEU A 112 -3.22 -2.44 -9.55
C LEU A 112 -4.14 -3.61 -9.18
N VAL A 113 -4.95 -4.05 -10.14
CA VAL A 113 -5.86 -5.16 -9.92
C VAL A 113 -5.14 -6.50 -10.01
N GLU A 114 -4.27 -6.62 -11.02
CA GLU A 114 -3.51 -7.85 -11.21
C GLU A 114 -2.51 -8.07 -10.08
N LEU A 115 -1.99 -6.96 -9.56
CA LEU A 115 -1.02 -7.03 -8.47
C LEU A 115 -1.67 -7.53 -7.18
N VAL A 116 -2.90 -7.08 -6.93
CA VAL A 116 -3.63 -7.49 -5.73
C VAL A 116 -4.29 -8.84 -5.94
N ALA A 117 -4.72 -9.12 -7.16
CA ALA A 117 -5.37 -10.38 -7.49
C ALA A 117 -4.54 -11.57 -7.00
N THR A 118 -3.28 -11.61 -7.43
CA THR A 118 -2.38 -12.69 -7.05
C THR A 118 -2.36 -12.87 -5.54
N LEU A 119 -2.46 -11.76 -4.81
CA LEU A 119 -2.45 -11.81 -3.35
C LEU A 119 -3.77 -12.36 -2.82
N SER A 120 -4.87 -11.98 -3.46
CA SER A 120 -6.19 -12.43 -3.03
C SER A 120 -6.30 -13.96 -3.13
N GLU A 121 -5.65 -14.52 -4.15
CA GLU A 121 -5.68 -15.96 -4.35
C GLU A 121 -4.63 -16.65 -3.49
N PRO A 122 -4.82 -17.96 -3.26
CA PRO A 122 -3.89 -18.77 -2.45
C PRO A 122 -2.54 -18.97 -3.13
N ALA A 123 -1.71 -19.81 -2.53
CA ALA A 123 -0.38 -20.09 -3.08
C ALA A 123 -0.47 -20.50 -4.55
N ALA A 124 0.51 -20.07 -5.34
CA ALA A 124 0.54 -20.39 -6.76
C ALA A 124 1.90 -20.04 -7.37
N ASN A 125 2.97 -20.40 -6.66
CA ASN A 125 4.32 -20.13 -7.13
C ASN A 125 4.55 -20.73 -8.52
N MET A 1 -6.99 -14.01 1.63
CA MET A 1 -8.39 -13.59 1.53
C MET A 1 -8.51 -12.08 1.67
N ILE A 2 -8.30 -11.36 0.57
CA ILE A 2 -8.40 -9.91 0.57
C ILE A 2 -9.73 -9.45 1.13
N ARG A 3 -9.71 -8.92 2.35
CA ARG A 3 -10.92 -8.44 2.99
C ARG A 3 -11.11 -6.94 2.76
N THR A 4 -10.06 -6.17 3.02
CA THR A 4 -10.10 -4.73 2.84
C THR A 4 -8.82 -4.21 2.18
N ILE A 5 -8.86 -2.97 1.71
CA ILE A 5 -7.71 -2.37 1.07
C ILE A 5 -7.63 -0.87 1.38
N LEU A 6 -6.41 -0.34 1.42
CA LEU A 6 -6.20 1.07 1.70
C LEU A 6 -5.23 1.68 0.70
N ALA A 7 -5.61 2.82 0.13
CA ALA A 7 -4.77 3.51 -0.85
C ALA A 7 -4.61 4.99 -0.48
N ILE A 8 -3.37 5.39 -0.24
CA ILE A 8 -3.08 6.78 0.10
C ILE A 8 -2.36 7.50 -1.04
N ASP A 9 -3.07 8.40 -1.70
CA ASP A 9 -2.49 9.16 -2.80
C ASP A 9 -2.79 10.65 -2.65
N ASP A 10 -2.19 11.46 -3.50
CA ASP A 10 -2.38 12.90 -3.47
C ASP A 10 -3.30 13.36 -4.60
N SER A 11 -3.12 12.76 -5.78
CA SER A 11 -3.92 13.11 -6.94
C SER A 11 -5.34 12.58 -6.79
N ALA A 12 -6.31 13.49 -6.78
CA ALA A 12 -7.71 13.12 -6.64
C ALA A 12 -8.10 12.06 -7.67
N THR A 13 -7.53 12.17 -8.87
CA THR A 13 -7.81 11.22 -9.94
C THR A 13 -7.34 9.82 -9.57
N MET A 14 -6.14 9.72 -9.02
CA MET A 14 -5.58 8.44 -8.62
C MET A 14 -6.38 7.83 -7.47
N ARG A 15 -6.62 8.62 -6.43
CA ARG A 15 -7.37 8.16 -5.27
C ARG A 15 -8.70 7.54 -5.70
N ALA A 16 -9.30 8.12 -6.74
CA ALA A 16 -10.57 7.63 -7.24
C ALA A 16 -10.38 6.45 -8.19
N LEU A 17 -9.31 6.52 -8.99
CA LEU A 17 -9.01 5.45 -9.95
C LEU A 17 -8.79 4.13 -9.24
N LEU A 18 -7.79 4.08 -8.36
CA LEU A 18 -7.47 2.87 -7.62
C LEU A 18 -8.67 2.44 -6.76
N HIS A 19 -9.39 3.41 -6.24
CA HIS A 19 -10.56 3.14 -5.41
C HIS A 19 -11.67 2.48 -6.22
N ALA A 20 -11.84 2.95 -7.45
CA ALA A 20 -12.87 2.41 -8.34
C ALA A 20 -12.46 1.04 -8.87
N THR A 21 -11.24 0.94 -9.39
CA THR A 21 -10.74 -0.31 -9.93
C THR A 21 -10.92 -1.46 -8.94
N LEU A 22 -10.69 -1.16 -7.66
CA LEU A 22 -10.83 -2.16 -6.61
C LEU A 22 -12.28 -2.30 -6.17
N ALA A 23 -12.99 -1.17 -6.13
CA ALA A 23 -14.40 -1.16 -5.73
C ALA A 23 -15.23 -2.05 -6.64
N GLN A 24 -15.10 -1.86 -7.94
CA GLN A 24 -15.85 -2.65 -8.92
C GLN A 24 -15.55 -4.13 -8.75
N ALA A 25 -14.32 -4.44 -8.38
CA ALA A 25 -13.90 -5.83 -8.17
C ALA A 25 -14.62 -6.45 -6.98
N GLY A 26 -15.12 -5.60 -6.09
CA GLY A 26 -15.82 -6.09 -4.91
C GLY A 26 -15.05 -5.82 -3.64
N TYR A 27 -13.72 -5.83 -3.73
CA TYR A 27 -12.88 -5.60 -2.56
C TYR A 27 -13.28 -4.32 -1.84
N GLU A 28 -12.99 -4.25 -0.54
CA GLU A 28 -13.32 -3.09 0.25
C GLU A 28 -12.15 -2.12 0.33
N VAL A 29 -11.92 -1.38 -0.76
CA VAL A 29 -10.83 -0.42 -0.81
C VAL A 29 -11.26 0.94 -0.28
N THR A 30 -10.35 1.63 0.40
CA THR A 30 -10.64 2.94 0.96
C THR A 30 -9.44 3.87 0.83
N VAL A 31 -9.70 5.16 0.70
CA VAL A 31 -8.65 6.15 0.56
C VAL A 31 -8.57 7.05 1.81
N ALA A 32 -7.36 7.35 2.24
CA ALA A 32 -7.15 8.19 3.41
C ALA A 32 -6.87 9.63 3.00
N ALA A 33 -6.63 10.48 3.99
CA ALA A 33 -6.35 11.89 3.74
C ALA A 33 -4.85 12.12 3.53
N ASP A 34 -4.04 11.38 4.26
CA ASP A 34 -2.58 11.51 4.15
C ASP A 34 -1.90 10.19 4.51
N GLY A 35 -0.65 10.04 4.06
CA GLY A 35 0.09 8.83 4.34
C GLY A 35 0.10 8.49 5.82
N GLU A 36 0.08 9.50 6.67
CA GLU A 36 0.09 9.30 8.11
C GLU A 36 -1.24 8.73 8.59
N ALA A 37 -2.33 9.37 8.21
CA ALA A 37 -3.67 8.93 8.60
C ALA A 37 -3.92 7.51 8.10
N GLY A 38 -3.39 7.18 6.94
CA GLY A 38 -3.58 5.85 6.38
C GLY A 38 -2.85 4.78 7.18
N PHE A 39 -1.58 5.02 7.46
CA PHE A 39 -0.77 4.07 8.22
C PHE A 39 -1.27 3.96 9.65
N ASP A 40 -1.46 5.10 10.30
CA ASP A 40 -1.94 5.14 11.68
C ASP A 40 -3.20 4.29 11.84
N LEU A 41 -4.10 4.37 10.86
CA LEU A 41 -5.34 3.63 10.89
C LEU A 41 -5.12 2.18 10.44
N ALA A 42 -4.19 1.99 9.51
CA ALA A 42 -3.88 0.67 8.98
C ALA A 42 -3.54 -0.29 10.12
N ALA A 43 -3.05 0.26 11.23
CA ALA A 43 -2.69 -0.56 12.38
C ALA A 43 -3.90 -0.82 13.27
N THR A 44 -4.87 0.08 13.23
CA THR A 44 -6.08 -0.06 14.03
C THR A 44 -7.12 -0.90 13.31
N THR A 45 -7.07 -0.88 11.98
CA THR A 45 -8.02 -1.64 11.17
C THR A 45 -7.37 -2.91 10.61
N ALA A 46 -6.10 -2.81 10.27
CA ALA A 46 -5.36 -3.95 9.73
C ALA A 46 -5.93 -4.38 8.38
N TYR A 47 -5.56 -3.66 7.33
CA TYR A 47 -6.04 -3.96 5.99
C TYR A 47 -5.20 -5.06 5.35
N ASP A 48 -5.69 -5.60 4.25
CA ASP A 48 -4.99 -6.67 3.54
C ASP A 48 -3.89 -6.09 2.64
N LEU A 49 -4.15 -4.92 2.07
CA LEU A 49 -3.20 -4.27 1.19
C LEU A 49 -3.23 -2.75 1.39
N VAL A 50 -2.08 -2.17 1.72
CA VAL A 50 -1.97 -0.74 1.93
C VAL A 50 -1.01 -0.11 0.93
N LEU A 51 -1.32 1.12 0.50
CA LEU A 51 -0.48 1.83 -0.45
C LEU A 51 -0.04 3.19 0.11
N THR A 52 1.24 3.30 0.42
CA THR A 52 1.79 4.55 0.96
C THR A 52 2.80 5.17 0.01
N ASP A 53 3.09 6.44 0.21
CA ASP A 53 4.04 7.16 -0.63
C ASP A 53 5.45 7.06 -0.07
N GLN A 54 6.37 7.84 -0.63
CA GLN A 54 7.76 7.83 -0.18
C GLN A 54 8.32 9.24 -0.11
N ASN A 55 9.57 9.35 0.32
CA ASN A 55 10.22 10.65 0.44
C ASN A 55 9.36 11.63 1.23
N MET A 56 9.06 11.26 2.48
CA MET A 56 8.24 12.11 3.34
C MET A 56 9.06 12.64 4.52
N PRO A 57 8.60 13.75 5.11
CA PRO A 57 9.27 14.38 6.25
C PRO A 57 9.16 13.54 7.51
N ARG A 58 9.92 13.94 8.54
CA ARG A 58 9.92 13.22 9.81
C ARG A 58 8.50 13.15 10.39
N LYS A 59 7.74 14.23 10.20
CA LYS A 59 6.36 14.29 10.70
C LYS A 59 5.43 13.50 9.80
N SER A 60 5.40 12.19 9.98
CA SER A 60 4.54 11.32 9.18
C SER A 60 4.25 10.01 9.91
N GLY A 61 3.37 9.21 9.34
CA GLY A 61 3.02 7.93 9.95
C GLY A 61 3.70 6.75 9.28
N LEU A 62 4.91 6.99 8.78
CA LEU A 62 5.68 5.94 8.11
C LEU A 62 6.46 5.11 9.13
N GLU A 63 6.94 5.77 10.18
CA GLU A 63 7.71 5.08 11.22
C GLU A 63 6.96 3.85 11.73
N LEU A 64 5.63 3.93 11.74
CA LEU A 64 4.80 2.83 12.19
C LEU A 64 5.20 1.53 11.51
N ILE A 65 5.63 1.64 10.25
CA ILE A 65 6.05 0.46 9.49
C ILE A 65 7.01 -0.40 10.29
N ALA A 66 7.93 0.25 11.00
CA ALA A 66 8.91 -0.46 11.82
C ALA A 66 8.24 -1.47 12.73
N ALA A 67 7.10 -1.08 13.30
CA ALA A 67 6.36 -1.96 14.20
C ALA A 67 5.63 -3.05 13.43
N LEU A 68 5.15 -2.70 12.24
CA LEU A 68 4.43 -3.65 11.40
C LEU A 68 5.35 -4.77 10.93
N ARG A 69 6.61 -4.44 10.72
CA ARG A 69 7.59 -5.43 10.27
C ARG A 69 7.86 -6.46 11.36
N GLN A 70 8.07 -5.99 12.58
CA GLN A 70 8.34 -6.87 13.72
C GLN A 70 7.09 -7.67 14.09
N LEU A 71 5.93 -7.03 13.97
CA LEU A 71 4.66 -7.68 14.29
C LEU A 71 4.34 -8.77 13.27
N SER A 72 3.69 -9.84 13.74
CA SER A 72 3.32 -10.94 12.87
C SER A 72 1.88 -10.80 12.39
N ALA A 73 1.46 -9.55 12.19
CA ALA A 73 0.10 -9.27 11.73
C ALA A 73 0.12 -8.46 10.43
N TYR A 74 1.11 -7.59 10.30
CA TYR A 74 1.24 -6.76 9.11
C TYR A 74 2.49 -7.13 8.32
N ALA A 75 3.48 -7.67 9.01
CA ALA A 75 4.74 -8.07 8.37
C ALA A 75 4.47 -8.89 7.10
N ASP A 76 3.45 -9.74 7.17
CA ASP A 76 3.10 -10.58 6.02
C ASP A 76 2.35 -9.77 4.97
N THR A 77 1.54 -8.82 5.42
CA THR A 77 0.76 -7.98 4.52
C THR A 77 1.66 -7.34 3.46
N PRO A 78 1.30 -7.52 2.19
CA PRO A 78 2.06 -6.97 1.06
C PRO A 78 1.95 -5.45 0.98
N ILE A 79 2.85 -4.75 1.66
CA ILE A 79 2.85 -3.30 1.65
C ILE A 79 3.56 -2.74 0.43
N LEU A 80 2.81 -2.08 -0.44
CA LEU A 80 3.38 -1.49 -1.65
C LEU A 80 3.53 0.02 -1.51
N VAL A 81 4.75 0.50 -1.70
CA VAL A 81 5.03 1.93 -1.61
C VAL A 81 5.21 2.56 -2.98
N LEU A 82 4.69 3.77 -3.15
CA LEU A 82 4.80 4.48 -4.42
C LEU A 82 6.14 5.18 -4.54
N THR A 83 6.61 5.34 -5.78
CA THR A 83 7.88 6.01 -6.03
C THR A 83 7.87 6.73 -7.37
N THR A 84 8.81 7.66 -7.55
CA THR A 84 8.90 8.42 -8.79
C THR A 84 10.28 8.25 -9.43
N GLU A 85 11.31 8.14 -8.59
CA GLU A 85 12.67 7.98 -9.08
C GLU A 85 12.82 6.67 -9.87
N GLY A 86 12.67 5.55 -9.17
CA GLY A 86 12.79 4.26 -9.81
C GLY A 86 14.20 3.71 -9.74
N SER A 87 14.84 3.85 -8.59
CA SER A 87 16.21 3.38 -8.41
C SER A 87 16.29 2.40 -7.24
N ASP A 88 17.18 1.41 -7.36
CA ASP A 88 17.35 0.41 -6.32
C ASP A 88 17.75 1.07 -5.00
N ALA A 89 18.54 2.13 -5.08
CA ALA A 89 18.98 2.84 -3.89
C ALA A 89 17.81 3.21 -2.99
N PHE A 90 16.69 3.57 -3.61
CA PHE A 90 15.49 3.94 -2.87
C PHE A 90 14.80 2.71 -2.31
N LYS A 91 14.79 1.64 -3.08
CA LYS A 91 14.16 0.39 -2.66
C LYS A 91 14.67 -0.04 -1.28
N ALA A 92 15.94 0.22 -1.02
CA ALA A 92 16.54 -0.13 0.26
C ALA A 92 15.81 0.55 1.42
N ALA A 93 15.43 1.80 1.20
CA ALA A 93 14.73 2.57 2.22
C ALA A 93 13.36 1.97 2.52
N ALA A 94 12.56 1.80 1.47
CA ALA A 94 11.22 1.22 1.62
C ALA A 94 11.26 -0.08 2.39
N ARG A 95 12.15 -0.98 1.98
CA ARG A 95 12.29 -2.28 2.64
C ARG A 95 12.87 -2.11 4.04
N ASP A 96 13.78 -1.15 4.18
CA ASP A 96 14.42 -0.90 5.47
C ASP A 96 13.38 -0.60 6.55
N ALA A 97 12.38 0.22 6.19
CA ALA A 97 11.32 0.58 7.13
C ALA A 97 10.50 -0.64 7.51
N GLY A 98 10.28 -1.54 6.56
CA GLY A 98 9.50 -2.74 6.82
C GLY A 98 8.37 -2.94 5.82
N ALA A 99 8.62 -2.57 4.58
CA ALA A 99 7.62 -2.71 3.53
C ALA A 99 7.84 -3.98 2.71
N THR A 100 6.82 -4.40 1.97
CA THR A 100 6.91 -5.60 1.15
C THR A 100 7.49 -5.28 -0.22
N GLY A 101 6.78 -4.46 -0.99
CA GLY A 101 7.25 -4.09 -2.31
C GLY A 101 7.03 -2.63 -2.62
N TRP A 102 7.34 -2.23 -3.85
CA TRP A 102 7.18 -0.84 -4.27
C TRP A 102 6.61 -0.75 -5.68
N ILE A 103 6.21 0.45 -6.08
CA ILE A 103 5.67 0.66 -7.42
C ILE A 103 5.94 2.09 -7.90
N GLU A 104 5.88 2.27 -9.21
CA GLU A 104 6.12 3.59 -9.81
C GLU A 104 4.84 4.14 -10.43
N LYS A 105 4.38 5.27 -9.92
CA LYS A 105 3.18 5.91 -10.43
C LYS A 105 3.44 6.61 -11.75
N PRO A 106 2.37 6.84 -12.52
CA PRO A 106 1.01 6.47 -12.13
C PRO A 106 0.79 4.96 -12.14
N ILE A 107 -0.30 4.52 -11.54
CA ILE A 107 -0.61 3.10 -11.48
C ILE A 107 -1.81 2.76 -12.38
N ASP A 108 -1.71 1.63 -13.08
CA ASP A 108 -2.77 1.20 -13.97
C ASP A 108 -3.75 0.28 -13.25
N PRO A 109 -4.99 0.21 -13.75
CA PRO A 109 -6.04 -0.63 -13.17
C PRO A 109 -5.76 -2.12 -13.37
N GLY A 110 -5.15 -2.45 -14.50
CA GLY A 110 -4.85 -3.84 -14.79
C GLY A 110 -3.73 -4.39 -13.92
N VAL A 111 -2.78 -3.53 -13.57
CA VAL A 111 -1.65 -3.93 -12.73
C VAL A 111 -2.04 -3.95 -11.26
N LEU A 112 -2.79 -2.93 -10.84
CA LEU A 112 -3.23 -2.83 -9.45
C LEU A 112 -4.11 -4.01 -9.07
N VAL A 113 -4.93 -4.45 -10.02
CA VAL A 113 -5.83 -5.58 -9.79
C VAL A 113 -5.10 -6.91 -9.92
N GLU A 114 -4.05 -6.91 -10.75
CA GLU A 114 -3.26 -8.11 -10.96
C GLU A 114 -2.40 -8.44 -9.74
N LEU A 115 -1.78 -7.41 -9.18
CA LEU A 115 -0.93 -7.59 -8.00
C LEU A 115 -1.74 -8.10 -6.81
N VAL A 116 -3.00 -7.67 -6.72
CA VAL A 116 -3.88 -8.09 -5.65
C VAL A 116 -4.55 -9.43 -5.98
N ALA A 117 -4.84 -9.64 -7.25
CA ALA A 117 -5.48 -10.87 -7.70
C ALA A 117 -4.72 -12.09 -7.17
N THR A 118 -3.43 -12.14 -7.45
CA THR A 118 -2.59 -13.26 -7.01
C THR A 118 -2.76 -13.52 -5.52
N LEU A 119 -2.96 -12.45 -4.76
CA LEU A 119 -3.14 -12.56 -3.31
C LEU A 119 -4.53 -13.10 -2.97
N SER A 120 -5.54 -12.54 -3.61
CA SER A 120 -6.92 -12.97 -3.38
C SER A 120 -7.11 -14.44 -3.75
N GLU A 121 -6.43 -14.87 -4.81
CA GLU A 121 -6.52 -16.24 -5.27
C GLU A 121 -5.54 -17.14 -4.51
N PRO A 122 -5.87 -18.43 -4.41
CA PRO A 122 -5.04 -19.42 -3.71
C PRO A 122 -3.73 -19.69 -4.46
N ALA A 123 -3.00 -20.71 -4.00
CA ALA A 123 -1.74 -21.09 -4.62
C ALA A 123 -1.91 -21.28 -6.13
N ALA A 124 -0.89 -20.89 -6.88
CA ALA A 124 -0.92 -21.01 -8.33
C ALA A 124 0.44 -20.67 -8.94
N ASN A 125 1.50 -21.18 -8.33
CA ASN A 125 2.86 -20.92 -8.81
C ASN A 125 3.00 -21.37 -10.26
N MET A 1 -7.91 -14.03 2.46
CA MET A 1 -9.16 -13.46 1.95
C MET A 1 -9.18 -11.94 2.13
N ILE A 2 -9.05 -11.23 1.01
CA ILE A 2 -9.05 -9.77 1.04
C ILE A 2 -10.38 -9.23 1.57
N ARG A 3 -10.37 -8.74 2.80
CA ARG A 3 -11.56 -8.19 3.42
C ARG A 3 -11.64 -6.69 3.23
N THR A 4 -10.51 -6.00 3.47
CA THR A 4 -10.45 -4.56 3.34
C THR A 4 -9.12 -4.13 2.72
N ILE A 5 -9.09 -2.91 2.20
CA ILE A 5 -7.88 -2.38 1.59
C ILE A 5 -7.71 -0.89 1.90
N LEU A 6 -6.47 -0.46 2.06
CA LEU A 6 -6.17 0.94 2.37
C LEU A 6 -5.21 1.52 1.34
N ALA A 7 -5.56 2.69 0.82
CA ALA A 7 -4.73 3.36 -0.17
C ALA A 7 -4.50 4.83 0.20
N ILE A 8 -3.38 5.38 -0.25
CA ILE A 8 -3.04 6.76 0.04
C ILE A 8 -2.40 7.43 -1.17
N ASP A 9 -3.02 8.51 -1.64
CA ASP A 9 -2.52 9.25 -2.79
C ASP A 9 -2.77 10.74 -2.64
N ASP A 10 -2.20 11.53 -3.55
CA ASP A 10 -2.36 12.98 -3.51
C ASP A 10 -3.23 13.46 -4.68
N SER A 11 -3.05 12.82 -5.84
CA SER A 11 -3.81 13.19 -7.03
C SER A 11 -5.26 12.73 -6.91
N ALA A 12 -6.18 13.67 -6.96
CA ALA A 12 -7.60 13.36 -6.87
C ALA A 12 -8.00 12.27 -7.87
N THR A 13 -7.41 12.33 -9.05
CA THR A 13 -7.70 11.35 -10.10
C THR A 13 -7.17 9.97 -9.71
N MET A 14 -6.01 9.93 -9.07
CA MET A 14 -5.40 8.68 -8.65
C MET A 14 -6.20 8.06 -7.50
N ARG A 15 -6.53 8.87 -6.51
CA ARG A 15 -7.28 8.41 -5.35
C ARG A 15 -8.62 7.81 -5.77
N ALA A 16 -9.24 8.41 -6.79
CA ALA A 16 -10.52 7.94 -7.29
C ALA A 16 -10.34 6.72 -8.19
N LEU A 17 -9.38 6.80 -9.10
CA LEU A 17 -9.11 5.70 -10.03
C LEU A 17 -8.81 4.42 -9.28
N LEU A 18 -7.74 4.43 -8.48
CA LEU A 18 -7.35 3.26 -7.71
C LEU A 18 -8.50 2.76 -6.86
N HIS A 19 -9.17 3.69 -6.17
CA HIS A 19 -10.31 3.34 -5.32
C HIS A 19 -11.39 2.62 -6.12
N ALA A 20 -11.61 3.09 -7.35
CA ALA A 20 -12.62 2.49 -8.23
C ALA A 20 -12.17 1.12 -8.73
N THR A 21 -10.87 1.01 -9.03
CA THR A 21 -10.31 -0.25 -9.53
C THR A 21 -10.65 -1.40 -8.59
N LEU A 22 -10.35 -1.22 -7.31
CA LEU A 22 -10.61 -2.25 -6.31
C LEU A 22 -12.10 -2.31 -5.97
N ALA A 23 -12.74 -1.14 -5.93
CA ALA A 23 -14.15 -1.05 -5.61
C ALA A 23 -14.98 -1.89 -6.58
N GLN A 24 -14.81 -1.62 -7.87
CA GLN A 24 -15.54 -2.35 -8.90
C GLN A 24 -15.34 -3.85 -8.77
N ALA A 25 -14.13 -4.24 -8.36
CA ALA A 25 -13.80 -5.65 -8.18
C ALA A 25 -14.58 -6.26 -7.03
N GLY A 26 -15.06 -5.40 -6.12
CA GLY A 26 -15.82 -5.88 -4.98
C GLY A 26 -15.13 -5.60 -3.67
N TYR A 27 -13.81 -5.68 -3.67
CA TYR A 27 -13.02 -5.44 -2.46
C TYR A 27 -13.40 -4.10 -1.83
N GLU A 28 -13.17 -3.99 -0.53
CA GLU A 28 -13.48 -2.75 0.19
C GLU A 28 -12.24 -1.89 0.37
N VAL A 29 -11.95 -1.07 -0.63
CA VAL A 29 -10.78 -0.19 -0.58
C VAL A 29 -11.17 1.21 -0.11
N THR A 30 -10.29 1.83 0.66
CA THR A 30 -10.52 3.17 1.18
C THR A 30 -9.30 4.06 1.00
N VAL A 31 -9.53 5.33 0.66
CA VAL A 31 -8.44 6.28 0.45
C VAL A 31 -8.27 7.16 1.68
N ALA A 32 -7.01 7.43 2.04
CA ALA A 32 -6.71 8.27 3.19
C ALA A 32 -6.42 9.71 2.76
N ALA A 33 -6.13 10.56 3.73
CA ALA A 33 -5.82 11.96 3.45
C ALA A 33 -4.32 12.16 3.27
N ASP A 34 -3.52 11.44 4.04
CA ASP A 34 -2.07 11.53 3.96
C ASP A 34 -1.41 10.20 4.29
N GLY A 35 -0.17 10.04 3.84
CA GLY A 35 0.55 8.80 4.10
C GLY A 35 0.54 8.41 5.56
N GLU A 36 0.55 9.41 6.44
CA GLU A 36 0.54 9.17 7.88
C GLU A 36 -0.84 8.70 8.34
N ALA A 37 -1.87 9.39 7.89
CA ALA A 37 -3.23 9.04 8.26
C ALA A 37 -3.58 7.61 7.83
N GLY A 38 -3.04 7.21 6.68
CA GLY A 38 -3.30 5.86 6.18
C GLY A 38 -2.59 4.80 6.98
N PHE A 39 -1.28 4.97 7.17
CA PHE A 39 -0.48 4.01 7.92
C PHE A 39 -0.92 3.96 9.37
N ASP A 40 -1.03 5.13 10.00
CA ASP A 40 -1.45 5.21 11.39
C ASP A 40 -2.74 4.45 11.63
N LEU A 41 -3.69 4.60 10.70
CA LEU A 41 -4.97 3.91 10.81
C LEU A 41 -4.84 2.45 10.43
N ALA A 42 -3.98 2.17 9.47
CA ALA A 42 -3.75 0.79 9.01
C ALA A 42 -3.39 -0.12 10.18
N ALA A 43 -2.82 0.46 11.23
CA ALA A 43 -2.43 -0.30 12.41
C ALA A 43 -3.60 -0.47 13.36
N THR A 44 -4.52 0.49 13.35
CA THR A 44 -5.70 0.44 14.21
C THR A 44 -6.81 -0.39 13.59
N THR A 45 -6.83 -0.43 12.26
CA THR A 45 -7.84 -1.19 11.54
C THR A 45 -7.29 -2.52 11.04
N ALA A 46 -6.03 -2.52 10.64
CA ALA A 46 -5.38 -3.73 10.15
C ALA A 46 -6.04 -4.22 8.87
N TYR A 47 -5.81 -3.51 7.77
CA TYR A 47 -6.39 -3.87 6.48
C TYR A 47 -5.66 -5.08 5.89
N ASP A 48 -6.19 -5.58 4.79
CA ASP A 48 -5.61 -6.74 4.11
C ASP A 48 -4.46 -6.30 3.20
N LEU A 49 -4.62 -5.14 2.58
CA LEU A 49 -3.61 -4.61 1.67
C LEU A 49 -3.46 -3.10 1.83
N VAL A 50 -2.22 -2.64 1.98
CA VAL A 50 -1.95 -1.22 2.14
C VAL A 50 -1.23 -0.65 0.92
N LEU A 51 -1.48 0.62 0.62
CA LEU A 51 -0.85 1.27 -0.51
C LEU A 51 -0.44 2.70 -0.15
N THR A 52 0.85 2.98 -0.26
CA THR A 52 1.38 4.30 0.05
C THR A 52 2.20 4.86 -1.12
N ASP A 53 2.22 6.18 -1.24
CA ASP A 53 2.97 6.82 -2.31
C ASP A 53 3.93 7.88 -1.74
N GLN A 54 3.45 8.63 -0.75
CA GLN A 54 4.26 9.66 -0.12
C GLN A 54 5.48 9.06 0.58
N ASN A 55 6.64 9.65 0.33
CA ASN A 55 7.88 9.17 0.93
C ASN A 55 8.66 10.32 1.57
N MET A 56 7.94 11.22 2.23
CA MET A 56 8.55 12.36 2.89
C MET A 56 9.04 11.99 4.29
N PRO A 57 10.25 12.47 4.64
CA PRO A 57 10.85 12.20 5.95
C PRO A 57 10.13 12.93 7.07
N ARG A 58 9.48 12.17 7.95
CA ARG A 58 8.76 12.74 9.08
C ARG A 58 9.01 11.95 10.36
N LYS A 59 8.60 12.51 11.49
CA LYS A 59 8.79 11.86 12.78
C LYS A 59 7.81 10.69 12.95
N SER A 60 6.60 10.86 12.43
CA SER A 60 5.58 9.83 12.52
C SER A 60 4.89 9.63 11.18
N GLY A 61 4.35 8.43 10.97
CA GLY A 61 3.67 8.13 9.72
C GLY A 61 4.17 6.86 9.08
N LEU A 62 5.23 6.98 8.28
CA LEU A 62 5.81 5.82 7.60
C LEU A 62 6.60 4.96 8.58
N GLU A 63 7.26 5.60 9.54
CA GLU A 63 8.05 4.89 10.53
C GLU A 63 7.24 3.77 11.18
N LEU A 64 5.93 3.99 11.28
CA LEU A 64 5.05 3.00 11.88
C LEU A 64 5.27 1.62 11.26
N ILE A 65 5.61 1.61 9.97
CA ILE A 65 5.85 0.36 9.27
C ILE A 65 6.82 -0.53 10.04
N ALA A 66 7.79 0.09 10.70
CA ALA A 66 8.78 -0.64 11.48
C ALA A 66 8.11 -1.63 12.42
N ALA A 67 7.19 -1.13 13.25
CA ALA A 67 6.48 -1.97 14.21
C ALA A 67 5.70 -3.06 13.49
N LEU A 68 5.19 -2.74 12.30
CA LEU A 68 4.41 -3.70 11.52
C LEU A 68 5.30 -4.84 11.03
N ARG A 69 6.55 -4.53 10.73
CA ARG A 69 7.50 -5.54 10.26
C ARG A 69 7.80 -6.56 11.35
N GLN A 70 8.01 -6.06 12.56
CA GLN A 70 8.32 -6.93 13.70
C GLN A 70 7.07 -7.68 14.16
N LEU A 71 5.93 -7.02 14.07
CA LEU A 71 4.66 -7.63 14.48
C LEU A 71 4.27 -8.75 13.53
N SER A 72 3.61 -9.77 14.07
CA SER A 72 3.18 -10.91 13.27
C SER A 72 1.72 -10.75 12.82
N ALA A 73 1.34 -9.51 12.55
CA ALA A 73 -0.02 -9.21 12.12
C ALA A 73 -0.02 -8.50 10.77
N TYR A 74 1.00 -7.69 10.54
CA TYR A 74 1.12 -6.94 9.29
C TYR A 74 2.31 -7.43 8.47
N ALA A 75 3.30 -8.00 9.16
CA ALA A 75 4.49 -8.50 8.50
C ALA A 75 4.13 -9.38 7.30
N ASP A 76 3.07 -10.17 7.46
CA ASP A 76 2.63 -11.06 6.39
C ASP A 76 1.89 -10.27 5.31
N THR A 77 1.16 -9.24 5.72
CA THR A 77 0.41 -8.41 4.78
C THR A 77 1.33 -7.81 3.73
N PRO A 78 0.98 -8.03 2.44
CA PRO A 78 1.76 -7.52 1.32
C PRO A 78 1.67 -6.00 1.19
N ILE A 79 2.77 -5.32 1.47
CA ILE A 79 2.81 -3.86 1.39
C ILE A 79 3.42 -3.41 0.07
N LEU A 80 2.70 -2.54 -0.63
CA LEU A 80 3.17 -2.02 -1.91
C LEU A 80 3.26 -0.50 -1.89
N VAL A 81 4.48 0.02 -1.99
CA VAL A 81 4.70 1.47 -1.98
C VAL A 81 5.08 1.98 -3.37
N LEU A 82 4.69 3.21 -3.66
CA LEU A 82 4.99 3.81 -4.97
C LEU A 82 6.20 4.72 -4.87
N THR A 83 6.93 4.84 -5.98
CA THR A 83 8.11 5.69 -6.02
C THR A 83 8.08 6.63 -7.22
N THR A 84 8.81 7.74 -7.12
CA THR A 84 8.86 8.72 -8.20
C THR A 84 9.95 8.38 -9.20
N GLU A 85 11.06 7.85 -8.71
CA GLU A 85 12.18 7.47 -9.57
C GLU A 85 12.60 6.02 -9.33
N GLY A 86 13.00 5.35 -10.39
CA GLY A 86 13.41 3.96 -10.28
C GLY A 86 14.87 3.82 -9.86
N SER A 87 15.22 4.44 -8.74
CA SER A 87 16.59 4.39 -8.24
C SER A 87 16.76 3.23 -7.27
N ASP A 88 17.95 2.62 -7.29
CA ASP A 88 18.25 1.50 -6.41
C ASP A 88 18.29 1.95 -4.95
N ALA A 89 18.81 3.15 -4.73
CA ALA A 89 18.91 3.70 -3.38
C ALA A 89 17.54 3.79 -2.71
N PHE A 90 16.53 4.13 -3.51
CA PHE A 90 15.16 4.26 -3.00
C PHE A 90 14.69 2.94 -2.40
N LYS A 91 15.01 1.84 -3.07
CA LYS A 91 14.61 0.52 -2.61
C LYS A 91 15.01 0.30 -1.16
N ALA A 92 16.17 0.86 -0.79
CA ALA A 92 16.66 0.73 0.58
C ALA A 92 15.71 1.39 1.58
N ALA A 93 15.09 2.49 1.15
CA ALA A 93 14.14 3.21 2.01
C ALA A 93 12.91 2.36 2.31
N ALA A 94 12.18 1.99 1.26
CA ALA A 94 10.98 1.18 1.41
C ALA A 94 11.27 -0.06 2.23
N ARG A 95 12.37 -0.74 1.93
CA ARG A 95 12.75 -1.96 2.63
C ARG A 95 13.14 -1.64 4.07
N ASP A 96 13.78 -0.49 4.27
CA ASP A 96 14.21 -0.06 5.60
C ASP A 96 13.01 0.08 6.54
N ALA A 97 11.95 0.70 6.04
CA ALA A 97 10.74 0.91 6.82
C ALA A 97 10.05 -0.41 7.13
N GLY A 98 10.08 -1.33 6.16
CA GLY A 98 9.45 -2.62 6.35
C GLY A 98 8.40 -2.91 5.30
N ALA A 99 8.71 -2.60 4.05
CA ALA A 99 7.78 -2.83 2.94
C ALA A 99 8.17 -4.07 2.15
N THR A 100 7.17 -4.80 1.68
CA THR A 100 7.41 -6.01 0.91
C THR A 100 7.90 -5.68 -0.50
N GLY A 101 7.09 -4.94 -1.24
CA GLY A 101 7.46 -4.56 -2.59
C GLY A 101 7.12 -3.12 -2.91
N TRP A 102 7.63 -2.62 -4.03
CA TRP A 102 7.38 -1.24 -4.44
C TRP A 102 7.13 -1.16 -5.95
N ILE A 103 6.62 -0.02 -6.39
CA ILE A 103 6.34 0.17 -7.82
C ILE A 103 6.61 1.62 -8.23
N GLU A 104 6.60 1.88 -9.52
CA GLU A 104 6.84 3.21 -10.05
C GLU A 104 5.55 3.83 -10.59
N LYS A 105 5.02 4.80 -9.85
CA LYS A 105 3.79 5.47 -10.25
C LYS A 105 4.00 6.30 -11.50
N PRO A 106 2.91 6.61 -12.21
CA PRO A 106 1.56 6.18 -11.80
C PRO A 106 1.36 4.68 -11.97
N ILE A 107 0.23 4.19 -11.47
CA ILE A 107 -0.08 2.77 -11.57
C ILE A 107 -1.32 2.54 -12.43
N ASP A 108 -1.32 1.44 -13.18
CA ASP A 108 -2.44 1.09 -14.03
C ASP A 108 -3.43 0.18 -13.32
N PRO A 109 -4.67 0.15 -13.79
CA PRO A 109 -5.73 -0.68 -13.20
C PRO A 109 -5.50 -2.16 -13.45
N GLY A 110 -4.92 -2.48 -14.60
CA GLY A 110 -4.66 -3.87 -14.94
C GLY A 110 -3.53 -4.47 -14.13
N VAL A 111 -2.55 -3.64 -13.79
CA VAL A 111 -1.41 -4.10 -13.01
C VAL A 111 -1.73 -4.12 -11.52
N LEU A 112 -2.50 -3.12 -11.07
CA LEU A 112 -2.88 -3.04 -9.67
C LEU A 112 -3.75 -4.22 -9.27
N VAL A 113 -4.82 -4.45 -10.04
CA VAL A 113 -5.73 -5.55 -9.76
C VAL A 113 -5.01 -6.89 -9.83
N GLU A 114 -4.04 -7.00 -10.73
CA GLU A 114 -3.27 -8.22 -10.90
C GLU A 114 -2.34 -8.45 -9.71
N LEU A 115 -1.80 -7.36 -9.17
CA LEU A 115 -0.90 -7.43 -8.02
C LEU A 115 -1.64 -7.91 -6.78
N VAL A 116 -2.88 -7.48 -6.64
CA VAL A 116 -3.71 -7.87 -5.49
C VAL A 116 -4.37 -9.22 -5.72
N ALA A 117 -4.74 -9.49 -6.97
CA ALA A 117 -5.38 -10.75 -7.32
C ALA A 117 -4.56 -11.94 -6.82
N THR A 118 -3.28 -11.97 -7.19
CA THR A 118 -2.40 -13.05 -6.79
C THR A 118 -2.45 -13.27 -5.28
N LEU A 119 -2.62 -12.19 -4.53
CA LEU A 119 -2.70 -12.27 -3.08
C LEU A 119 -4.08 -12.72 -2.62
N SER A 120 -5.10 -12.27 -3.34
CA SER A 120 -6.48 -12.62 -3.01
C SER A 120 -6.71 -14.12 -3.19
N GLU A 121 -6.12 -14.68 -4.24
CA GLU A 121 -6.27 -16.11 -4.52
C GLU A 121 -5.02 -16.88 -4.11
N PRO A 122 -5.19 -18.18 -3.85
CA PRO A 122 -4.09 -19.05 -3.42
C PRO A 122 -3.09 -19.30 -4.55
N ALA A 123 -2.16 -20.23 -4.32
CA ALA A 123 -1.16 -20.57 -5.32
C ALA A 123 -1.81 -20.99 -6.63
N ALA A 124 -1.17 -20.66 -7.75
CA ALA A 124 -1.69 -21.01 -9.06
C ALA A 124 -0.60 -20.91 -10.13
N ASN A 125 0.58 -21.45 -9.82
CA ASN A 125 1.70 -21.42 -10.74
C ASN A 125 1.29 -21.98 -12.11
N MET A 1 -7.18 -14.09 1.23
CA MET A 1 -8.58 -13.70 1.39
C MET A 1 -8.70 -12.20 1.63
N ILE A 2 -8.43 -11.42 0.59
CA ILE A 2 -8.52 -9.97 0.67
C ILE A 2 -9.86 -9.53 1.24
N ARG A 3 -9.83 -8.90 2.41
CA ARG A 3 -11.05 -8.43 3.06
C ARG A 3 -11.22 -6.93 2.86
N THR A 4 -10.14 -6.19 3.03
CA THR A 4 -10.17 -4.74 2.88
C THR A 4 -8.88 -4.22 2.24
N ILE A 5 -8.90 -2.96 1.82
CA ILE A 5 -7.73 -2.35 1.19
C ILE A 5 -7.58 -0.90 1.62
N LEU A 6 -6.34 -0.45 1.78
CA LEU A 6 -6.06 0.93 2.18
C LEU A 6 -5.08 1.58 1.21
N ALA A 7 -5.43 2.79 0.77
CA ALA A 7 -4.58 3.54 -0.16
C ALA A 7 -4.53 5.01 0.20
N ILE A 8 -3.40 5.65 -0.08
CA ILE A 8 -3.23 7.06 0.22
C ILE A 8 -2.49 7.78 -0.91
N ASP A 9 -3.03 8.91 -1.35
CA ASP A 9 -2.41 9.68 -2.42
C ASP A 9 -2.94 11.12 -2.42
N ASP A 10 -2.30 11.97 -3.20
CA ASP A 10 -2.70 13.38 -3.29
C ASP A 10 -3.63 13.60 -4.48
N SER A 11 -3.23 13.10 -5.65
CA SER A 11 -4.02 13.25 -6.85
C SER A 11 -5.44 12.73 -6.64
N ALA A 12 -6.38 13.65 -6.49
CA ALA A 12 -7.78 13.28 -6.27
C ALA A 12 -8.27 12.31 -7.34
N THR A 13 -7.98 12.64 -8.61
CA THR A 13 -8.40 11.80 -9.72
C THR A 13 -7.75 10.42 -9.64
N MET A 14 -6.51 10.38 -9.16
CA MET A 14 -5.78 9.13 -9.03
C MET A 14 -6.45 8.22 -8.01
N ARG A 15 -6.63 8.73 -6.80
CA ARG A 15 -7.26 7.97 -5.73
C ARG A 15 -8.60 7.40 -6.17
N ALA A 16 -9.32 8.17 -6.98
CA ALA A 16 -10.62 7.73 -7.49
C ALA A 16 -10.47 6.56 -8.44
N LEU A 17 -9.43 6.59 -9.27
CA LEU A 17 -9.18 5.52 -10.23
C LEU A 17 -8.83 4.22 -9.52
N LEU A 18 -7.82 4.26 -8.66
CA LEU A 18 -7.40 3.09 -7.92
C LEU A 18 -8.52 2.57 -7.03
N HIS A 19 -9.31 3.50 -6.49
CA HIS A 19 -10.42 3.13 -5.62
C HIS A 19 -11.52 2.43 -6.42
N ALA A 20 -11.81 2.95 -7.60
CA ALA A 20 -12.85 2.38 -8.46
C ALA A 20 -12.39 1.05 -9.05
N THR A 21 -11.17 1.02 -9.57
CA THR A 21 -10.61 -0.19 -10.17
C THR A 21 -10.76 -1.38 -9.23
N LEU A 22 -10.51 -1.15 -7.94
CA LEU A 22 -10.61 -2.19 -6.94
C LEU A 22 -12.05 -2.35 -6.45
N ALA A 23 -12.77 -1.24 -6.38
CA ALA A 23 -14.15 -1.25 -5.94
C ALA A 23 -15.02 -2.12 -6.84
N GLN A 24 -14.92 -1.87 -8.15
CA GLN A 24 -15.70 -2.62 -9.12
C GLN A 24 -15.45 -4.12 -8.97
N ALA A 25 -14.21 -4.49 -8.64
CA ALA A 25 -13.85 -5.88 -8.47
C ALA A 25 -14.56 -6.49 -7.27
N GLY A 26 -15.01 -5.63 -6.35
CA GLY A 26 -15.71 -6.10 -5.17
C GLY A 26 -14.96 -5.78 -3.90
N TYR A 27 -13.63 -5.75 -3.98
CA TYR A 27 -12.80 -5.46 -2.83
C TYR A 27 -13.27 -4.19 -2.11
N GLU A 28 -13.01 -4.11 -0.82
CA GLU A 28 -13.40 -2.95 -0.03
C GLU A 28 -12.21 -2.05 0.25
N VAL A 29 -12.01 -1.05 -0.62
CA VAL A 29 -10.90 -0.11 -0.48
C VAL A 29 -11.30 1.08 0.37
N THR A 30 -10.32 1.76 0.94
CA THR A 30 -10.56 2.94 1.78
C THR A 30 -9.45 3.95 1.64
N VAL A 31 -9.75 5.08 1.00
CA VAL A 31 -8.77 6.13 0.80
C VAL A 31 -8.88 7.21 1.89
N ALA A 32 -7.74 7.67 2.38
CA ALA A 32 -7.71 8.69 3.42
C ALA A 32 -7.29 10.04 2.85
N ALA A 33 -7.14 11.03 3.73
CA ALA A 33 -6.74 12.37 3.31
C ALA A 33 -5.22 12.49 3.27
N ASP A 34 -4.55 11.82 4.20
CA ASP A 34 -3.10 11.86 4.27
C ASP A 34 -2.53 10.48 4.61
N GLY A 35 -1.24 10.29 4.34
CA GLY A 35 -0.61 9.02 4.63
C GLY A 35 -0.65 8.68 6.10
N GLU A 36 -0.59 9.70 6.95
CA GLU A 36 -0.61 9.50 8.40
C GLU A 36 -1.98 9.01 8.85
N ALA A 37 -3.03 9.70 8.40
CA ALA A 37 -4.39 9.35 8.77
C ALA A 37 -4.75 7.95 8.26
N GLY A 38 -4.20 7.58 7.11
CA GLY A 38 -4.47 6.27 6.55
C GLY A 38 -3.71 5.17 7.26
N PHE A 39 -2.44 5.41 7.53
CA PHE A 39 -1.60 4.43 8.21
C PHE A 39 -2.04 4.26 9.67
N ASP A 40 -2.28 5.38 10.34
CA ASP A 40 -2.69 5.35 11.74
C ASP A 40 -3.89 4.42 11.93
N LEU A 41 -4.77 4.38 10.93
CA LEU A 41 -5.96 3.54 10.99
C LEU A 41 -5.64 2.12 10.53
N ALA A 42 -4.72 2.00 9.58
CA ALA A 42 -4.31 0.70 9.06
C ALA A 42 -3.88 -0.23 10.18
N ALA A 43 -3.41 0.35 11.29
CA ALA A 43 -2.97 -0.43 12.43
C ALA A 43 -4.14 -0.79 13.33
N THR A 44 -5.17 0.04 13.34
CA THR A 44 -6.35 -0.18 14.16
C THR A 44 -7.35 -1.10 13.44
N THR A 45 -7.32 -1.08 12.12
CA THR A 45 -8.21 -1.91 11.32
C THR A 45 -7.48 -3.13 10.77
N ALA A 46 -6.22 -2.95 10.43
CA ALA A 46 -5.41 -4.05 9.89
C ALA A 46 -5.95 -4.53 8.55
N TYR A 47 -5.80 -3.71 7.52
CA TYR A 47 -6.28 -4.05 6.19
C TYR A 47 -5.47 -5.20 5.60
N ASP A 48 -5.88 -5.65 4.42
CA ASP A 48 -5.18 -6.75 3.74
C ASP A 48 -4.04 -6.22 2.87
N LEU A 49 -4.25 -5.04 2.30
CA LEU A 49 -3.24 -4.42 1.45
C LEU A 49 -3.22 -2.91 1.64
N VAL A 50 -2.04 -2.38 1.98
CA VAL A 50 -1.88 -0.95 2.20
C VAL A 50 -0.97 -0.33 1.15
N LEU A 51 -1.24 0.92 0.79
CA LEU A 51 -0.46 1.63 -0.20
C LEU A 51 -0.06 3.01 0.28
N THR A 52 1.14 3.45 -0.09
CA THR A 52 1.63 4.76 0.31
C THR A 52 2.44 5.42 -0.80
N ASP A 53 2.19 6.70 -1.04
CA ASP A 53 2.89 7.44 -2.07
C ASP A 53 3.87 8.43 -1.46
N GLN A 54 4.73 7.94 -0.57
CA GLN A 54 5.72 8.78 0.07
C GLN A 54 7.11 8.52 -0.48
N ASN A 55 7.83 9.60 -0.79
CA ASN A 55 9.18 9.48 -1.34
C ASN A 55 10.16 9.01 -0.26
N MET A 56 10.03 9.56 0.94
CA MET A 56 10.90 9.19 2.04
C MET A 56 10.10 8.99 3.32
N PRO A 57 9.29 7.92 3.34
CA PRO A 57 8.45 7.58 4.51
C PRO A 57 9.27 7.11 5.69
N ARG A 58 9.58 8.03 6.60
CA ARG A 58 10.36 7.70 7.79
C ARG A 58 9.60 8.07 9.06
N LYS A 59 8.85 9.17 9.00
CA LYS A 59 8.07 9.63 10.15
C LYS A 59 6.79 10.31 9.69
N SER A 60 6.09 10.95 10.63
CA SER A 60 4.85 11.65 10.32
C SER A 60 3.79 10.67 9.85
N GLY A 61 3.55 9.63 10.63
CA GLY A 61 2.56 8.64 10.26
C GLY A 61 3.15 7.46 9.51
N LEU A 62 4.15 7.75 8.67
CA LEU A 62 4.80 6.71 7.88
C LEU A 62 5.61 5.77 8.78
N GLU A 63 6.15 6.32 9.85
CA GLU A 63 6.95 5.53 10.80
C GLU A 63 6.19 4.29 11.25
N LEU A 64 4.87 4.40 11.25
CA LEU A 64 4.02 3.27 11.67
C LEU A 64 4.43 1.99 10.96
N ILE A 65 4.87 2.13 9.71
CA ILE A 65 5.29 0.98 8.93
C ILE A 65 6.29 0.12 9.70
N ALA A 66 7.24 0.79 10.36
CA ALA A 66 8.25 0.08 11.14
C ALA A 66 7.62 -0.67 12.31
N ALA A 67 6.73 0.00 13.02
CA ALA A 67 6.05 -0.61 14.17
C ALA A 67 5.23 -1.81 13.73
N LEU A 68 4.68 -1.75 12.53
CA LEU A 68 3.87 -2.85 12.00
C LEU A 68 4.75 -3.99 11.50
N ARG A 69 5.91 -3.63 10.95
CA ARG A 69 6.84 -4.63 10.43
C ARG A 69 7.34 -5.54 11.54
N GLN A 70 7.81 -4.93 12.64
CA GLN A 70 8.31 -5.70 13.77
C GLN A 70 7.26 -6.67 14.29
N LEU A 71 6.00 -6.25 14.24
CA LEU A 71 4.90 -7.09 14.70
C LEU A 71 4.68 -8.27 13.75
N SER A 72 4.13 -9.35 14.29
CA SER A 72 3.87 -10.55 13.50
C SER A 72 2.43 -10.57 12.99
N ALA A 73 1.91 -9.38 12.68
CA ALA A 73 0.54 -9.26 12.20
C ALA A 73 0.50 -8.58 10.83
N TYR A 74 1.45 -7.68 10.59
CA TYR A 74 1.53 -6.97 9.32
C TYR A 74 2.77 -7.38 8.54
N ALA A 75 3.78 -7.87 9.26
CA ALA A 75 5.03 -8.29 8.63
C ALA A 75 4.76 -9.19 7.43
N ASP A 76 3.73 -10.02 7.54
CA ASP A 76 3.36 -10.93 6.46
C ASP A 76 2.49 -10.22 5.43
N THR A 77 1.65 -9.30 5.89
CA THR A 77 0.77 -8.56 5.01
C THR A 77 1.55 -7.86 3.90
N PRO A 78 1.08 -8.00 2.66
CA PRO A 78 1.71 -7.38 1.49
C PRO A 78 1.58 -5.87 1.48
N ILE A 79 2.69 -5.17 1.29
CA ILE A 79 2.70 -3.72 1.25
C ILE A 79 3.42 -3.19 0.01
N LEU A 80 2.74 -2.35 -0.75
CA LEU A 80 3.31 -1.77 -1.95
C LEU A 80 3.41 -0.25 -1.85
N VAL A 81 4.62 0.27 -1.96
CA VAL A 81 4.86 1.70 -1.87
C VAL A 81 5.12 2.29 -3.25
N LEU A 82 4.44 3.40 -3.56
CA LEU A 82 4.60 4.06 -4.84
C LEU A 82 5.79 5.02 -4.81
N THR A 83 6.40 5.23 -5.98
CA THR A 83 7.55 6.12 -6.10
C THR A 83 7.55 6.85 -7.43
N THR A 84 8.22 8.00 -7.47
CA THR A 84 8.31 8.80 -8.69
C THR A 84 9.70 8.75 -9.29
N GLU A 85 10.71 8.70 -8.43
CA GLU A 85 12.10 8.66 -8.86
C GLU A 85 12.41 7.33 -9.55
N GLY A 86 12.53 6.28 -8.75
CA GLY A 86 12.83 4.96 -9.29
C GLY A 86 14.31 4.63 -9.24
N SER A 87 14.95 4.99 -8.13
CA SER A 87 16.38 4.74 -7.97
C SER A 87 16.61 3.62 -6.95
N ASP A 88 17.88 3.22 -6.80
CA ASP A 88 18.24 2.16 -5.87
C ASP A 88 18.12 2.65 -4.43
N ALA A 89 18.64 3.85 -4.17
CA ALA A 89 18.60 4.43 -2.83
C ALA A 89 17.18 4.41 -2.27
N PHE A 90 16.21 4.66 -3.14
CA PHE A 90 14.80 4.68 -2.74
C PHE A 90 14.39 3.32 -2.16
N LYS A 91 14.78 2.26 -2.84
CA LYS A 91 14.45 0.90 -2.40
C LYS A 91 14.89 0.68 -0.95
N ALA A 92 16.01 1.28 -0.57
CA ALA A 92 16.53 1.15 0.77
C ALA A 92 15.53 1.68 1.81
N ALA A 93 14.86 2.77 1.45
CA ALA A 93 13.87 3.37 2.34
C ALA A 93 12.72 2.43 2.60
N ALA A 94 12.02 2.03 1.53
CA ALA A 94 10.89 1.12 1.66
C ALA A 94 11.27 -0.13 2.44
N ARG A 95 12.40 -0.73 2.08
CA ARG A 95 12.88 -1.94 2.74
C ARG A 95 13.22 -1.64 4.20
N ASP A 96 13.75 -0.45 4.45
CA ASP A 96 14.13 -0.05 5.81
C ASP A 96 12.89 0.17 6.67
N ALA A 97 11.83 0.70 6.06
CA ALA A 97 10.60 0.96 6.78
C ALA A 97 9.86 -0.34 7.11
N GLY A 98 9.93 -1.30 6.19
CA GLY A 98 9.27 -2.57 6.40
C GLY A 98 8.20 -2.86 5.38
N ALA A 99 8.42 -2.39 4.15
CA ALA A 99 7.46 -2.60 3.07
C ALA A 99 7.88 -3.76 2.17
N THR A 100 6.92 -4.62 1.85
CA THR A 100 7.20 -5.78 1.00
C THR A 100 7.85 -5.35 -0.31
N GLY A 101 7.07 -4.72 -1.18
CA GLY A 101 7.59 -4.26 -2.46
C GLY A 101 7.23 -2.82 -2.76
N TRP A 102 7.67 -2.34 -3.91
CA TRP A 102 7.39 -0.97 -4.32
C TRP A 102 7.02 -0.89 -5.80
N ILE A 103 6.55 0.28 -6.22
CA ILE A 103 6.16 0.47 -7.62
C ILE A 103 6.36 1.92 -8.04
N GLU A 104 6.38 2.15 -9.35
CA GLU A 104 6.56 3.48 -9.89
C GLU A 104 5.28 3.99 -10.54
N LYS A 105 4.95 5.25 -10.28
CA LYS A 105 3.74 5.86 -10.83
C LYS A 105 4.00 6.37 -12.24
N PRO A 106 2.92 6.58 -13.00
CA PRO A 106 1.55 6.33 -12.53
C PRO A 106 1.26 4.85 -12.36
N ILE A 107 0.08 4.53 -11.86
CA ILE A 107 -0.33 3.14 -11.64
C ILE A 107 -1.46 2.75 -12.59
N ASP A 108 -1.37 1.55 -13.14
CA ASP A 108 -2.40 1.04 -14.06
C ASP A 108 -3.42 0.20 -13.31
N PRO A 109 -4.64 0.12 -13.86
CA PRO A 109 -5.73 -0.66 -13.27
C PRO A 109 -5.49 -2.16 -13.35
N GLY A 110 -4.78 -2.58 -14.41
CA GLY A 110 -4.49 -3.98 -14.59
C GLY A 110 -3.43 -4.50 -13.63
N VAL A 111 -2.44 -3.66 -13.36
CA VAL A 111 -1.35 -4.02 -12.45
C VAL A 111 -1.80 -3.96 -11.00
N LEU A 112 -2.48 -2.86 -10.64
CA LEU A 112 -2.96 -2.68 -9.29
C LEU A 112 -3.81 -3.86 -8.84
N VAL A 113 -4.85 -4.16 -9.62
CA VAL A 113 -5.73 -5.28 -9.31
C VAL A 113 -4.98 -6.61 -9.29
N GLU A 114 -4.19 -6.84 -10.34
CA GLU A 114 -3.40 -8.07 -10.45
C GLU A 114 -2.52 -8.26 -9.22
N LEU A 115 -1.95 -7.17 -8.74
CA LEU A 115 -1.08 -7.21 -7.57
C LEU A 115 -1.84 -7.76 -6.36
N VAL A 116 -3.12 -7.43 -6.26
CA VAL A 116 -3.95 -7.89 -5.16
C VAL A 116 -4.50 -9.29 -5.43
N ALA A 117 -4.80 -9.56 -6.69
CA ALA A 117 -5.33 -10.86 -7.08
C ALA A 117 -4.46 -12.00 -6.55
N THR A 118 -3.17 -11.93 -6.86
CA THR A 118 -2.23 -12.96 -6.42
C THR A 118 -2.34 -13.19 -4.91
N LEU A 119 -2.62 -12.12 -4.18
CA LEU A 119 -2.74 -12.21 -2.73
C LEU A 119 -4.10 -12.80 -2.33
N SER A 120 -5.13 -12.47 -3.11
CA SER A 120 -6.47 -12.97 -2.84
C SER A 120 -6.53 -14.48 -2.99
N GLU A 121 -5.78 -15.01 -3.95
CA GLU A 121 -5.76 -16.44 -4.20
C GLU A 121 -4.47 -17.06 -3.65
N PRO A 122 -4.52 -18.37 -3.35
CA PRO A 122 -3.38 -19.10 -2.81
C PRO A 122 -2.26 -19.28 -3.84
N ALA A 123 -1.25 -20.05 -3.48
CA ALA A 123 -0.12 -20.30 -4.37
C ALA A 123 -0.60 -20.80 -5.73
N ALA A 124 0.27 -20.69 -6.74
CA ALA A 124 -0.07 -21.13 -8.09
C ALA A 124 1.16 -21.12 -8.98
N ASN A 125 1.72 -19.93 -9.21
CA ASN A 125 2.90 -19.79 -10.05
C ASN A 125 3.52 -18.41 -9.89
N MET A 1 -8.10 -14.49 2.31
CA MET A 1 -9.25 -13.84 1.70
C MET A 1 -9.24 -12.34 1.96
N ILE A 2 -9.12 -11.56 0.89
CA ILE A 2 -9.09 -10.11 0.99
C ILE A 2 -10.36 -9.59 1.66
N ARG A 3 -10.20 -9.02 2.86
CA ARG A 3 -11.34 -8.47 3.58
C ARG A 3 -11.57 -7.00 3.23
N THR A 4 -10.48 -6.24 3.18
CA THR A 4 -10.56 -4.83 2.85
C THR A 4 -9.27 -4.34 2.20
N ILE A 5 -9.29 -3.09 1.72
CA ILE A 5 -8.13 -2.51 1.07
C ILE A 5 -7.97 -1.03 1.43
N LEU A 6 -6.74 -0.56 1.47
CA LEU A 6 -6.47 0.84 1.79
C LEU A 6 -5.53 1.46 0.77
N ALA A 7 -6.01 2.50 0.09
CA ALA A 7 -5.23 3.19 -0.92
C ALA A 7 -5.19 4.69 -0.67
N ILE A 8 -4.00 5.21 -0.37
CA ILE A 8 -3.83 6.63 -0.10
C ILE A 8 -3.09 7.32 -1.24
N ASP A 9 -3.59 8.48 -1.65
CA ASP A 9 -2.98 9.24 -2.73
C ASP A 9 -3.37 10.71 -2.65
N ASP A 10 -2.52 11.58 -3.19
CA ASP A 10 -2.77 13.01 -3.17
C ASP A 10 -3.63 13.42 -4.36
N SER A 11 -3.34 12.86 -5.52
CA SER A 11 -4.09 13.18 -6.74
C SER A 11 -5.51 12.63 -6.66
N ALA A 12 -6.48 13.51 -6.59
CA ALA A 12 -7.88 13.12 -6.51
C ALA A 12 -8.24 12.13 -7.62
N THR A 13 -7.64 12.33 -8.79
CA THR A 13 -7.89 11.47 -9.93
C THR A 13 -7.40 10.05 -9.66
N MET A 14 -6.21 9.93 -9.08
CA MET A 14 -5.64 8.62 -8.77
C MET A 14 -6.41 7.95 -7.64
N ARG A 15 -6.63 8.69 -6.55
CA ARG A 15 -7.36 8.16 -5.40
C ARG A 15 -8.68 7.54 -5.84
N ALA A 16 -9.35 8.18 -6.80
CA ALA A 16 -10.63 7.71 -7.30
C ALA A 16 -10.43 6.60 -8.34
N LEU A 17 -9.49 6.82 -9.25
CA LEU A 17 -9.20 5.84 -10.29
C LEU A 17 -8.97 4.46 -9.69
N LEU A 18 -7.93 4.35 -8.87
CA LEU A 18 -7.58 3.08 -8.24
C LEU A 18 -8.75 2.57 -7.39
N HIS A 19 -9.33 3.45 -6.59
CA HIS A 19 -10.44 3.10 -5.72
C HIS A 19 -11.55 2.42 -6.53
N ALA A 20 -11.85 2.98 -7.70
CA ALA A 20 -12.88 2.42 -8.56
C ALA A 20 -12.43 1.10 -9.18
N THR A 21 -11.15 1.02 -9.53
CA THR A 21 -10.59 -0.19 -10.13
C THR A 21 -10.93 -1.42 -9.31
N LEU A 22 -10.62 -1.37 -8.02
CA LEU A 22 -10.90 -2.48 -7.12
C LEU A 22 -12.37 -2.52 -6.73
N ALA A 23 -12.94 -1.34 -6.47
CA ALA A 23 -14.33 -1.24 -6.08
C ALA A 23 -15.23 -1.97 -7.06
N GLN A 24 -15.04 -1.71 -8.35
CA GLN A 24 -15.83 -2.36 -9.39
C GLN A 24 -15.58 -3.87 -9.41
N ALA A 25 -14.36 -4.26 -9.07
CA ALA A 25 -14.00 -5.67 -9.05
C ALA A 25 -14.73 -6.42 -7.93
N GLY A 26 -15.20 -5.66 -6.95
CA GLY A 26 -15.91 -6.26 -5.83
C GLY A 26 -15.26 -5.96 -4.50
N TYR A 27 -13.94 -6.00 -4.46
CA TYR A 27 -13.19 -5.73 -3.24
C TYR A 27 -13.63 -4.41 -2.62
N GLU A 28 -13.44 -4.29 -1.30
CA GLU A 28 -13.82 -3.07 -0.59
C GLU A 28 -12.58 -2.25 -0.25
N VAL A 29 -12.38 -1.17 -0.98
CA VAL A 29 -11.22 -0.29 -0.75
C VAL A 29 -11.63 0.93 0.07
N THR A 30 -10.64 1.59 0.66
CA THR A 30 -10.88 2.77 1.48
C THR A 30 -9.69 3.72 1.45
N VAL A 31 -9.90 4.91 0.89
CA VAL A 31 -8.84 5.91 0.80
C VAL A 31 -8.91 6.88 1.96
N ALA A 32 -7.74 7.23 2.51
CA ALA A 32 -7.67 8.16 3.64
C ALA A 32 -7.22 9.54 3.16
N ALA A 33 -7.04 10.45 4.12
CA ALA A 33 -6.60 11.80 3.81
C ALA A 33 -5.10 11.84 3.48
N ASP A 34 -4.34 11.00 4.17
CA ASP A 34 -2.90 10.93 3.94
C ASP A 34 -2.35 9.56 4.33
N GLY A 35 -1.10 9.31 3.94
CA GLY A 35 -0.48 8.03 4.26
C GLY A 35 -0.42 7.76 5.75
N GLU A 36 -0.26 8.82 6.53
CA GLU A 36 -0.18 8.69 7.98
C GLU A 36 -1.51 8.24 8.56
N ALA A 37 -2.60 8.90 8.13
CA ALA A 37 -3.93 8.55 8.61
C ALA A 37 -4.31 7.14 8.22
N GLY A 38 -3.85 6.70 7.04
CA GLY A 38 -4.15 5.37 6.57
C GLY A 38 -3.43 4.29 7.36
N PHE A 39 -2.13 4.46 7.53
CA PHE A 39 -1.31 3.50 8.28
C PHE A 39 -1.76 3.44 9.73
N ASP A 40 -1.89 4.59 10.36
CA ASP A 40 -2.29 4.67 11.75
C ASP A 40 -3.56 3.86 12.00
N LEU A 41 -4.46 3.86 11.01
CA LEU A 41 -5.70 3.11 11.11
C LEU A 41 -5.52 1.66 10.67
N ALA A 42 -4.61 1.45 9.73
CA ALA A 42 -4.33 0.11 9.23
C ALA A 42 -3.98 -0.85 10.37
N ALA A 43 -3.48 -0.29 11.47
CA ALA A 43 -3.12 -1.09 12.63
C ALA A 43 -4.33 -1.38 13.51
N THR A 44 -5.32 -0.49 13.45
CA THR A 44 -6.54 -0.65 14.24
C THR A 44 -7.58 -1.45 13.48
N THR A 45 -7.54 -1.38 12.14
CA THR A 45 -8.48 -2.10 11.30
C THR A 45 -7.87 -3.37 10.74
N ALA A 46 -6.58 -3.30 10.40
CA ALA A 46 -5.86 -4.44 9.85
C ALA A 46 -6.43 -4.83 8.49
N TYR A 47 -6.02 -4.11 7.46
CA TYR A 47 -6.49 -4.39 6.10
C TYR A 47 -5.68 -5.51 5.47
N ASP A 48 -6.01 -5.81 4.21
CA ASP A 48 -5.30 -6.88 3.49
C ASP A 48 -4.24 -6.29 2.56
N LEU A 49 -4.50 -5.10 2.05
CA LEU A 49 -3.55 -4.43 1.16
C LEU A 49 -3.55 -2.92 1.39
N VAL A 50 -2.37 -2.37 1.68
CA VAL A 50 -2.23 -0.95 1.93
C VAL A 50 -1.29 -0.30 0.91
N LEU A 51 -1.63 0.90 0.47
CA LEU A 51 -0.82 1.63 -0.50
C LEU A 51 -0.58 3.06 -0.05
N THR A 52 0.68 3.49 -0.08
CA THR A 52 1.04 4.84 0.31
C THR A 52 1.95 5.50 -0.72
N ASP A 53 2.05 6.83 -0.64
CA ASP A 53 2.88 7.57 -1.58
C ASP A 53 3.29 8.92 -0.98
N GLN A 54 4.58 9.09 -0.73
CA GLN A 54 5.09 10.32 -0.16
C GLN A 54 6.62 10.29 -0.07
N ASN A 55 7.23 11.47 -0.04
CA ASN A 55 8.67 11.59 0.04
C ASN A 55 9.17 11.26 1.44
N MET A 56 10.47 10.94 1.55
CA MET A 56 11.07 10.61 2.84
C MET A 56 12.17 11.60 3.19
N PRO A 57 11.79 12.85 3.44
CA PRO A 57 12.74 13.91 3.79
C PRO A 57 13.35 13.71 5.17
N ARG A 58 12.49 13.44 6.16
CA ARG A 58 12.95 13.23 7.53
C ARG A 58 12.00 12.31 8.29
N LYS A 59 12.27 12.11 9.57
CA LYS A 59 11.43 11.25 10.40
C LYS A 59 9.97 11.67 10.31
N SER A 60 9.14 10.79 9.74
CA SER A 60 7.72 11.06 9.59
C SER A 60 6.88 9.92 10.14
N GLY A 61 5.57 9.99 9.92
CA GLY A 61 4.68 8.96 10.41
C GLY A 61 4.93 7.62 9.74
N LEU A 62 5.36 7.66 8.47
CA LEU A 62 5.63 6.44 7.73
C LEU A 62 6.53 5.49 8.52
N GLU A 63 7.40 6.07 9.34
CA GLU A 63 8.31 5.28 10.16
C GLU A 63 7.56 4.20 10.93
N LEU A 64 6.30 4.48 11.23
CA LEU A 64 5.47 3.53 11.97
C LEU A 64 5.54 2.14 11.36
N ILE A 65 5.74 2.09 10.04
CA ILE A 65 5.83 0.82 9.33
C ILE A 65 6.78 -0.14 10.04
N ALA A 66 7.83 0.41 10.64
CA ALA A 66 8.80 -0.40 11.36
C ALA A 66 8.12 -1.33 12.35
N ALA A 67 7.20 -0.79 13.14
CA ALA A 67 6.47 -1.57 14.12
C ALA A 67 5.50 -2.53 13.45
N LEU A 68 4.93 -2.11 12.32
CA LEU A 68 3.99 -2.94 11.59
C LEU A 68 4.63 -4.26 11.15
N ARG A 69 5.93 -4.21 10.91
CA ARG A 69 6.68 -5.39 10.49
C ARG A 69 7.00 -6.28 11.69
N GLN A 70 7.25 -5.66 12.84
CA GLN A 70 7.58 -6.39 14.05
C GLN A 70 6.32 -6.64 14.88
N LEU A 71 5.17 -6.66 14.22
CA LEU A 71 3.91 -6.89 14.90
C LEU A 71 3.43 -8.33 14.71
N SER A 72 4.00 -9.00 13.71
CA SER A 72 3.64 -10.39 13.42
C SER A 72 2.17 -10.49 12.99
N ALA A 73 1.66 -9.42 12.38
CA ALA A 73 0.28 -9.40 11.93
C ALA A 73 0.17 -8.70 10.57
N TYR A 74 1.00 -7.69 10.35
CA TYR A 74 1.00 -6.95 9.10
C TYR A 74 2.27 -7.21 8.30
N ALA A 75 3.32 -7.63 8.99
CA ALA A 75 4.60 -7.92 8.35
C ALA A 75 4.40 -8.78 7.11
N ASP A 76 3.50 -9.75 7.21
CA ASP A 76 3.23 -10.66 6.10
C ASP A 76 2.36 -9.97 5.05
N THR A 77 1.46 -9.10 5.50
CA THR A 77 0.57 -8.38 4.61
C THR A 77 1.36 -7.71 3.47
N PRO A 78 0.85 -7.86 2.25
CA PRO A 78 1.49 -7.27 1.05
C PRO A 78 1.36 -5.76 1.02
N ILE A 79 2.50 -5.07 1.16
CA ILE A 79 2.51 -3.61 1.13
C ILE A 79 3.24 -3.09 -0.09
N LEU A 80 2.62 -2.12 -0.77
CA LEU A 80 3.22 -1.54 -1.96
C LEU A 80 3.36 -0.03 -1.82
N VAL A 81 4.60 0.46 -1.86
CA VAL A 81 4.86 1.89 -1.73
C VAL A 81 5.21 2.50 -3.08
N LEU A 82 4.59 3.65 -3.38
CA LEU A 82 4.84 4.35 -4.64
C LEU A 82 6.07 5.22 -4.54
N THR A 83 6.75 5.41 -5.68
CA THR A 83 7.95 6.23 -5.72
C THR A 83 7.85 7.29 -6.80
N THR A 84 8.37 8.49 -6.50
CA THR A 84 8.33 9.59 -7.45
C THR A 84 8.87 9.18 -8.80
N GLU A 85 10.14 8.77 -8.83
CA GLU A 85 10.79 8.35 -10.06
C GLU A 85 11.20 6.88 -9.99
N GLY A 86 11.88 6.52 -8.90
CA GLY A 86 12.32 5.15 -8.73
C GLY A 86 13.82 5.04 -8.52
N SER A 87 14.34 5.84 -7.59
CA SER A 87 15.77 5.84 -7.31
C SER A 87 16.18 4.56 -6.59
N ASP A 88 17.40 4.11 -6.85
CA ASP A 88 17.92 2.90 -6.23
C ASP A 88 18.02 3.05 -4.71
N ALA A 89 18.38 4.26 -4.27
CA ALA A 89 18.51 4.54 -2.85
C ALA A 89 17.17 4.35 -2.13
N PHE A 90 16.08 4.69 -2.81
CA PHE A 90 14.75 4.57 -2.23
C PHE A 90 14.45 3.11 -1.88
N LYS A 91 14.93 2.19 -2.70
CA LYS A 91 14.72 0.77 -2.47
C LYS A 91 15.13 0.38 -1.06
N ALA A 92 16.20 1.00 -0.56
CA ALA A 92 16.68 0.72 0.79
C ALA A 92 15.73 1.25 1.84
N ALA A 93 15.11 2.39 1.55
CA ALA A 93 14.16 3.02 2.47
C ALA A 93 12.94 2.13 2.68
N ALA A 94 12.23 1.85 1.59
CA ALA A 94 11.03 1.02 1.65
C ALA A 94 11.32 -0.30 2.36
N ARG A 95 12.41 -0.94 1.98
CA ARG A 95 12.79 -2.22 2.58
C ARG A 95 13.16 -2.03 4.05
N ASP A 96 13.79 -0.90 4.36
CA ASP A 96 14.20 -0.60 5.73
C ASP A 96 12.97 -0.42 6.62
N ALA A 97 11.96 0.29 6.12
CA ALA A 97 10.75 0.54 6.87
C ALA A 97 10.02 -0.77 7.20
N GLY A 98 10.07 -1.71 6.27
CA GLY A 98 9.42 -2.99 6.48
C GLY A 98 8.29 -3.23 5.49
N ALA A 99 8.45 -2.72 4.28
CA ALA A 99 7.44 -2.88 3.24
C ALA A 99 7.81 -4.01 2.28
N THR A 100 6.80 -4.74 1.82
CA THR A 100 7.02 -5.85 0.90
C THR A 100 7.74 -5.38 -0.36
N GLY A 101 7.02 -4.67 -1.22
CA GLY A 101 7.61 -4.18 -2.45
C GLY A 101 7.21 -2.75 -2.76
N TRP A 102 7.73 -2.21 -3.85
CA TRP A 102 7.43 -0.84 -4.25
C TRP A 102 7.19 -0.75 -5.75
N ILE A 103 6.59 0.35 -6.19
CA ILE A 103 6.31 0.56 -7.60
C ILE A 103 6.34 2.05 -7.95
N GLU A 104 6.29 2.34 -9.25
CA GLU A 104 6.32 3.72 -9.72
C GLU A 104 4.94 4.16 -10.18
N LYS A 105 4.60 5.42 -9.91
CA LYS A 105 3.31 5.97 -10.29
C LYS A 105 3.44 6.82 -11.55
N PRO A 106 2.30 7.06 -12.22
CA PRO A 106 1.00 6.54 -11.79
C PRO A 106 0.90 5.03 -11.97
N ILE A 107 -0.21 4.45 -11.52
CA ILE A 107 -0.42 3.02 -11.62
C ILE A 107 -1.62 2.71 -12.53
N ASP A 108 -1.48 1.67 -13.35
CA ASP A 108 -2.55 1.26 -14.26
C ASP A 108 -3.60 0.45 -13.53
N PRO A 109 -4.83 0.46 -14.07
CA PRO A 109 -5.96 -0.27 -13.48
C PRO A 109 -5.81 -1.78 -13.62
N GLY A 110 -5.18 -2.21 -14.73
CA GLY A 110 -4.98 -3.63 -14.96
C GLY A 110 -3.90 -4.21 -14.09
N VAL A 111 -2.79 -3.48 -13.95
CA VAL A 111 -1.66 -3.94 -13.14
C VAL A 111 -2.05 -4.01 -11.67
N LEU A 112 -2.63 -2.92 -11.16
CA LEU A 112 -3.05 -2.86 -9.76
C LEU A 112 -3.90 -4.07 -9.40
N VAL A 113 -4.93 -4.33 -10.20
CA VAL A 113 -5.82 -5.46 -9.97
C VAL A 113 -5.06 -6.78 -10.01
N GLU A 114 -4.04 -6.85 -10.87
CA GLU A 114 -3.24 -8.05 -11.00
C GLU A 114 -2.38 -8.28 -9.76
N LEU A 115 -1.88 -7.18 -9.20
CA LEU A 115 -1.04 -7.26 -8.01
C LEU A 115 -1.83 -7.80 -6.81
N VAL A 116 -3.09 -7.40 -6.74
CA VAL A 116 -3.96 -7.85 -5.64
C VAL A 116 -4.57 -9.21 -5.94
N ALA A 117 -4.85 -9.45 -7.22
CA ALA A 117 -5.44 -10.73 -7.64
C ALA A 117 -4.64 -11.90 -7.09
N THR A 118 -3.33 -11.91 -7.37
CA THR A 118 -2.46 -12.98 -6.91
C THR A 118 -2.63 -13.23 -5.42
N LEU A 119 -2.87 -12.15 -4.67
CA LEU A 119 -3.05 -12.24 -3.24
C LEU A 119 -4.45 -12.73 -2.88
N SER A 120 -5.43 -12.30 -3.68
CA SER A 120 -6.82 -12.70 -3.45
C SER A 120 -6.97 -14.21 -3.56
N GLU A 121 -6.23 -14.82 -4.47
CA GLU A 121 -6.29 -16.27 -4.68
C GLU A 121 -5.08 -16.95 -4.05
N PRO A 122 -5.23 -18.24 -3.71
CA PRO A 122 -4.17 -19.03 -3.11
C PRO A 122 -3.03 -19.32 -4.07
N ALA A 123 -1.91 -19.82 -3.54
CA ALA A 123 -0.76 -20.15 -4.36
C ALA A 123 -0.49 -21.64 -4.38
N ALA A 124 0.63 -22.03 -4.96
CA ALA A 124 1.00 -23.44 -5.04
C ALA A 124 2.50 -23.61 -5.19
N ASN A 125 3.26 -22.80 -4.46
CA ASN A 125 4.72 -22.86 -4.51
C ASN A 125 5.23 -24.24 -4.09
N MET A 1 -6.46 -14.43 1.14
CA MET A 1 -7.85 -14.02 1.29
C MET A 1 -7.95 -12.52 1.53
N ILE A 2 -7.97 -11.75 0.45
CA ILE A 2 -8.06 -10.29 0.54
C ILE A 2 -9.38 -9.86 1.16
N ARG A 3 -9.34 -9.43 2.41
CA ARG A 3 -10.55 -8.99 3.12
C ARG A 3 -10.77 -7.50 2.91
N THR A 4 -9.71 -6.71 2.97
CA THR A 4 -9.80 -5.28 2.79
C THR A 4 -8.51 -4.72 2.17
N ILE A 5 -8.65 -3.57 1.51
CA ILE A 5 -7.50 -2.93 0.87
C ILE A 5 -7.48 -1.44 1.16
N LEU A 6 -6.28 -0.87 1.28
CA LEU A 6 -6.12 0.55 1.55
C LEU A 6 -5.23 1.21 0.49
N ALA A 7 -5.73 2.32 -0.07
CA ALA A 7 -4.97 3.04 -1.09
C ALA A 7 -4.86 4.52 -0.73
N ILE A 8 -3.63 5.02 -0.71
CA ILE A 8 -3.38 6.42 -0.39
C ILE A 8 -2.61 7.12 -1.50
N ASP A 9 -3.21 8.17 -2.05
CA ASP A 9 -2.59 8.93 -3.13
C ASP A 9 -2.91 10.42 -3.00
N ASP A 10 -2.19 11.24 -3.76
CA ASP A 10 -2.39 12.68 -3.73
C ASP A 10 -3.49 13.10 -4.69
N SER A 11 -3.36 12.68 -5.95
CA SER A 11 -4.34 13.01 -6.98
C SER A 11 -5.69 12.37 -6.66
N ALA A 12 -6.73 13.19 -6.63
CA ALA A 12 -8.08 12.71 -6.35
C ALA A 12 -8.52 11.67 -7.37
N THR A 13 -8.19 11.92 -8.64
CA THR A 13 -8.56 11.00 -9.71
C THR A 13 -8.00 9.62 -9.47
N MET A 14 -6.73 9.55 -9.06
CA MET A 14 -6.07 8.29 -8.80
C MET A 14 -6.81 7.51 -7.71
N ARG A 15 -6.99 8.15 -6.56
CA ARG A 15 -7.68 7.51 -5.44
C ARG A 15 -9.06 7.01 -5.87
N ALA A 16 -9.72 7.76 -6.75
CA ALA A 16 -11.03 7.39 -7.24
C ALA A 16 -10.95 6.20 -8.20
N LEU A 17 -9.94 6.22 -9.07
CA LEU A 17 -9.75 5.16 -10.04
C LEU A 17 -9.37 3.85 -9.34
N LEU A 18 -8.26 3.87 -8.63
CA LEU A 18 -7.78 2.70 -7.91
C LEU A 18 -8.89 2.11 -7.04
N HIS A 19 -9.71 2.97 -6.46
CA HIS A 19 -10.81 2.53 -5.60
C HIS A 19 -11.82 1.72 -6.40
N ALA A 20 -12.12 2.17 -7.62
CA ALA A 20 -13.06 1.48 -8.49
C ALA A 20 -12.46 0.21 -9.07
N THR A 21 -11.20 0.31 -9.51
CA THR A 21 -10.51 -0.82 -10.09
C THR A 21 -10.57 -2.04 -9.18
N LEU A 22 -10.38 -1.82 -7.88
CA LEU A 22 -10.42 -2.90 -6.91
C LEU A 22 -11.87 -3.19 -6.47
N ALA A 23 -12.67 -2.13 -6.39
CA ALA A 23 -14.06 -2.27 -5.99
C ALA A 23 -14.82 -3.19 -6.94
N GLN A 24 -14.73 -2.89 -8.24
CA GLN A 24 -15.41 -3.69 -9.25
C GLN A 24 -15.00 -5.16 -9.16
N ALA A 25 -13.74 -5.39 -8.79
CA ALA A 25 -13.22 -6.75 -8.66
C ALA A 25 -13.88 -7.47 -7.48
N GLY A 26 -14.44 -6.71 -6.56
CA GLY A 26 -15.09 -7.28 -5.40
C GLY A 26 -14.39 -6.94 -4.10
N TYR A 27 -13.07 -6.83 -4.16
CA TYR A 27 -12.27 -6.50 -2.98
C TYR A 27 -12.82 -5.27 -2.28
N GLU A 28 -12.55 -5.16 -0.99
CA GLU A 28 -13.01 -4.01 -0.20
C GLU A 28 -11.91 -2.96 -0.07
N VAL A 29 -11.69 -2.20 -1.13
CA VAL A 29 -10.67 -1.16 -1.13
C VAL A 29 -11.23 0.16 -0.61
N THR A 30 -10.39 0.89 0.12
CA THR A 30 -10.80 2.17 0.68
C THR A 30 -9.67 3.20 0.60
N VAL A 31 -10.04 4.46 0.38
CA VAL A 31 -9.04 5.53 0.28
C VAL A 31 -8.97 6.33 1.58
N ALA A 32 -7.75 6.71 1.97
CA ALA A 32 -7.54 7.48 3.18
C ALA A 32 -7.27 8.94 2.86
N ALA A 33 -6.99 9.73 3.90
CA ALA A 33 -6.71 11.15 3.73
C ALA A 33 -5.21 11.38 3.46
N ASP A 34 -4.38 10.57 4.11
CA ASP A 34 -2.93 10.70 3.94
C ASP A 34 -2.24 9.36 4.18
N GLY A 35 -0.97 9.27 3.79
CA GLY A 35 -0.22 8.05 3.97
C GLY A 35 -0.25 7.55 5.41
N GLU A 36 -0.26 8.50 6.35
CA GLU A 36 -0.28 8.15 7.76
C GLU A 36 -1.69 7.73 8.20
N ALA A 37 -2.70 8.41 7.65
CA ALA A 37 -4.08 8.11 7.97
C ALA A 37 -4.43 6.67 7.62
N GLY A 38 -3.85 6.17 6.53
CA GLY A 38 -4.12 4.81 6.10
C GLY A 38 -3.35 3.78 6.91
N PHE A 39 -2.06 4.03 7.08
CA PHE A 39 -1.21 3.11 7.84
C PHE A 39 -1.63 3.06 9.31
N ASP A 40 -1.83 4.24 9.90
CA ASP A 40 -2.24 4.33 11.30
C ASP A 40 -3.47 3.45 11.56
N LEU A 41 -4.41 3.46 10.62
CA LEU A 41 -5.63 2.67 10.74
C LEU A 41 -5.33 1.18 10.61
N ALA A 42 -4.35 0.84 9.77
CA ALA A 42 -3.97 -0.55 9.55
C ALA A 42 -3.44 -1.17 10.84
N ALA A 43 -3.02 -0.33 11.78
CA ALA A 43 -2.48 -0.80 13.04
C ALA A 43 -3.59 -1.33 13.94
N THR A 44 -4.82 -0.87 13.69
CA THR A 44 -5.97 -1.30 14.48
C THR A 44 -6.90 -2.18 13.65
N THR A 45 -6.93 -1.95 12.35
CA THR A 45 -7.78 -2.72 11.45
C THR A 45 -6.98 -3.83 10.76
N ALA A 46 -5.78 -3.48 10.31
CA ALA A 46 -4.92 -4.45 9.62
C ALA A 46 -5.54 -4.90 8.30
N TYR A 47 -5.19 -4.19 7.23
CA TYR A 47 -5.71 -4.51 5.91
C TYR A 47 -4.82 -5.54 5.21
N ASP A 48 -5.37 -6.17 4.17
CA ASP A 48 -4.63 -7.18 3.42
C ASP A 48 -3.59 -6.53 2.52
N LEU A 49 -3.91 -5.36 1.99
CA LEU A 49 -3.00 -4.64 1.12
C LEU A 49 -3.06 -3.13 1.39
N VAL A 50 -1.90 -2.49 1.35
CA VAL A 50 -1.83 -1.05 1.59
C VAL A 50 -0.89 -0.37 0.59
N LEU A 51 -1.29 0.80 0.11
CA LEU A 51 -0.49 1.55 -0.84
C LEU A 51 -0.25 2.98 -0.36
N THR A 52 1.01 3.39 -0.36
CA THR A 52 1.37 4.74 0.08
C THR A 52 1.90 5.57 -1.09
N ASP A 53 1.84 6.88 -0.95
CA ASP A 53 2.33 7.80 -1.99
C ASP A 53 3.32 8.80 -1.41
N GLN A 54 3.04 9.27 -0.20
CA GLN A 54 3.90 10.25 0.46
C GLN A 54 5.32 9.70 0.62
N ASN A 55 6.26 10.58 0.90
CA ASN A 55 7.65 10.18 1.09
C ASN A 55 8.05 10.23 2.55
N MET A 56 9.34 10.05 2.82
CA MET A 56 9.85 10.07 4.18
C MET A 56 11.09 10.96 4.28
N PRO A 57 10.88 12.28 4.23
CA PRO A 57 11.97 13.25 4.31
C PRO A 57 12.59 13.32 5.71
N ARG A 58 11.76 13.13 6.73
CA ARG A 58 12.23 13.16 8.11
C ARG A 58 11.27 12.39 9.02
N LYS A 59 10.11 12.98 9.28
CA LYS A 59 9.12 12.35 10.14
C LYS A 59 7.72 12.91 9.85
N SER A 60 6.75 12.02 9.74
CA SER A 60 5.37 12.42 9.45
C SER A 60 4.39 11.34 9.90
N GLY A 61 4.70 10.09 9.59
CA GLY A 61 3.85 8.99 9.96
C GLY A 61 4.28 7.68 9.33
N LEU A 62 4.83 7.76 8.13
CA LEU A 62 5.29 6.56 7.42
C LEU A 62 6.19 5.71 8.30
N GLU A 63 6.94 6.37 9.18
CA GLU A 63 7.84 5.67 10.08
C GLU A 63 7.11 4.57 10.84
N LEU A 64 5.82 4.77 11.05
CA LEU A 64 5.00 3.78 11.77
C LEU A 64 5.22 2.39 11.21
N ILE A 65 5.48 2.30 9.91
CA ILE A 65 5.71 1.02 9.25
C ILE A 65 6.74 0.19 10.01
N ALA A 66 7.78 0.87 10.51
CA ALA A 66 8.84 0.20 11.26
C ALA A 66 8.26 -0.58 12.45
N ALA A 67 7.31 0.05 13.14
CA ALA A 67 6.68 -0.58 14.30
C ALA A 67 5.97 -1.86 13.90
N LEU A 68 5.39 -1.88 12.71
CA LEU A 68 4.67 -3.05 12.21
C LEU A 68 5.65 -4.12 11.74
N ARG A 69 6.84 -3.69 11.32
CA ARG A 69 7.85 -4.62 10.86
C ARG A 69 8.22 -5.63 11.94
N GLN A 70 8.33 -5.15 13.17
CA GLN A 70 8.68 -6.02 14.30
C GLN A 70 7.42 -6.50 15.02
N LEU A 71 6.30 -6.52 14.30
CA LEU A 71 5.03 -6.95 14.86
C LEU A 71 4.72 -8.40 14.46
N SER A 72 5.34 -8.84 13.37
CA SER A 72 5.12 -10.19 12.87
C SER A 72 3.67 -10.39 12.44
N ALA A 73 3.04 -9.32 11.99
CA ALA A 73 1.66 -9.37 11.54
C ALA A 73 1.49 -8.65 10.21
N TYR A 74 2.23 -7.56 10.02
CA TYR A 74 2.16 -6.78 8.80
C TYR A 74 3.44 -6.90 7.99
N ALA A 75 4.54 -7.20 8.69
CA ALA A 75 5.84 -7.35 8.04
C ALA A 75 5.75 -8.26 6.82
N ASP A 76 4.90 -9.29 6.93
CA ASP A 76 4.72 -10.24 5.84
C ASP A 76 3.77 -9.68 4.79
N THR A 77 2.79 -8.90 5.23
CA THR A 77 1.81 -8.31 4.33
C THR A 77 2.49 -7.60 3.18
N PRO A 78 1.98 -7.84 1.95
CA PRO A 78 2.54 -7.23 0.74
C PRO A 78 2.26 -5.73 0.66
N ILE A 79 3.29 -4.93 0.90
CA ILE A 79 3.16 -3.48 0.86
C ILE A 79 3.89 -2.89 -0.35
N LEU A 80 3.23 -1.96 -1.03
CA LEU A 80 3.82 -1.32 -2.21
C LEU A 80 3.88 0.19 -2.03
N VAL A 81 5.08 0.74 -2.07
CA VAL A 81 5.27 2.18 -1.92
C VAL A 81 5.58 2.84 -3.26
N LEU A 82 5.04 4.04 -3.45
CA LEU A 82 5.25 4.78 -4.70
C LEU A 82 6.56 5.55 -4.65
N THR A 83 7.17 5.73 -5.83
CA THR A 83 8.43 6.46 -5.92
C THR A 83 8.44 7.37 -7.14
N THR A 84 9.40 8.31 -7.16
CA THR A 84 9.51 9.25 -8.27
C THR A 84 10.61 8.81 -9.24
N GLU A 85 11.68 8.24 -8.70
CA GLU A 85 12.80 7.77 -9.51
C GLU A 85 13.14 6.32 -9.20
N GLY A 86 13.51 5.57 -10.23
CA GLY A 86 13.87 4.17 -10.04
C GLY A 86 15.29 3.99 -9.57
N SER A 87 15.64 4.66 -8.46
CA SER A 87 16.98 4.57 -7.92
C SER A 87 17.06 3.49 -6.83
N ASP A 88 18.22 2.85 -6.72
CA ASP A 88 18.42 1.80 -5.74
C ASP A 88 18.43 2.38 -4.32
N ALA A 89 18.99 3.58 -4.19
CA ALA A 89 19.06 4.24 -2.88
C ALA A 89 17.68 4.33 -2.25
N PHE A 90 16.66 4.57 -3.08
CA PHE A 90 15.30 4.69 -2.59
C PHE A 90 14.79 3.35 -2.04
N LYS A 91 15.10 2.28 -2.77
CA LYS A 91 14.68 0.94 -2.35
C LYS A 91 15.08 0.66 -0.92
N ALA A 92 16.24 1.18 -0.51
CA ALA A 92 16.74 0.99 0.84
C ALA A 92 15.78 1.59 1.86
N ALA A 93 15.17 2.72 1.52
CA ALA A 93 14.24 3.39 2.40
C ALA A 93 13.01 2.52 2.67
N ALA A 94 12.29 2.18 1.61
CA ALA A 94 11.10 1.36 1.72
C ALA A 94 11.40 0.07 2.47
N ARG A 95 12.54 -0.55 2.14
CA ARG A 95 12.94 -1.80 2.78
C ARG A 95 13.28 -1.57 4.25
N ASP A 96 13.88 -0.42 4.54
CA ASP A 96 14.25 -0.08 5.91
C ASP A 96 13.02 0.21 6.76
N ALA A 97 12.05 0.91 6.18
CA ALA A 97 10.83 1.24 6.88
C ALA A 97 10.02 -0.01 7.21
N GLY A 98 10.03 -0.96 6.29
CA GLY A 98 9.29 -2.20 6.51
C GLY A 98 8.31 -2.49 5.40
N ALA A 99 8.67 -2.10 4.17
CA ALA A 99 7.80 -2.31 3.02
C ALA A 99 8.29 -3.49 2.18
N THR A 100 7.36 -4.27 1.66
CA THR A 100 7.70 -5.43 0.83
C THR A 100 8.39 -5.00 -0.46
N GLY A 101 7.65 -4.31 -1.32
CA GLY A 101 8.20 -3.84 -2.58
C GLY A 101 7.80 -2.41 -2.90
N TRP A 102 8.27 -1.92 -4.05
CA TRP A 102 7.96 -0.56 -4.47
C TRP A 102 7.62 -0.51 -5.95
N ILE A 103 7.00 0.59 -6.37
CA ILE A 103 6.63 0.76 -7.78
C ILE A 103 6.64 2.23 -8.17
N GLU A 104 6.50 2.48 -9.46
CA GLU A 104 6.49 3.86 -9.98
C GLU A 104 5.06 4.31 -10.26
N LYS A 105 4.76 5.55 -9.91
CA LYS A 105 3.43 6.11 -10.13
C LYS A 105 3.44 7.07 -11.33
N PRO A 106 2.24 7.29 -11.90
CA PRO A 106 1.00 6.67 -11.43
C PRO A 106 0.96 5.17 -11.71
N ILE A 107 -0.09 4.52 -11.23
CA ILE A 107 -0.25 3.07 -11.43
C ILE A 107 -1.40 2.78 -12.38
N ASP A 108 -1.29 1.68 -13.10
CA ASP A 108 -2.32 1.27 -14.06
C ASP A 108 -3.34 0.35 -13.38
N PRO A 109 -4.55 0.29 -13.97
CA PRO A 109 -5.64 -0.56 -13.45
C PRO A 109 -5.35 -2.04 -13.61
N GLY A 110 -4.72 -2.40 -14.73
CA GLY A 110 -4.41 -3.79 -14.99
C GLY A 110 -3.24 -4.29 -14.16
N VAL A 111 -2.30 -3.40 -13.88
CA VAL A 111 -1.12 -3.75 -13.08
C VAL A 111 -1.46 -3.77 -11.60
N LEU A 112 -2.36 -2.89 -11.19
CA LEU A 112 -2.76 -2.81 -9.79
C LEU A 112 -3.61 -4.01 -9.39
N VAL A 113 -4.50 -4.43 -10.29
CA VAL A 113 -5.37 -5.57 -10.04
C VAL A 113 -4.58 -6.88 -10.10
N GLU A 114 -3.82 -7.04 -11.18
CA GLU A 114 -3.02 -8.25 -11.36
C GLU A 114 -2.05 -8.44 -10.20
N LEU A 115 -1.57 -7.32 -9.65
CA LEU A 115 -0.62 -7.37 -8.54
C LEU A 115 -1.29 -7.93 -7.29
N VAL A 116 -2.56 -7.62 -7.11
CA VAL A 116 -3.32 -8.10 -5.95
C VAL A 116 -3.87 -9.50 -6.20
N ALA A 117 -4.24 -9.78 -7.44
CA ALA A 117 -4.77 -11.08 -7.81
C ALA A 117 -3.87 -12.21 -7.32
N THR A 118 -2.58 -12.09 -7.60
CA THR A 118 -1.61 -13.10 -7.19
C THR A 118 -1.72 -13.39 -5.70
N LEU A 119 -2.07 -12.37 -4.93
CA LEU A 119 -2.22 -12.53 -3.48
C LEU A 119 -3.61 -13.05 -3.12
N SER A 120 -4.61 -12.62 -3.90
CA SER A 120 -5.98 -13.04 -3.67
C SER A 120 -6.15 -14.53 -3.93
N GLU A 121 -5.65 -14.98 -5.07
CA GLU A 121 -5.74 -16.39 -5.44
C GLU A 121 -7.20 -16.82 -5.58
N PRO A 122 -7.42 -17.94 -6.30
CA PRO A 122 -8.76 -18.48 -6.51
C PRO A 122 -9.38 -19.06 -5.25
N ALA A 123 -10.69 -19.26 -5.27
CA ALA A 123 -11.40 -19.80 -4.12
C ALA A 123 -11.09 -19.00 -2.86
N ALA A 124 -10.95 -17.69 -3.01
CA ALA A 124 -10.66 -16.81 -1.88
C ALA A 124 -10.71 -15.34 -2.31
N ASN A 125 -11.91 -14.86 -2.64
CA ASN A 125 -12.08 -13.48 -3.06
C ASN A 125 -11.55 -12.51 -2.00
N MET A 1 -7.63 -14.09 1.99
CA MET A 1 -9.01 -13.63 1.92
C MET A 1 -9.09 -12.12 2.14
N ILE A 2 -8.81 -11.36 1.08
CA ILE A 2 -8.86 -9.91 1.14
C ILE A 2 -10.18 -9.43 1.70
N ARG A 3 -10.15 -8.82 2.88
CA ARG A 3 -11.35 -8.31 3.52
C ARG A 3 -11.49 -6.80 3.31
N THR A 4 -10.38 -6.08 3.45
CA THR A 4 -10.37 -4.63 3.27
C THR A 4 -9.08 -4.17 2.64
N ILE A 5 -9.10 -2.98 2.05
CA ILE A 5 -7.92 -2.42 1.40
C ILE A 5 -7.76 -0.94 1.75
N LEU A 6 -6.50 -0.51 1.87
CA LEU A 6 -6.20 0.89 2.21
C LEU A 6 -5.21 1.47 1.21
N ALA A 7 -5.51 2.68 0.72
CA ALA A 7 -4.65 3.36 -0.23
C ALA A 7 -4.48 4.82 0.14
N ILE A 8 -3.35 5.41 -0.26
CA ILE A 8 -3.07 6.80 0.02
C ILE A 8 -2.39 7.48 -1.17
N ASP A 9 -2.89 8.64 -1.55
CA ASP A 9 -2.32 9.38 -2.67
C ASP A 9 -2.70 10.85 -2.60
N ASP A 10 -2.10 11.67 -3.45
CA ASP A 10 -2.39 13.10 -3.48
C ASP A 10 -3.23 13.46 -4.70
N SER A 11 -2.97 12.79 -5.81
CA SER A 11 -3.71 13.06 -7.05
C SER A 11 -5.06 12.36 -7.03
N ALA A 12 -6.13 13.16 -7.06
CA ALA A 12 -7.48 12.62 -7.04
C ALA A 12 -7.66 11.56 -8.13
N THR A 13 -7.01 11.76 -9.26
CA THR A 13 -7.10 10.83 -10.37
C THR A 13 -6.67 9.42 -9.95
N MET A 14 -5.50 9.34 -9.32
CA MET A 14 -4.98 8.06 -8.86
C MET A 14 -5.86 7.47 -7.75
N ARG A 15 -6.12 8.28 -6.73
CA ARG A 15 -6.96 7.84 -5.62
C ARG A 15 -8.27 7.26 -6.11
N ALA A 16 -8.80 7.83 -7.19
CA ALA A 16 -10.05 7.37 -7.75
C ALA A 16 -9.83 6.18 -8.67
N LEU A 17 -8.72 6.19 -9.41
CA LEU A 17 -8.39 5.11 -10.33
C LEU A 17 -8.23 3.79 -9.57
N LEU A 18 -7.25 3.75 -8.68
CA LEU A 18 -6.99 2.54 -7.90
C LEU A 18 -8.24 2.12 -7.12
N HIS A 19 -8.88 3.08 -6.46
CA HIS A 19 -10.07 2.80 -5.67
C HIS A 19 -11.17 2.23 -6.56
N ALA A 20 -11.28 2.75 -7.78
CA ALA A 20 -12.29 2.29 -8.73
C ALA A 20 -11.97 0.89 -9.23
N THR A 21 -10.73 0.69 -9.69
CA THR A 21 -10.30 -0.60 -10.20
C THR A 21 -10.63 -1.71 -9.21
N LEU A 22 -10.33 -1.48 -7.94
CA LEU A 22 -10.60 -2.47 -6.91
C LEU A 22 -12.08 -2.50 -6.54
N ALA A 23 -12.71 -1.33 -6.53
CA ALA A 23 -14.12 -1.21 -6.22
C ALA A 23 -14.96 -2.09 -7.12
N GLN A 24 -14.71 -2.01 -8.43
CA GLN A 24 -15.45 -2.80 -9.40
C GLN A 24 -15.25 -4.29 -9.15
N ALA A 25 -14.07 -4.65 -8.66
CA ALA A 25 -13.75 -6.04 -8.38
C ALA A 25 -14.59 -6.58 -7.23
N GLY A 26 -15.11 -5.66 -6.41
CA GLY A 26 -15.92 -6.06 -5.28
C GLY A 26 -15.25 -5.77 -3.95
N TYR A 27 -13.92 -5.85 -3.93
CA TYR A 27 -13.15 -5.58 -2.72
C TYR A 27 -13.54 -4.24 -2.11
N GLU A 28 -13.35 -4.13 -0.80
CA GLU A 28 -13.69 -2.89 -0.09
C GLU A 28 -12.42 -2.07 0.19
N VAL A 29 -12.19 -1.05 -0.62
CA VAL A 29 -11.02 -0.19 -0.45
C VAL A 29 -11.38 1.08 0.30
N THR A 30 -10.37 1.74 0.87
CA THR A 30 -10.58 2.97 1.61
C THR A 30 -9.40 3.92 1.44
N VAL A 31 -9.64 5.03 0.74
CA VAL A 31 -8.59 6.01 0.52
C VAL A 31 -8.67 7.14 1.54
N ALA A 32 -7.50 7.57 2.03
CA ALA A 32 -7.42 8.64 3.02
C ALA A 32 -6.98 9.95 2.38
N ALA A 33 -6.80 10.97 3.20
CA ALA A 33 -6.36 12.28 2.72
C ALA A 33 -4.85 12.37 2.67
N ASP A 34 -4.18 11.73 3.63
CA ASP A 34 -2.73 11.75 3.69
C ASP A 34 -2.19 10.40 4.18
N GLY A 35 -0.91 10.16 3.96
CA GLY A 35 -0.29 8.92 4.38
C GLY A 35 -0.37 8.73 5.89
N GLU A 36 -0.33 9.82 6.63
CA GLU A 36 -0.39 9.76 8.09
C GLU A 36 -1.77 9.28 8.55
N ALA A 37 -2.82 9.80 7.91
CA ALA A 37 -4.18 9.42 8.26
C ALA A 37 -4.50 8.00 7.81
N GLY A 38 -3.92 7.61 6.67
CA GLY A 38 -4.15 6.27 6.14
C GLY A 38 -3.43 5.21 6.93
N PHE A 39 -2.14 5.41 7.16
CA PHE A 39 -1.33 4.45 7.91
C PHE A 39 -1.81 4.35 9.35
N ASP A 40 -2.00 5.50 9.99
CA ASP A 40 -2.46 5.54 11.37
C ASP A 40 -3.71 4.69 11.56
N LEU A 41 -4.56 4.67 10.54
CA LEU A 41 -5.80 3.90 10.58
C LEU A 41 -5.55 2.45 10.16
N ALA A 42 -4.55 2.25 9.32
CA ALA A 42 -4.20 0.92 8.85
C ALA A 42 -3.72 0.04 10.00
N ALA A 43 -3.12 0.66 11.00
CA ALA A 43 -2.61 -0.07 12.16
C ALA A 43 -3.72 -0.28 13.20
N THR A 44 -4.65 0.65 13.26
CA THR A 44 -5.76 0.57 14.21
C THR A 44 -6.88 -0.32 13.68
N THR A 45 -6.99 -0.40 12.35
CA THR A 45 -8.02 -1.22 11.72
C THR A 45 -7.43 -2.52 11.19
N ALA A 46 -6.19 -2.47 10.72
CA ALA A 46 -5.52 -3.64 10.19
C ALA A 46 -6.21 -4.15 8.93
N TYR A 47 -5.76 -3.66 7.77
CA TYR A 47 -6.35 -4.06 6.50
C TYR A 47 -5.59 -5.24 5.90
N ASP A 48 -5.96 -5.62 4.68
CA ASP A 48 -5.31 -6.73 4.00
C ASP A 48 -4.20 -6.23 3.08
N LEU A 49 -4.41 -5.06 2.49
CA LEU A 49 -3.43 -4.46 1.59
C LEU A 49 -3.34 -2.96 1.80
N VAL A 50 -2.11 -2.45 1.90
CA VAL A 50 -1.88 -1.03 2.10
C VAL A 50 -1.06 -0.43 0.96
N LEU A 51 -1.49 0.73 0.47
CA LEU A 51 -0.79 1.40 -0.62
C LEU A 51 -0.40 2.82 -0.23
N THR A 52 0.90 3.08 -0.20
CA THR A 52 1.40 4.40 0.17
C THR A 52 2.20 5.02 -0.99
N ASP A 53 1.95 6.30 -1.24
CA ASP A 53 2.63 7.01 -2.32
C ASP A 53 3.54 8.10 -1.75
N GLN A 54 2.93 9.12 -1.16
CA GLN A 54 3.69 10.23 -0.59
C GLN A 54 4.75 9.72 0.38
N ASN A 55 5.75 10.55 0.65
CA ASN A 55 6.83 10.18 1.56
C ASN A 55 7.69 11.39 1.90
N MET A 56 8.09 11.50 3.16
CA MET A 56 8.93 12.61 3.61
C MET A 56 9.58 12.28 4.96
N PRO A 57 10.65 13.02 5.28
CA PRO A 57 11.38 12.83 6.54
C PRO A 57 10.58 13.29 7.75
N ARG A 58 9.84 12.36 8.35
CA ARG A 58 9.02 12.67 9.52
C ARG A 58 9.25 11.65 10.63
N LYS A 59 8.57 11.83 11.76
CA LYS A 59 8.71 10.92 12.89
C LYS A 59 7.41 10.15 13.12
N SER A 60 6.28 10.83 12.94
CA SER A 60 4.98 10.21 13.14
C SER A 60 4.24 10.07 11.81
N GLY A 61 4.69 9.12 10.99
CA GLY A 61 4.06 8.90 9.70
C GLY A 61 4.41 7.55 9.11
N LEU A 62 4.99 7.56 7.91
CA LEU A 62 5.37 6.32 7.23
C LEU A 62 6.29 5.48 8.11
N GLU A 63 7.01 6.15 9.02
CA GLU A 63 7.93 5.47 9.92
C GLU A 63 7.23 4.30 10.62
N LEU A 64 5.92 4.40 10.78
CA LEU A 64 5.14 3.37 11.43
C LEU A 64 5.46 1.99 10.83
N ILE A 65 5.84 1.98 9.56
CA ILE A 65 6.17 0.73 8.87
C ILE A 65 7.11 -0.12 9.72
N ALA A 66 8.00 0.54 10.46
CA ALA A 66 8.95 -0.16 11.32
C ALA A 66 8.23 -1.01 12.36
N ALA A 67 7.21 -0.43 12.99
CA ALA A 67 6.44 -1.13 14.00
C ALA A 67 5.62 -2.27 13.39
N LEU A 68 4.98 -1.98 12.26
CA LEU A 68 4.17 -2.98 11.57
C LEU A 68 5.03 -4.12 11.06
N ARG A 69 6.26 -3.80 10.67
CA ARG A 69 7.19 -4.80 10.16
C ARG A 69 7.63 -5.75 11.27
N GLN A 70 8.02 -5.18 12.41
CA GLN A 70 8.47 -5.99 13.53
C GLN A 70 7.32 -6.80 14.12
N LEU A 71 6.13 -6.22 14.10
CA LEU A 71 4.94 -6.90 14.63
C LEU A 71 4.62 -8.14 13.81
N SER A 72 4.02 -9.13 14.47
CA SER A 72 3.65 -10.38 13.82
C SER A 72 2.20 -10.34 13.34
N ALA A 73 1.75 -9.16 12.92
CA ALA A 73 0.38 -8.99 12.45
C ALA A 73 0.37 -8.38 11.05
N TYR A 74 1.34 -7.54 10.75
CA TYR A 74 1.44 -6.88 9.46
C TYR A 74 2.63 -7.42 8.67
N ALA A 75 3.61 -7.95 9.39
CA ALA A 75 4.81 -8.49 8.76
C ALA A 75 4.45 -9.40 7.59
N ASP A 76 3.40 -10.19 7.76
CA ASP A 76 2.95 -11.10 6.72
C ASP A 76 2.18 -10.37 5.64
N THR A 77 1.44 -9.34 6.05
CA THR A 77 0.64 -8.55 5.11
C THR A 77 1.51 -7.93 4.03
N PRO A 78 1.08 -8.05 2.78
CA PRO A 78 1.82 -7.51 1.63
C PRO A 78 1.78 -5.98 1.59
N ILE A 79 2.96 -5.37 1.57
CA ILE A 79 3.05 -3.91 1.54
C ILE A 79 3.65 -3.43 0.22
N LEU A 80 2.93 -2.53 -0.46
CA LEU A 80 3.40 -1.99 -1.74
C LEU A 80 3.49 -0.47 -1.68
N VAL A 81 4.71 0.04 -1.79
CA VAL A 81 4.94 1.48 -1.76
C VAL A 81 5.24 2.02 -3.16
N LEU A 82 4.82 3.26 -3.40
CA LEU A 82 5.04 3.90 -4.70
C LEU A 82 6.21 4.86 -4.64
N THR A 83 6.88 5.04 -5.77
CA THR A 83 8.02 5.94 -5.85
C THR A 83 7.90 6.89 -7.04
N THR A 84 8.67 7.97 -7.02
CA THR A 84 8.65 8.95 -8.10
C THR A 84 9.90 8.85 -8.96
N GLU A 85 11.05 8.67 -8.31
CA GLU A 85 12.32 8.57 -9.00
C GLU A 85 12.48 7.18 -9.64
N GLY A 86 12.62 6.17 -8.78
CA GLY A 86 12.78 4.81 -9.28
C GLY A 86 14.24 4.39 -9.36
N SER A 87 15.05 4.88 -8.44
CA SER A 87 16.47 4.57 -8.42
C SER A 87 16.75 3.38 -7.50
N ASP A 88 18.00 2.94 -7.46
CA ASP A 88 18.39 1.82 -6.63
C ASP A 88 18.48 2.23 -5.16
N ALA A 89 18.95 3.45 -4.92
CA ALA A 89 19.07 3.96 -3.57
C ALA A 89 17.73 3.98 -2.85
N PHE A 90 16.67 4.29 -3.59
CA PHE A 90 15.32 4.33 -3.03
C PHE A 90 14.90 2.96 -2.51
N LYS A 91 15.23 1.92 -3.27
CA LYS A 91 14.89 0.56 -2.90
C LYS A 91 15.35 0.25 -1.48
N ALA A 92 16.51 0.81 -1.11
CA ALA A 92 17.06 0.59 0.22
C ALA A 92 16.13 1.14 1.31
N ALA A 93 15.43 2.22 0.99
CA ALA A 93 14.50 2.84 1.93
C ALA A 93 13.31 1.92 2.20
N ALA A 94 12.55 1.63 1.15
CA ALA A 94 11.38 0.77 1.28
C ALA A 94 11.74 -0.54 1.98
N ARG A 95 12.90 -1.09 1.65
CA ARG A 95 13.37 -2.34 2.25
C ARG A 95 13.79 -2.12 3.69
N ASP A 96 14.40 -0.96 3.96
CA ASP A 96 14.86 -0.63 5.30
C ASP A 96 13.68 -0.51 6.26
N ALA A 97 12.63 0.17 5.82
CA ALA A 97 11.44 0.37 6.64
C ALA A 97 10.77 -0.97 6.96
N GLY A 98 10.77 -1.88 5.99
CA GLY A 98 10.17 -3.18 6.18
C GLY A 98 9.02 -3.43 5.22
N ALA A 99 9.13 -2.89 4.01
CA ALA A 99 8.10 -3.06 3.00
C ALA A 99 8.43 -4.21 2.06
N THR A 100 7.42 -4.99 1.70
CA THR A 100 7.60 -6.13 0.82
C THR A 100 8.16 -5.69 -0.53
N GLY A 101 7.33 -5.01 -1.32
CA GLY A 101 7.75 -4.54 -2.63
C GLY A 101 7.36 -3.10 -2.88
N TRP A 102 7.85 -2.54 -3.99
CA TRP A 102 7.54 -1.16 -4.34
C TRP A 102 7.29 -1.03 -5.84
N ILE A 103 6.74 0.11 -6.25
CA ILE A 103 6.45 0.35 -7.65
C ILE A 103 6.66 1.83 -8.00
N GLU A 104 6.79 2.10 -9.30
CA GLU A 104 7.00 3.46 -9.76
C GLU A 104 5.78 3.99 -10.51
N LYS A 105 5.03 4.87 -9.86
CA LYS A 105 3.83 5.44 -10.46
C LYS A 105 4.14 6.08 -11.81
N PRO A 106 3.10 6.27 -12.63
CA PRO A 106 1.73 5.89 -12.27
C PRO A 106 1.54 4.37 -12.22
N ILE A 107 0.37 3.95 -11.75
CA ILE A 107 0.06 2.54 -11.66
C ILE A 107 -1.11 2.16 -12.56
N ASP A 108 -1.06 0.96 -13.13
CA ASP A 108 -2.11 0.48 -14.01
C ASP A 108 -3.13 -0.37 -13.23
N PRO A 109 -4.35 -0.46 -13.77
CA PRO A 109 -5.43 -1.24 -13.15
C PRO A 109 -5.18 -2.74 -13.22
N GLY A 110 -4.52 -3.18 -14.29
CA GLY A 110 -4.23 -4.59 -14.45
C GLY A 110 -3.16 -5.08 -13.49
N VAL A 111 -2.16 -4.23 -13.24
CA VAL A 111 -1.08 -4.59 -12.34
C VAL A 111 -1.53 -4.51 -10.88
N LEU A 112 -2.28 -3.46 -10.55
CA LEU A 112 -2.78 -3.27 -9.19
C LEU A 112 -3.66 -4.43 -8.77
N VAL A 113 -4.68 -4.72 -9.58
CA VAL A 113 -5.60 -5.81 -9.28
C VAL A 113 -4.86 -7.15 -9.21
N GLU A 114 -4.00 -7.40 -10.18
CA GLU A 114 -3.23 -8.63 -10.22
C GLU A 114 -2.46 -8.83 -8.92
N LEU A 115 -1.93 -7.74 -8.38
CA LEU A 115 -1.16 -7.81 -7.14
C LEU A 115 -2.04 -8.27 -5.98
N VAL A 116 -3.31 -7.89 -6.02
CA VAL A 116 -4.26 -8.28 -4.97
C VAL A 116 -4.82 -9.67 -5.23
N ALA A 117 -4.99 -10.02 -6.50
CA ALA A 117 -5.51 -11.32 -6.88
C ALA A 117 -4.74 -12.44 -6.19
N THR A 118 -3.42 -12.44 -6.36
CA THR A 118 -2.58 -13.47 -5.75
C THR A 118 -2.86 -13.59 -4.26
N LEU A 119 -3.20 -12.48 -3.62
CA LEU A 119 -3.49 -12.47 -2.20
C LEU A 119 -4.88 -13.03 -1.92
N SER A 120 -5.87 -12.56 -2.69
CA SER A 120 -7.24 -13.02 -2.54
C SER A 120 -7.35 -14.52 -2.77
N GLU A 121 -6.81 -14.98 -3.88
CA GLU A 121 -6.84 -16.40 -4.22
C GLU A 121 -5.45 -16.91 -4.57
N PRO A 122 -5.23 -18.22 -4.37
CA PRO A 122 -3.94 -18.86 -4.66
C PRO A 122 -3.66 -18.95 -6.15
N ALA A 123 -2.60 -19.67 -6.50
CA ALA A 123 -2.23 -19.84 -7.91
C ALA A 123 -3.38 -20.40 -8.72
N ALA A 124 -3.60 -19.86 -9.91
CA ALA A 124 -4.67 -20.30 -10.78
C ALA A 124 -4.51 -19.71 -12.19
N ASN A 125 -3.39 -20.01 -12.83
CA ASN A 125 -3.12 -19.52 -14.17
C ASN A 125 -4.04 -20.18 -15.20
#